data_3B6N
# 
_entry.id   3B6N 
# 
_audit_conform.dict_name       mmcif_pdbx.dic 
_audit_conform.dict_version    5.377 
_audit_conform.dict_location   http://mmcif.pdb.org/dictionaries/ascii/mmcif_pdbx.dic 
# 
loop_
_database_2.database_id 
_database_2.database_code 
_database_2.pdbx_database_accession 
_database_2.pdbx_DOI 
PDB   3B6N         pdb_00003b6n 10.2210/pdb3b6n/pdb 
RCSB  RCSB045144   ?            ?                   
WWPDB D_1000045144 ?            ?                   
# 
_pdbx_database_status.entry_id                        3B6N 
_pdbx_database_status.deposit_site                    RCSB 
_pdbx_database_status.process_site                    RCSB 
_pdbx_database_status.recvd_initial_deposition_date   2007-10-29 
_pdbx_database_status.status_code                     REL 
_pdbx_database_status.status_code_sf                  REL 
_pdbx_database_status.status_code_mr                  ? 
_pdbx_database_status.SG_entry                        Y 
_pdbx_database_status.pdb_format_compatible           Y 
_pdbx_database_status.status_code_cs                  ? 
_pdbx_database_status.methods_development_category    ? 
_pdbx_database_status.status_code_nmr_data            ? 
# 
loop_
_audit_author.name 
_audit_author.pdbx_ordinal 
'Wernimont, A.K.'                      1  
'Lew, J.'                              2  
'Kozieradzki, I.'                      3  
'Lin, Y.H.'                            4  
'Sun, X.'                              5  
'Khuu, C.'                             6  
'Zhao, Y.'                             7  
'Schapira, M.'                         8  
'Arrowsmith, C.H.'                     9  
'Edwards, A.M.'                        10 
'Weigelt, J.'                          11 
'Bochkarev, A.'                        12 
'Hui, R.'                              13 
'Artz, J.D.'                           14 
'Xiao, T.'                             15 
'Structural Genomics Consortium (SGC)' 16 
# 
_citation.id                        primary 
_citation.title                     
'Crystal structure of 2C-methyl-D-erythritol 2,4-cyclodiphosphate synthase PV003920 from Plasmodium vivax.' 
_citation.journal_abbrev            'To be Published' 
_citation.journal_volume            ? 
_citation.page_first                ? 
_citation.page_last                 ? 
_citation.year                      ? 
_citation.journal_id_ASTM           ? 
_citation.country                   ? 
_citation.journal_id_ISSN           ? 
_citation.journal_id_CSD            0353 
_citation.book_publisher            ? 
_citation.pdbx_database_id_PubMed   ? 
_citation.pdbx_database_id_DOI      ? 
# 
loop_
_citation_author.citation_id 
_citation_author.name 
_citation_author.ordinal 
_citation_author.identifier_ORCID 
primary 'Wernimont, A.K.'  1  ? 
primary 'Lew, J.'          2  ? 
primary 'Kozieradzki, I.'  3  ? 
primary 'Lin, Y.H.'        4  ? 
primary 'Sun, X.'          5  ? 
primary 'Khuu, C.'         6  ? 
primary 'Zhao, Y.'         7  ? 
primary 'Schapira, M.'     8  ? 
primary 'Arrowsmith, C.H.' 9  ? 
primary 'Edwards, A.M.'    10 ? 
primary 'Weigelt, J.'      11 ? 
primary 'Bochkarev, A.'    12 ? 
primary 'Hui, R.'          13 ? 
primary 'Artz, J.D.'       14 ? 
primary 'Xiao, T.'         15 ? 
# 
_cell.entry_id           3B6N 
_cell.length_a           79.661 
_cell.length_b           79.661 
_cell.length_c           79.661 
_cell.angle_alpha        90.00 
_cell.angle_beta         90.00 
_cell.angle_gamma        90.00 
_cell.Z_PDB              12 
_cell.pdbx_unique_axis   ? 
_cell.length_a_esd       ? 
_cell.length_b_esd       ? 
_cell.length_c_esd       ? 
_cell.angle_alpha_esd    ? 
_cell.angle_beta_esd     ? 
_cell.angle_gamma_esd    ? 
# 
_symmetry.entry_id                         3B6N 
_symmetry.space_group_name_H-M             'P 21 3' 
_symmetry.pdbx_full_space_group_name_H-M   ? 
_symmetry.cell_setting                     ? 
_symmetry.Int_Tables_number                198 
_symmetry.space_group_name_Hall            ? 
# 
loop_
_entity.id 
_entity.type 
_entity.src_method 
_entity.pdbx_description 
_entity.formula_weight 
_entity.pdbx_number_of_molecules 
_entity.pdbx_ec 
_entity.pdbx_mutation 
_entity.pdbx_fragment 
_entity.details 
1 polymer     man '2-C-methyl-D-erythritol 2,4-cyclodiphosphate synthase' 20215.066 1  4.6.1.12 ? 'Residues 102-287' ? 
2 non-polymer syn 'ZINC ION'                                              65.409    1  ?        ? ?                  ? 
3 water       nat water                                                   18.015    40 ?        ? ?                  ? 
# 
_entity_poly.entity_id                      1 
_entity_poly.type                           'polypeptide(L)' 
_entity_poly.nstd_linkage                   no 
_entity_poly.nstd_monomer                   no 
_entity_poly.pdbx_seq_one_letter_code       
;GYDGVRIGQGYDIHQIRVGPPEDIVADTTADTAANTADPNKQSFKRLTIGGVPVETISVLSHSDGDVIFHALVDALLGGM
SCSDLGTLFPDGSPKYKNKNSLSFLRYARLLLYKRNYAIANVDIIVIAEVPKISPIREEIVRNISSALGISESQVSLKGK
THEQLGPVGQKKAIECFANALLIRKQS
;
_entity_poly.pdbx_seq_one_letter_code_can   
;GYDGVRIGQGYDIHQIRVGPPEDIVADTTADTAANTADPNKQSFKRLTIGGVPVETISVLSHSDGDVIFHALVDALLGGM
SCSDLGTLFPDGSPKYKNKNSLSFLRYARLLLYKRNYAIANVDIIVIAEVPKISPIREEIVRNISSALGISESQVSLKGK
THEQLGPVGQKKAIECFANALLIRKQS
;
_entity_poly.pdbx_strand_id                 A 
_entity_poly.pdbx_target_identifier         ? 
# 
loop_
_entity_poly_seq.entity_id 
_entity_poly_seq.num 
_entity_poly_seq.mon_id 
_entity_poly_seq.hetero 
1 1   GLY n 
1 2   TYR n 
1 3   ASP n 
1 4   GLY n 
1 5   VAL n 
1 6   ARG n 
1 7   ILE n 
1 8   GLY n 
1 9   GLN n 
1 10  GLY n 
1 11  TYR n 
1 12  ASP n 
1 13  ILE n 
1 14  HIS n 
1 15  GLN n 
1 16  ILE n 
1 17  ARG n 
1 18  VAL n 
1 19  GLY n 
1 20  PRO n 
1 21  PRO n 
1 22  GLU n 
1 23  ASP n 
1 24  ILE n 
1 25  VAL n 
1 26  ALA n 
1 27  ASP n 
1 28  THR n 
1 29  THR n 
1 30  ALA n 
1 31  ASP n 
1 32  THR n 
1 33  ALA n 
1 34  ALA n 
1 35  ASN n 
1 36  THR n 
1 37  ALA n 
1 38  ASP n 
1 39  PRO n 
1 40  ASN n 
1 41  LYS n 
1 42  GLN n 
1 43  SER n 
1 44  PHE n 
1 45  LYS n 
1 46  ARG n 
1 47  LEU n 
1 48  THR n 
1 49  ILE n 
1 50  GLY n 
1 51  GLY n 
1 52  VAL n 
1 53  PRO n 
1 54  VAL n 
1 55  GLU n 
1 56  THR n 
1 57  ILE n 
1 58  SER n 
1 59  VAL n 
1 60  LEU n 
1 61  SER n 
1 62  HIS n 
1 63  SER n 
1 64  ASP n 
1 65  GLY n 
1 66  ASP n 
1 67  VAL n 
1 68  ILE n 
1 69  PHE n 
1 70  HIS n 
1 71  ALA n 
1 72  LEU n 
1 73  VAL n 
1 74  ASP n 
1 75  ALA n 
1 76  LEU n 
1 77  LEU n 
1 78  GLY n 
1 79  GLY n 
1 80  MET n 
1 81  SER n 
1 82  CYS n 
1 83  SER n 
1 84  ASP n 
1 85  LEU n 
1 86  GLY n 
1 87  THR n 
1 88  LEU n 
1 89  PHE n 
1 90  PRO n 
1 91  ASP n 
1 92  GLY n 
1 93  SER n 
1 94  PRO n 
1 95  LYS n 
1 96  TYR n 
1 97  LYS n 
1 98  ASN n 
1 99  LYS n 
1 100 ASN n 
1 101 SER n 
1 102 LEU n 
1 103 SER n 
1 104 PHE n 
1 105 LEU n 
1 106 ARG n 
1 107 TYR n 
1 108 ALA n 
1 109 ARG n 
1 110 LEU n 
1 111 LEU n 
1 112 LEU n 
1 113 TYR n 
1 114 LYS n 
1 115 ARG n 
1 116 ASN n 
1 117 TYR n 
1 118 ALA n 
1 119 ILE n 
1 120 ALA n 
1 121 ASN n 
1 122 VAL n 
1 123 ASP n 
1 124 ILE n 
1 125 ILE n 
1 126 VAL n 
1 127 ILE n 
1 128 ALA n 
1 129 GLU n 
1 130 VAL n 
1 131 PRO n 
1 132 LYS n 
1 133 ILE n 
1 134 SER n 
1 135 PRO n 
1 136 ILE n 
1 137 ARG n 
1 138 GLU n 
1 139 GLU n 
1 140 ILE n 
1 141 VAL n 
1 142 ARG n 
1 143 ASN n 
1 144 ILE n 
1 145 SER n 
1 146 SER n 
1 147 ALA n 
1 148 LEU n 
1 149 GLY n 
1 150 ILE n 
1 151 SER n 
1 152 GLU n 
1 153 SER n 
1 154 GLN n 
1 155 VAL n 
1 156 SER n 
1 157 LEU n 
1 158 LYS n 
1 159 GLY n 
1 160 LYS n 
1 161 THR n 
1 162 HIS n 
1 163 GLU n 
1 164 GLN n 
1 165 LEU n 
1 166 GLY n 
1 167 PRO n 
1 168 VAL n 
1 169 GLY n 
1 170 GLN n 
1 171 LYS n 
1 172 LYS n 
1 173 ALA n 
1 174 ILE n 
1 175 GLU n 
1 176 CYS n 
1 177 PHE n 
1 178 ALA n 
1 179 ASN n 
1 180 ALA n 
1 181 LEU n 
1 182 LEU n 
1 183 ILE n 
1 184 ARG n 
1 185 LYS n 
1 186 GLN n 
1 187 SER n 
# 
_entity_src_gen.entity_id                          1 
_entity_src_gen.pdbx_src_id                        1 
_entity_src_gen.pdbx_alt_source_flag               sample 
_entity_src_gen.pdbx_seq_type                      ? 
_entity_src_gen.pdbx_beg_seq_num                   ? 
_entity_src_gen.pdbx_end_seq_num                   ? 
_entity_src_gen.gene_src_common_name               ? 
_entity_src_gen.gene_src_genus                     Plasmodium 
_entity_src_gen.pdbx_gene_src_gene                 'PV003920, PVX_003920' 
_entity_src_gen.gene_src_species                   'Plasmodium vivax' 
_entity_src_gen.gene_src_strain                    'Salvador I' 
_entity_src_gen.gene_src_tissue                    ? 
_entity_src_gen.gene_src_tissue_fraction           ? 
_entity_src_gen.gene_src_details                   ? 
_entity_src_gen.pdbx_gene_src_fragment             ? 
_entity_src_gen.pdbx_gene_src_scientific_name      'Plasmodium vivax SaI-1' 
_entity_src_gen.pdbx_gene_src_ncbi_taxonomy_id     126793 
_entity_src_gen.pdbx_gene_src_variant              ? 
_entity_src_gen.pdbx_gene_src_cell_line            ? 
_entity_src_gen.pdbx_gene_src_atcc                 ? 
_entity_src_gen.pdbx_gene_src_organ                ? 
_entity_src_gen.pdbx_gene_src_organelle            ? 
_entity_src_gen.pdbx_gene_src_cell                 ? 
_entity_src_gen.pdbx_gene_src_cellular_location    ? 
_entity_src_gen.host_org_common_name               ? 
_entity_src_gen.pdbx_host_org_scientific_name      'Escherichia coli' 
_entity_src_gen.pdbx_host_org_ncbi_taxonomy_id     562 
_entity_src_gen.host_org_genus                     Escherichia 
_entity_src_gen.pdbx_host_org_gene                 ? 
_entity_src_gen.pdbx_host_org_organ                ? 
_entity_src_gen.host_org_species                   ? 
_entity_src_gen.pdbx_host_org_tissue               ? 
_entity_src_gen.pdbx_host_org_tissue_fraction      ? 
_entity_src_gen.pdbx_host_org_strain               DH5a 
_entity_src_gen.pdbx_host_org_variant              ? 
_entity_src_gen.pdbx_host_org_cell_line            ? 
_entity_src_gen.pdbx_host_org_atcc                 ? 
_entity_src_gen.pdbx_host_org_culture_collection   ? 
_entity_src_gen.pdbx_host_org_cell                 ? 
_entity_src_gen.pdbx_host_org_organelle            ? 
_entity_src_gen.pdbx_host_org_cellular_location    ? 
_entity_src_gen.pdbx_host_org_vector_type          Plasmid 
_entity_src_gen.pdbx_host_org_vector               ? 
_entity_src_gen.host_org_details                   ? 
_entity_src_gen.expression_system_id               ? 
_entity_src_gen.plasmid_name                       p15-mhl-LIC 
_entity_src_gen.plasmid_details                    ? 
_entity_src_gen.pdbx_description                   ? 
# 
_struct_ref.id                         1 
_struct_ref.db_name                    UNP 
_struct_ref.db_code                    A5KBP6_PLAVI 
_struct_ref.pdbx_db_accession          A5KBP6 
_struct_ref.entity_id                  1 
_struct_ref.pdbx_seq_one_letter_code   
;YDGVRIGQGYDIHQIRVGPPEDIVADTTADTAANTADPNKQSFKRLTIGGVPVETISVLSHSDGDVIFHALVDALLGGMS
CSDLGTLFPDGSPKYKNKNSLSFLRYARLLLYKRNYAIANVDIIVIAEVPKISPIREEIVRNISSALGISESQVSLKGKT
HEQLGPVGQKKAIECFANALLIRKQS
;
_struct_ref.pdbx_align_begin           102 
_struct_ref.pdbx_db_isoform            ? 
# 
_struct_ref_seq.align_id                      1 
_struct_ref_seq.ref_id                        1 
_struct_ref_seq.pdbx_PDB_id_code              3B6N 
_struct_ref_seq.pdbx_strand_id                A 
_struct_ref_seq.seq_align_beg                 2 
_struct_ref_seq.pdbx_seq_align_beg_ins_code   ? 
_struct_ref_seq.seq_align_end                 187 
_struct_ref_seq.pdbx_seq_align_end_ins_code   ? 
_struct_ref_seq.pdbx_db_accession             A5KBP6 
_struct_ref_seq.db_align_beg                  102 
_struct_ref_seq.pdbx_db_align_beg_ins_code    ? 
_struct_ref_seq.db_align_end                  287 
_struct_ref_seq.pdbx_db_align_end_ins_code    ? 
_struct_ref_seq.pdbx_auth_seq_align_beg       2 
_struct_ref_seq.pdbx_auth_seq_align_end       187 
# 
_struct_ref_seq_dif.align_id                     1 
_struct_ref_seq_dif.pdbx_pdb_id_code             3B6N 
_struct_ref_seq_dif.mon_id                       GLY 
_struct_ref_seq_dif.pdbx_pdb_strand_id           A 
_struct_ref_seq_dif.seq_num                      1 
_struct_ref_seq_dif.pdbx_pdb_ins_code            ? 
_struct_ref_seq_dif.pdbx_seq_db_name             UNP 
_struct_ref_seq_dif.pdbx_seq_db_accession_code   A5KBP6 
_struct_ref_seq_dif.db_mon_id                    ? 
_struct_ref_seq_dif.pdbx_seq_db_seq_num          ? 
_struct_ref_seq_dif.details                      'expression tag' 
_struct_ref_seq_dif.pdbx_auth_seq_num            1 
_struct_ref_seq_dif.pdbx_ordinal                 1 
# 
loop_
_chem_comp.id 
_chem_comp.type 
_chem_comp.mon_nstd_flag 
_chem_comp.name 
_chem_comp.pdbx_synonyms 
_chem_comp.formula 
_chem_comp.formula_weight 
ALA 'L-peptide linking' y ALANINE         ? 'C3 H7 N O2'     89.093  
ARG 'L-peptide linking' y ARGININE        ? 'C6 H15 N4 O2 1' 175.209 
ASN 'L-peptide linking' y ASPARAGINE      ? 'C4 H8 N2 O3'    132.118 
ASP 'L-peptide linking' y 'ASPARTIC ACID' ? 'C4 H7 N O4'     133.103 
CYS 'L-peptide linking' y CYSTEINE        ? 'C3 H7 N O2 S'   121.158 
GLN 'L-peptide linking' y GLUTAMINE       ? 'C5 H10 N2 O3'   146.144 
GLU 'L-peptide linking' y 'GLUTAMIC ACID' ? 'C5 H9 N O4'     147.129 
GLY 'peptide linking'   y GLYCINE         ? 'C2 H5 N O2'     75.067  
HIS 'L-peptide linking' y HISTIDINE       ? 'C6 H10 N3 O2 1' 156.162 
HOH non-polymer         . WATER           ? 'H2 O'           18.015  
ILE 'L-peptide linking' y ISOLEUCINE      ? 'C6 H13 N O2'    131.173 
LEU 'L-peptide linking' y LEUCINE         ? 'C6 H13 N O2'    131.173 
LYS 'L-peptide linking' y LYSINE          ? 'C6 H15 N2 O2 1' 147.195 
MET 'L-peptide linking' y METHIONINE      ? 'C5 H11 N O2 S'  149.211 
PHE 'L-peptide linking' y PHENYLALANINE   ? 'C9 H11 N O2'    165.189 
PRO 'L-peptide linking' y PROLINE         ? 'C5 H9 N O2'     115.130 
SER 'L-peptide linking' y SERINE          ? 'C3 H7 N O3'     105.093 
THR 'L-peptide linking' y THREONINE       ? 'C4 H9 N O3'     119.119 
TYR 'L-peptide linking' y TYROSINE        ? 'C9 H11 N O3'    181.189 
VAL 'L-peptide linking' y VALINE          ? 'C5 H11 N O2'    117.146 
ZN  non-polymer         . 'ZINC ION'      ? 'Zn 2'           65.409  
# 
_exptl.entry_id          3B6N 
_exptl.method            'X-RAY DIFFRACTION' 
_exptl.crystals_number   1 
# 
_exptl_crystal.id                    1 
_exptl_crystal.density_meas          ? 
_exptl_crystal.density_Matthews      2.08 
_exptl_crystal.density_percent_sol   40.98 
_exptl_crystal.description           ? 
_exptl_crystal.F_000                 ? 
_exptl_crystal.preparation           ? 
# 
_exptl_crystal_grow.crystal_id      1 
_exptl_crystal_grow.method          'VAPOR DIFFUSION, HANGING DROP' 
_exptl_crystal_grow.temp            293 
_exptl_crystal_grow.temp_details    ? 
_exptl_crystal_grow.pH              3.5 
_exptl_crystal_grow.pdbx_details    
'25% PEG 3350, 0.1 M Citric acid pH 3.5, 2 mM ZnCl2, VAPOR DIFFUSION, HANGING DROP, temperature 293K' 
_exptl_crystal_grow.pdbx_pH_range   . 
# 
_diffrn.id                     1 
_diffrn.ambient_temp           100 
_diffrn.ambient_temp_details   ? 
_diffrn.crystal_id             1 
# 
_diffrn_detector.diffrn_id              1 
_diffrn_detector.detector               'IMAGE PLATE' 
_diffrn_detector.type                   'RIGAKU RAXIS IV' 
_diffrn_detector.pdbx_collection_date   2007-05-30 
_diffrn_detector.details                ? 
# 
_diffrn_radiation.diffrn_id                        1 
_diffrn_radiation.wavelength_id                    1 
_diffrn_radiation.pdbx_monochromatic_or_laue_m_l   M 
_diffrn_radiation.monochromator                    ? 
_diffrn_radiation.pdbx_diffrn_protocol             'SINGLE WAVELENGTH' 
_diffrn_radiation.pdbx_scattering_type             x-ray 
# 
_diffrn_radiation_wavelength.id           1 
_diffrn_radiation_wavelength.wavelength   1.5418 
_diffrn_radiation_wavelength.wt           1.0 
# 
_diffrn_source.diffrn_id                   1 
_diffrn_source.source                      'ROTATING ANODE' 
_diffrn_source.type                        'RIGAKU FR-E+ DW' 
_diffrn_source.pdbx_synchrotron_site       ? 
_diffrn_source.pdbx_synchrotron_beamline   ? 
_diffrn_source.pdbx_wavelength             ? 
_diffrn_source.pdbx_wavelength_list        1.5418 
# 
_reflns.entry_id                     3B6N 
_reflns.observed_criterion_sigma_I   0 
_reflns.observed_criterion_sigma_F   0 
_reflns.d_resolution_low             50.000 
_reflns.d_resolution_high            2.260 
_reflns.number_obs                   8156 
_reflns.number_all                   8156 
_reflns.percent_possible_obs         100.000 
_reflns.pdbx_Rmerge_I_obs            0.105 
_reflns.pdbx_Rsym_value              0.070 
_reflns.pdbx_netI_over_sigmaI        8.900 
_reflns.B_iso_Wilson_estimate        53.20 
_reflns.pdbx_redundancy              18.300 
_reflns.R_free_details               ? 
_reflns.limit_h_max                  ? 
_reflns.limit_h_min                  ? 
_reflns.limit_k_max                  ? 
_reflns.limit_k_min                  ? 
_reflns.limit_l_max                  ? 
_reflns.limit_l_min                  ? 
_reflns.observed_criterion_F_max     ? 
_reflns.observed_criterion_F_min     ? 
_reflns.pdbx_chi_squared             ? 
_reflns.pdbx_scaling_rejects         ? 
_reflns.pdbx_diffrn_id               1 
_reflns.pdbx_ordinal                 1 
# 
_reflns_shell.d_res_high             2.26 
_reflns_shell.d_res_low              2.34 
_reflns_shell.percent_possible_all   99.90 
_reflns_shell.Rmerge_I_obs           0.8958 
_reflns_shell.pdbx_Rsym_value        0.7177 
_reflns_shell.meanI_over_sigI_obs    1.57 
_reflns_shell.pdbx_redundancy        6.80 
_reflns_shell.percent_possible_obs   ? 
_reflns_shell.number_unique_all      ? 
_reflns_shell.number_measured_all    ? 
_reflns_shell.number_measured_obs    ? 
_reflns_shell.number_unique_obs      ? 
_reflns_shell.pdbx_chi_squared       ? 
_reflns_shell.pdbx_diffrn_id         ? 
_reflns_shell.pdbx_ordinal           1 
# 
_refine.entry_id                                 3B6N 
_refine.ls_number_reflns_obs                     8156 
_refine.ls_number_reflns_all                     8159 
_refine.pdbx_ls_sigma_I                          ? 
_refine.pdbx_ls_sigma_F                          ? 
_refine.pdbx_data_cutoff_high_absF               ? 
_refine.pdbx_data_cutoff_low_absF                ? 
_refine.pdbx_data_cutoff_high_rms_absF           ? 
_refine.ls_d_res_low                             39.84 
_refine.ls_d_res_high                            2.26 
_refine.ls_percent_reflns_obs                    99.96 
_refine.ls_R_factor_obs                          0.20664 
_refine.ls_R_factor_all                          ? 
_refine.ls_R_factor_R_work                       0.20405 
_refine.ls_R_factor_R_free                       0.25746 
_refine.ls_R_factor_R_free_error                 ? 
_refine.ls_R_factor_R_free_error_details         ? 
_refine.ls_percent_reflns_R_free                 4.6 
_refine.ls_number_reflns_R_free                  376 
_refine.ls_number_parameters                     ? 
_refine.ls_number_restraints                     ? 
_refine.occupancy_min                            ? 
_refine.occupancy_max                            ? 
_refine.correlation_coeff_Fo_to_Fc               0.949 
_refine.correlation_coeff_Fo_to_Fc_free          0.920 
_refine.B_iso_mean                               45.102 
_refine.aniso_B[1][1]                            ? 
_refine.aniso_B[2][2]                            ? 
_refine.aniso_B[3][3]                            ? 
_refine.aniso_B[1][2]                            ? 
_refine.aniso_B[1][3]                            ? 
_refine.aniso_B[2][3]                            ? 
_refine.solvent_model_details                    MASK 
_refine.solvent_model_param_ksol                 ? 
_refine.solvent_model_param_bsol                 ? 
_refine.pdbx_solvent_vdw_probe_radii             1.40 
_refine.pdbx_solvent_ion_probe_radii             0.80 
_refine.pdbx_solvent_shrinkage_radii             0.80 
_refine.pdbx_ls_cross_valid_method               THROUGHOUT 
_refine.details                                  'HYDROGENS HAVE BEEN ADDED IN THE RIDING POSITIONS' 
_refine.pdbx_starting_model                      'PDB entry 1VH8' 
_refine.pdbx_method_to_determine_struct          'MOLECULAR REPLACEMENT' 
_refine.pdbx_isotropic_thermal_model             ? 
_refine.pdbx_stereochemistry_target_values       'MAXIMUM LIKELIHOOD' 
_refine.pdbx_stereochem_target_val_spec_case     ? 
_refine.pdbx_R_Free_selection_details            RANDOM 
_refine.pdbx_overall_ESU_R                       0.291 
_refine.pdbx_overall_ESU_R_Free                  0.230 
_refine.overall_SU_ML                            0.182 
_refine.overall_SU_B                             7.221 
_refine.ls_redundancy_reflns_obs                 ? 
_refine.B_iso_min                                ? 
_refine.B_iso_max                                ? 
_refine.overall_SU_R_Cruickshank_DPI             ? 
_refine.overall_SU_R_free                        ? 
_refine.ls_wR_factor_R_free                      ? 
_refine.ls_wR_factor_R_work                      ? 
_refine.overall_FOM_free_R_set                   ? 
_refine.overall_FOM_work_R_set                   ? 
_refine.pdbx_refine_id                           'X-RAY DIFFRACTION' 
_refine.pdbx_diffrn_id                           1 
_refine.pdbx_TLS_residual_ADP_flag               ? 
_refine.pdbx_overall_phase_error                 ? 
_refine.pdbx_overall_SU_R_free_Cruickshank_DPI   ? 
_refine.pdbx_overall_SU_R_Blow_DPI               ? 
_refine.pdbx_overall_SU_R_free_Blow_DPI          ? 
# 
_refine_hist.pdbx_refine_id                   'X-RAY DIFFRACTION' 
_refine_hist.cycle_id                         LAST 
_refine_hist.pdbx_number_atoms_protein        1138 
_refine_hist.pdbx_number_atoms_nucleic_acid   0 
_refine_hist.pdbx_number_atoms_ligand         1 
_refine_hist.number_atoms_solvent             40 
_refine_hist.number_atoms_total               1179 
_refine_hist.d_res_high                       2.26 
_refine_hist.d_res_low                        39.84 
# 
loop_
_refine_ls_restr.type 
_refine_ls_restr.dev_ideal 
_refine_ls_restr.dev_ideal_target 
_refine_ls_restr.weight 
_refine_ls_restr.number 
_refine_ls_restr.pdbx_refine_id 
_refine_ls_restr.pdbx_restraint_function 
r_bond_refined_d             0.021  0.022  ? 1153 'X-RAY DIFFRACTION' ? 
r_bond_other_d               ?      ?      ? ?    'X-RAY DIFFRACTION' ? 
r_angle_refined_deg          1.835  1.978  ? 1555 'X-RAY DIFFRACTION' ? 
r_angle_other_deg            ?      ?      ? ?    'X-RAY DIFFRACTION' ? 
r_dihedral_angle_1_deg       8.023  5.000  ? 149  'X-RAY DIFFRACTION' ? 
r_dihedral_angle_2_deg       36.390 22.955 ? 44   'X-RAY DIFFRACTION' ? 
r_dihedral_angle_3_deg       19.282 15.000 ? 209  'X-RAY DIFFRACTION' ? 
r_dihedral_angle_4_deg       12.583 15.000 ? 10   'X-RAY DIFFRACTION' ? 
r_chiral_restr               0.123  0.200  ? 185  'X-RAY DIFFRACTION' ? 
r_gen_planes_refined         0.007  0.020  ? 835  'X-RAY DIFFRACTION' ? 
r_gen_planes_other           ?      ?      ? ?    'X-RAY DIFFRACTION' ? 
r_nbd_refined                0.217  0.200  ? 476  'X-RAY DIFFRACTION' ? 
r_nbd_other                  ?      ?      ? ?    'X-RAY DIFFRACTION' ? 
r_nbtor_refined              0.308  0.200  ? 776  'X-RAY DIFFRACTION' ? 
r_nbtor_other                ?      ?      ? ?    'X-RAY DIFFRACTION' ? 
r_xyhbond_nbd_refined        0.162  0.200  ? 51   'X-RAY DIFFRACTION' ? 
r_xyhbond_nbd_other          ?      ?      ? ?    'X-RAY DIFFRACTION' ? 
r_metal_ion_refined          ?      ?      ? ?    'X-RAY DIFFRACTION' ? 
r_metal_ion_other            ?      ?      ? ?    'X-RAY DIFFRACTION' ? 
r_symmetry_vdw_refined       0.207  0.200  ? 35   'X-RAY DIFFRACTION' ? 
r_symmetry_vdw_other         ?      ?      ? ?    'X-RAY DIFFRACTION' ? 
r_symmetry_hbond_refined     0.220  0.200  ? 6    'X-RAY DIFFRACTION' ? 
r_symmetry_hbond_other       ?      ?      ? ?    'X-RAY DIFFRACTION' ? 
r_symmetry_metal_ion_refined ?      ?      ? ?    'X-RAY DIFFRACTION' ? 
r_symmetry_metal_ion_other   ?      ?      ? ?    'X-RAY DIFFRACTION' ? 
r_mcbond_it                  1.121  1.500  ? 773  'X-RAY DIFFRACTION' ? 
r_mcbond_other               ?      ?      ? ?    'X-RAY DIFFRACTION' ? 
r_mcangle_it                 1.940  2.000  ? 1194 'X-RAY DIFFRACTION' ? 
r_scbond_it                  3.047  3.000  ? 428  'X-RAY DIFFRACTION' ? 
r_scangle_it                 4.695  4.500  ? 360  'X-RAY DIFFRACTION' ? 
r_rigid_bond_restr           ?      ?      ? ?    'X-RAY DIFFRACTION' ? 
r_sphericity_free            ?      ?      ? ?    'X-RAY DIFFRACTION' ? 
r_sphericity_bonded          ?      ?      ? ?    'X-RAY DIFFRACTION' ? 
# 
_refine_ls_shell.pdbx_total_number_of_bins_used   20 
_refine_ls_shell.d_res_high                       2.260 
_refine_ls_shell.d_res_low                        2.319 
_refine_ls_shell.number_reflns_R_work             573 
_refine_ls_shell.R_factor_R_work                  0.276 
_refine_ls_shell.percent_reflns_obs               99.83 
_refine_ls_shell.R_factor_R_free                  0.365 
_refine_ls_shell.R_factor_R_free_error            ? 
_refine_ls_shell.percent_reflns_R_free            ? 
_refine_ls_shell.number_reflns_R_free             29 
_refine_ls_shell.number_reflns_all                ? 
_refine_ls_shell.R_factor_all                     ? 
_refine_ls_shell.redundancy_reflns_obs            ? 
_refine_ls_shell.number_reflns_obs                ? 
_refine_ls_shell.pdbx_refine_id                   'X-RAY DIFFRACTION' 
# 
_struct.entry_id                  3B6N 
_struct.title                     
'Crystal structure of 2C-methyl-D-erythritol 2,4-cyclodiphosphate synthase PV003920 from Plasmodium vivax' 
_struct.pdbx_model_details        ? 
_struct.pdbx_CASP_flag            N 
_struct.pdbx_model_type_details   ? 
# 
_struct_keywords.entry_id        3B6N 
_struct_keywords.pdbx_keywords   LYASE 
_struct_keywords.text            
;malaria isoprenoid biosynthesis and prenylation pathways ISPF, Isoprene biosynthesis, Lyase, Structural Genomics, Structural Genomics Consortium, SGC
;
# 
loop_
_struct_asym.id 
_struct_asym.pdbx_blank_PDB_chainid_flag 
_struct_asym.pdbx_modified 
_struct_asym.entity_id 
_struct_asym.details 
A N N 1 ? 
B N N 2 ? 
C N N 3 ? 
# 
_struct_biol.id        1 
_struct_biol.details   'Authors state that the biological unit of this protein is unknown' 
# 
loop_
_struct_conf.conf_type_id 
_struct_conf.id 
_struct_conf.pdbx_PDB_helix_id 
_struct_conf.beg_label_comp_id 
_struct_conf.beg_label_asym_id 
_struct_conf.beg_label_seq_id 
_struct_conf.pdbx_beg_PDB_ins_code 
_struct_conf.end_label_comp_id 
_struct_conf.end_label_asym_id 
_struct_conf.end_label_seq_id 
_struct_conf.pdbx_end_PDB_ins_code 
_struct_conf.beg_auth_comp_id 
_struct_conf.beg_auth_asym_id 
_struct_conf.beg_auth_seq_id 
_struct_conf.end_auth_comp_id 
_struct_conf.end_auth_asym_id 
_struct_conf.end_auth_seq_id 
_struct_conf.pdbx_PDB_helix_class 
_struct_conf.details 
_struct_conf.pdbx_PDB_helix_length 
HELX_P HELX_P1 1 ASP A 66  ? MET A 80  ? ASP A 66  MET A 80  1 ? 15 
HELX_P HELX_P2 2 SER A 101 ? ARG A 115 ? SER A 101 ARG A 115 1 ? 15 
HELX_P HELX_P3 3 ILE A 133 ? GLY A 149 ? ILE A 133 GLY A 149 1 ? 17 
HELX_P HELX_P4 4 SER A 151 ? SER A 153 ? SER A 151 SER A 153 5 ? 3  
HELX_P HELX_P5 5 LEU A 165 ? GLN A 170 ? LEU A 165 GLN A 170 1 ? 6  
# 
_struct_conf_type.id          HELX_P 
_struct_conf_type.criteria    ? 
_struct_conf_type.reference   ? 
# 
_struct_conn.id                            metalc1 
_struct_conn.conn_type_id                  metalc 
_struct_conn.pdbx_leaving_atom_flag        ? 
_struct_conn.pdbx_PDB_id                   ? 
_struct_conn.ptnr1_label_asym_id           A 
_struct_conn.ptnr1_label_comp_id           ASP 
_struct_conn.ptnr1_label_seq_id            12 
_struct_conn.ptnr1_label_atom_id           OD2 
_struct_conn.pdbx_ptnr1_label_alt_id       ? 
_struct_conn.pdbx_ptnr1_PDB_ins_code       ? 
_struct_conn.pdbx_ptnr1_standard_comp_id   ? 
_struct_conn.ptnr1_symmetry                1_555 
_struct_conn.ptnr2_label_asym_id           B 
_struct_conn.ptnr2_label_comp_id           ZN 
_struct_conn.ptnr2_label_seq_id            . 
_struct_conn.ptnr2_label_atom_id           ZN 
_struct_conn.pdbx_ptnr2_label_alt_id       ? 
_struct_conn.pdbx_ptnr2_PDB_ins_code       ? 
_struct_conn.ptnr1_auth_asym_id            A 
_struct_conn.ptnr1_auth_comp_id            ASP 
_struct_conn.ptnr1_auth_seq_id             12 
_struct_conn.ptnr2_auth_asym_id            A 
_struct_conn.ptnr2_auth_comp_id            ZN 
_struct_conn.ptnr2_auth_seq_id             1157 
_struct_conn.ptnr2_symmetry                1_555 
_struct_conn.pdbx_ptnr3_label_atom_id      ? 
_struct_conn.pdbx_ptnr3_label_seq_id       ? 
_struct_conn.pdbx_ptnr3_label_comp_id      ? 
_struct_conn.pdbx_ptnr3_label_asym_id      ? 
_struct_conn.pdbx_ptnr3_label_alt_id       ? 
_struct_conn.pdbx_ptnr3_PDB_ins_code       ? 
_struct_conn.details                       ? 
_struct_conn.pdbx_dist_value               2.331 
_struct_conn.pdbx_value_order              ? 
_struct_conn.pdbx_role                     ? 
# 
_struct_conn_type.id          metalc 
_struct_conn_type.criteria    ? 
_struct_conn_type.reference   ? 
# 
loop_
_struct_mon_prot_cis.pdbx_id 
_struct_mon_prot_cis.label_comp_id 
_struct_mon_prot_cis.label_seq_id 
_struct_mon_prot_cis.label_asym_id 
_struct_mon_prot_cis.label_alt_id 
_struct_mon_prot_cis.pdbx_PDB_ins_code 
_struct_mon_prot_cis.auth_comp_id 
_struct_mon_prot_cis.auth_seq_id 
_struct_mon_prot_cis.auth_asym_id 
_struct_mon_prot_cis.pdbx_label_comp_id_2 
_struct_mon_prot_cis.pdbx_label_seq_id_2 
_struct_mon_prot_cis.pdbx_label_asym_id_2 
_struct_mon_prot_cis.pdbx_PDB_ins_code_2 
_struct_mon_prot_cis.pdbx_auth_comp_id_2 
_struct_mon_prot_cis.pdbx_auth_seq_id_2 
_struct_mon_prot_cis.pdbx_auth_asym_id_2 
_struct_mon_prot_cis.pdbx_PDB_model_num 
_struct_mon_prot_cis.pdbx_omega_angle 
1 VAL 130 A . ? VAL 130 A PRO 131 A ? PRO 131 A 1 1.46  
2 LYS 185 A . ? LYS 185 A GLN 186 A ? GLN 186 A 1 11.14 
# 
_struct_sheet.id               A 
_struct_sheet.type             ? 
_struct_sheet.number_strands   6 
_struct_sheet.details          ? 
# 
loop_
_struct_sheet_order.sheet_id 
_struct_sheet_order.range_id_1 
_struct_sheet_order.range_id_2 
_struct_sheet_order.offset 
_struct_sheet_order.sense 
A 1 2 ? anti-parallel 
A 2 3 ? anti-parallel 
A 3 4 ? anti-parallel 
A 4 5 ? anti-parallel 
A 5 6 ? parallel      
# 
loop_
_struct_sheet_range.sheet_id 
_struct_sheet_range.id 
_struct_sheet_range.beg_label_comp_id 
_struct_sheet_range.beg_label_asym_id 
_struct_sheet_range.beg_label_seq_id 
_struct_sheet_range.pdbx_beg_PDB_ins_code 
_struct_sheet_range.end_label_comp_id 
_struct_sheet_range.end_label_asym_id 
_struct_sheet_range.end_label_seq_id 
_struct_sheet_range.pdbx_end_PDB_ins_code 
_struct_sheet_range.beg_auth_comp_id 
_struct_sheet_range.beg_auth_asym_id 
_struct_sheet_range.beg_auth_seq_id 
_struct_sheet_range.end_auth_comp_id 
_struct_sheet_range.end_auth_asym_id 
_struct_sheet_range.end_auth_seq_id 
A 1 SER A 43  ? ILE A 49  ? SER A 43  ILE A 49  
A 2 VAL A 52  ? SER A 61  ? VAL A 52  SER A 61  
A 3 VAL A 5   ? ARG A 17  ? VAL A 5   ARG A 17  
A 4 ALA A 173 ? ARG A 184 ? ALA A 173 ARG A 184 
A 5 TYR A 117 ? ILE A 127 ? TYR A 117 ILE A 127 
A 6 VAL A 155 ? LYS A 160 ? VAL A 155 LYS A 160 
# 
loop_
_pdbx_struct_sheet_hbond.sheet_id 
_pdbx_struct_sheet_hbond.range_id_1 
_pdbx_struct_sheet_hbond.range_id_2 
_pdbx_struct_sheet_hbond.range_1_label_atom_id 
_pdbx_struct_sheet_hbond.range_1_label_comp_id 
_pdbx_struct_sheet_hbond.range_1_label_asym_id 
_pdbx_struct_sheet_hbond.range_1_label_seq_id 
_pdbx_struct_sheet_hbond.range_1_PDB_ins_code 
_pdbx_struct_sheet_hbond.range_1_auth_atom_id 
_pdbx_struct_sheet_hbond.range_1_auth_comp_id 
_pdbx_struct_sheet_hbond.range_1_auth_asym_id 
_pdbx_struct_sheet_hbond.range_1_auth_seq_id 
_pdbx_struct_sheet_hbond.range_2_label_atom_id 
_pdbx_struct_sheet_hbond.range_2_label_comp_id 
_pdbx_struct_sheet_hbond.range_2_label_asym_id 
_pdbx_struct_sheet_hbond.range_2_label_seq_id 
_pdbx_struct_sheet_hbond.range_2_PDB_ins_code 
_pdbx_struct_sheet_hbond.range_2_auth_atom_id 
_pdbx_struct_sheet_hbond.range_2_auth_comp_id 
_pdbx_struct_sheet_hbond.range_2_auth_asym_id 
_pdbx_struct_sheet_hbond.range_2_auth_seq_id 
A 1 2 N LEU A 47  ? N LEU A 47  O ILE A 57  ? O ILE A 57  
A 2 3 O LEU A 60  ? O LEU A 60  N GLN A 15  ? N GLN A 15  
A 3 4 N ARG A 6   ? N ARG A 6   O LEU A 182 ? O LEU A 182 
A 4 5 O ILE A 183 ? O ILE A 183 N ALA A 118 ? N ALA A 118 
A 5 6 N ILE A 124 ? N ILE A 124 O SER A 156 ? O SER A 156 
# 
_struct_site.id                   AC1 
_struct_site.pdbx_evidence_code   Software 
_struct_site.pdbx_auth_asym_id    A 
_struct_site.pdbx_auth_comp_id    ZN 
_struct_site.pdbx_auth_seq_id     1157 
_struct_site.pdbx_auth_ins_code   ? 
_struct_site.pdbx_num_residues    4 
_struct_site.details              'BINDING SITE FOR RESIDUE ZN A 1157' 
# 
loop_
_struct_site_gen.id 
_struct_site_gen.site_id 
_struct_site_gen.pdbx_num_res 
_struct_site_gen.label_comp_id 
_struct_site_gen.label_asym_id 
_struct_site_gen.label_seq_id 
_struct_site_gen.pdbx_auth_ins_code 
_struct_site_gen.auth_comp_id 
_struct_site_gen.auth_asym_id 
_struct_site_gen.auth_seq_id 
_struct_site_gen.label_atom_id 
_struct_site_gen.label_alt_id 
_struct_site_gen.symmetry 
_struct_site_gen.details 
1 AC1 4 ASP A 12 ? ASP A 12 . ? 1_555 ? 
2 AC1 4 HIS A 14 ? HIS A 14 . ? 1_555 ? 
3 AC1 4 HIS A 62 ? HIS A 62 . ? 1_555 ? 
4 AC1 4 HIS A 70 ? HIS A 70 . ? 1_555 ? 
# 
_atom_sites.entry_id                    3B6N 
_atom_sites.fract_transf_matrix[1][1]   0.00327211 
_atom_sites.fract_transf_matrix[1][2]   0.01120498 
_atom_sites.fract_transf_matrix[1][3]   0.00461730 
_atom_sites.fract_transf_matrix[2][1]   -0.00924280 
_atom_sites.fract_transf_matrix[2][2]   0.00540067 
_atom_sites.fract_transf_matrix[2][3]   -0.00655601 
_atom_sites.fract_transf_matrix[3][1]   -0.00783848 
_atom_sites.fract_transf_matrix[3][2]   -0.00169082 
_atom_sites.fract_transf_matrix[3][3]   0.00965801 
_atom_sites.fract_transf_vector[1]      -0.101905 
_atom_sites.fract_transf_vector[2]      0.355171 
_atom_sites.fract_transf_vector[3]      -0.086083 
# 
loop_
_atom_type.symbol 
C  
N  
O  
S  
ZN 
# 
loop_
_atom_site.group_PDB 
_atom_site.id 
_atom_site.type_symbol 
_atom_site.label_atom_id 
_atom_site.label_alt_id 
_atom_site.label_comp_id 
_atom_site.label_asym_id 
_atom_site.label_entity_id 
_atom_site.label_seq_id 
_atom_site.pdbx_PDB_ins_code 
_atom_site.Cartn_x 
_atom_site.Cartn_y 
_atom_site.Cartn_z 
_atom_site.occupancy 
_atom_site.B_iso_or_equiv 
_atom_site.pdbx_formal_charge 
_atom_site.auth_seq_id 
_atom_site.auth_comp_id 
_atom_site.auth_asym_id 
_atom_site.auth_atom_id 
_atom_site.pdbx_PDB_model_num 
ATOM   1    N  N   . GLY A 1 4   ? -8.286  -11.463 22.084  1.00 53.70  ? 4    GLY A N   1 
ATOM   2    C  CA  . GLY A 1 4   ? -7.076  -10.916 21.352  1.00 52.46  ? 4    GLY A CA  1 
ATOM   3    C  C   . GLY A 1 4   ? -7.357  -10.772 19.847  1.00 52.02  ? 4    GLY A C   1 
ATOM   4    O  O   . GLY A 1 4   ? -6.880  -11.568 19.004  1.00 51.91  ? 4    GLY A O   1 
ATOM   5    N  N   . VAL A 1 5   ? -8.187  -9.788  19.524  1.00 49.34  ? 5    VAL A N   1 
ATOM   6    C  CA  . VAL A 1 5   ? -8.412  -9.384  18.153  1.00 47.84  ? 5    VAL A CA  1 
ATOM   7    C  C   . VAL A 1 5   ? -8.160  -7.849  18.093  1.00 45.35  ? 5    VAL A C   1 
ATOM   8    O  O   . VAL A 1 5   ? -8.506  -7.107  19.021  1.00 44.40  ? 5    VAL A O   1 
ATOM   9    C  CB  . VAL A 1 5   ? -9.827  -9.873  17.638  1.00 48.43  ? 5    VAL A CB  1 
ATOM   10   C  CG1 . VAL A 1 5   ? -10.966 -9.070  18.241  1.00 49.81  ? 5    VAL A CG1 1 
ATOM   11   C  CG2 . VAL A 1 5   ? -9.917  -9.795  16.149  1.00 51.47  ? 5    VAL A CG2 1 
ATOM   12   N  N   . ARG A 1 6   ? -7.500  -7.405  17.022  1.00 43.32  ? 6    ARG A N   1 
ATOM   13   C  CA  . ARG A 1 6   ? -7.147  -6.005  16.812  1.00 41.78  ? 6    ARG A CA  1 
ATOM   14   C  C   . ARG A 1 6   ? -7.417  -5.504  15.402  1.00 40.17  ? 6    ARG A C   1 
ATOM   15   O  O   . ARG A 1 6   ? -7.112  -6.204  14.439  1.00 39.60  ? 6    ARG A O   1 
ATOM   16   C  CB  . ARG A 1 6   ? -5.651  -5.764  17.138  1.00 41.84  ? 6    ARG A CB  1 
ATOM   17   C  CG  . ARG A 1 6   ? -5.167  -6.483  18.409  1.00 44.63  ? 6    ARG A CG  1 
ATOM   18   C  CD  . ARG A 1 6   ? -5.170  -5.622  19.593  1.00 45.05  ? 6    ARG A CD  1 
ATOM   19   N  NE  . ARG A 1 6   ? -4.338  -4.484  19.266  1.00 50.82  ? 6    ARG A NE  1 
ATOM   20   C  CZ  . ARG A 1 6   ? -3.834  -3.637  20.147  1.00 50.64  ? 6    ARG A CZ  1 
ATOM   21   N  NH1 . ARG A 1 6   ? -3.134  -2.597  19.712  1.00 52.16  ? 6    ARG A NH1 1 
ATOM   22   N  NH2 . ARG A 1 6   ? -4.056  -3.821  21.444  1.00 49.88  ? 6    ARG A NH2 1 
ATOM   23   N  N   . ILE A 1 7   ? -7.960  -4.271  15.326  1.00 38.15  ? 7    ILE A N   1 
ATOM   24   C  CA  . ILE A 1 7   ? -8.069  -3.462  14.132  1.00 36.80  ? 7    ILE A CA  1 
ATOM   25   C  C   . ILE A 1 7   ? -6.792  -2.571  13.867  1.00 36.53  ? 7    ILE A C   1 
ATOM   26   O  O   . ILE A 1 7   ? -6.153  -2.050  14.774  1.00 34.82  ? 7    ILE A O   1 
ATOM   27   C  CB  . ILE A 1 7   ? -9.397  -2.618  14.208  1.00 36.72  ? 7    ILE A CB  1 
ATOM   28   C  CG1 . ILE A 1 7   ? -9.906  -2.220  12.845  1.00 34.56  ? 7    ILE A CG1 1 
ATOM   29   C  CG2 . ILE A 1 7   ? -9.307  -1.429  15.223  1.00 35.12  ? 7    ILE A CG2 1 
ATOM   30   C  CD1 . ILE A 1 7   ? -11.420 -1.710  12.858  1.00 38.21  ? 7    ILE A CD1 1 
ATOM   31   N  N   . GLY A 1 8   ? -6.382  -2.439  12.611  1.00 36.72  ? 8    GLY A N   1 
ATOM   32   C  CA  . GLY A 1 8   ? -5.334  -1.472  12.282  1.00 34.12  ? 8    GLY A CA  1 
ATOM   33   C  C   . GLY A 1 8   ? -5.794  -0.713  11.057  1.00 34.41  ? 8    GLY A C   1 
ATOM   34   O  O   . GLY A 1 8   ? -6.571  -1.241  10.235  1.00 32.59  ? 8    GLY A O   1 
ATOM   35   N  N   . GLN A 1 9   ? -5.271  0.500   10.900  1.00 35.00  ? 9    GLN A N   1 
ATOM   36   C  CA  . GLN A 1 9   ? -5.695  1.412   9.819   1.00 35.02  ? 9    GLN A CA  1 
ATOM   37   C  C   . GLN A 1 9   ? -4.475  2.233   9.329   1.00 34.17  ? 9    GLN A C   1 
ATOM   38   O  O   . GLN A 1 9   ? -3.605  2.580   10.101  1.00 32.22  ? 9    GLN A O   1 
ATOM   39   C  CB  . GLN A 1 9   ? -6.756  2.317   10.415  1.00 34.57  ? 9    GLN A CB  1 
ATOM   40   C  CG  . GLN A 1 9   ? -7.557  2.899   9.413   1.00 43.07  ? 9    GLN A CG  1 
ATOM   41   C  CD  . GLN A 1 9   ? -8.315  4.148   9.856   1.00 44.24  ? 9    GLN A CD  1 
ATOM   42   O  OE1 . GLN A 1 9   ? -8.211  4.627   11.000  1.00 49.80  ? 9    GLN A OE1 1 
ATOM   43   N  NE2 . GLN A 1 9   ? -9.102  4.669   8.925   1.00 46.09  ? 9    GLN A NE2 1 
ATOM   44   N  N   . GLY A 1 10  ? -4.378  2.507   8.028   1.00 34.55  ? 10   GLY A N   1 
ATOM   45   C  CA  . GLY A 1 10  ? -3.275  3.327   7.563   1.00 33.59  ? 10   GLY A CA  1 
ATOM   46   C  C   . GLY A 1 10  ? -3.664  4.180   6.411   1.00 34.25  ? 10   GLY A C   1 
ATOM   47   O  O   . GLY A 1 10  ? -4.637  3.883   5.707   1.00 35.63  ? 10   GLY A O   1 
ATOM   48   N  N   . TYR A 1 11  ? -2.899  5.236   6.163   1.00 34.87  ? 11   TYR A N   1 
ATOM   49   C  CA  . TYR A 1 11  ? -3.272  6.128   5.078   1.00 34.11  ? 11   TYR A CA  1 
ATOM   50   C  C   . TYR A 1 11  ? -2.024  6.672   4.412   1.00 34.67  ? 11   TYR A C   1 
ATOM   51   O  O   . TYR A 1 11  ? -1.034  6.917   5.075   1.00 34.29  ? 11   TYR A O   1 
ATOM   52   C  CB  . TYR A 1 11  ? -4.206  7.230   5.622   1.00 33.68  ? 11   TYR A CB  1 
ATOM   53   C  CG  . TYR A 1 11  ? -4.402  8.363   4.677   1.00 33.49  ? 11   TYR A CG  1 
ATOM   54   C  CD1 . TYR A 1 11  ? -3.549  9.481   4.721   1.00 32.49  ? 11   TYR A CD1 1 
ATOM   55   C  CD2 . TYR A 1 11  ? -5.348  8.283   3.663   1.00 32.58  ? 11   TYR A CD2 1 
ATOM   56   C  CE1 . TYR A 1 11  ? -3.681  10.523  3.795   1.00 34.75  ? 11   TYR A CE1 1 
ATOM   57   C  CE2 . TYR A 1 11  ? -5.491  9.334   2.716   1.00 35.30  ? 11   TYR A CE2 1 
ATOM   58   C  CZ  . TYR A 1 11  ? -4.663  10.442  2.794   1.00 34.59  ? 11   TYR A CZ  1 
ATOM   59   O  OH  . TYR A 1 11  ? -4.805  11.494  1.901   1.00 34.67  ? 11   TYR A OH  1 
ATOM   60   N  N   . ASP A 1 12  ? -2.035  6.837   3.091   1.00 36.05  ? 12   ASP A N   1 
ATOM   61   C  CA  . ASP A 1 12  ? -0.915  7.544   2.428   1.00 36.40  ? 12   ASP A CA  1 
ATOM   62   C  C   . ASP A 1 12  ? -1.392  8.261   1.187   1.00 36.80  ? 12   ASP A C   1 
ATOM   63   O  O   . ASP A 1 12  ? -2.336  7.862   0.539   1.00 36.70  ? 12   ASP A O   1 
ATOM   64   C  CB  . ASP A 1 12  ? 0.291   6.601   2.139   1.00 37.03  ? 12   ASP A CB  1 
ATOM   65   C  CG  . ASP A 1 12  ? 1.663   7.355   2.038   1.00 38.44  ? 12   ASP A CG  1 
ATOM   66   O  OD1 . ASP A 1 12  ? 1.811   8.495   2.552   1.00 39.81  ? 12   ASP A OD1 1 
ATOM   67   O  OD2 . ASP A 1 12  ? 2.610   6.796   1.449   1.00 39.22  ? 12   ASP A OD2 1 
ATOM   68   N  N   . ILE A 1 13  ? -0.749  9.367   0.878   1.00 39.60  ? 13   ILE A N   1 
ATOM   69   C  CA  . ILE A 1 13  ? -1.052  10.176  -0.318  1.00 39.02  ? 13   ILE A CA  1 
ATOM   70   C  C   . ILE A 1 13  ? 0.327   10.587  -0.900  1.00 40.99  ? 13   ILE A C   1 
ATOM   71   O  O   . ILE A 1 13  ? 1.286   10.860  -0.150  1.00 40.53  ? 13   ILE A O   1 
ATOM   72   C  CB  . ILE A 1 13  ? -1.968  11.404  0.038   1.00 39.26  ? 13   ILE A CB  1 
ATOM   73   C  CG1 . ILE A 1 13  ? -2.320  12.241  -1.198  1.00 38.05  ? 13   ILE A CG1 1 
ATOM   74   C  CG2 . ILE A 1 13  ? -1.315  12.308  1.082   1.00 38.88  ? 13   ILE A CG2 1 
ATOM   75   C  CD1 . ILE A 1 13  ? -3.514  13.153  -1.031  1.00 38.55  ? 13   ILE A CD1 1 
ATOM   76   N  N   . HIS A 1 14  ? 0.462   10.578  -2.228  1.00 42.00  ? 14   HIS A N   1 
ATOM   77   C  CA  . HIS A 1 14  ? 1.584   11.275  -2.862  1.00 42.01  ? 14   HIS A CA  1 
ATOM   78   C  C   . HIS A 1 14  ? 1.126   12.016  -4.085  1.00 43.16  ? 14   HIS A C   1 
ATOM   79   O  O   . HIS A 1 14  ? 0.140   11.633  -4.785  1.00 43.88  ? 14   HIS A O   1 
ATOM   80   C  CB  . HIS A 1 14  ? 2.731   10.348  -3.257  1.00 41.40  ? 14   HIS A CB  1 
ATOM   81   C  CG  . HIS A 1 14  ? 3.599   9.952   -2.118  1.00 43.63  ? 14   HIS A CG  1 
ATOM   82   N  ND1 . HIS A 1 14  ? 4.177   10.865  -1.263  1.00 45.81  ? 14   HIS A ND1 1 
ATOM   83   C  CD2 . HIS A 1 14  ? 3.961   8.734   -1.659  1.00 45.13  ? 14   HIS A CD2 1 
ATOM   84   C  CE1 . HIS A 1 14  ? 4.875   10.234  -0.343  1.00 38.75  ? 14   HIS A CE1 1 
ATOM   85   N  NE2 . HIS A 1 14  ? 4.772   8.942   -0.570  1.00 43.62  ? 14   HIS A NE2 1 
ATOM   86   N  N   . GLN A 1 15  ? 1.845   13.090  -4.341  1.00 43.29  ? 15   GLN A N   1 
ATOM   87   C  CA  . GLN A 1 15  ? 1.693   13.836  -5.552  1.00 44.47  ? 15   GLN A CA  1 
ATOM   88   C  C   . GLN A 1 15  ? 2.249   12.972  -6.664  1.00 42.99  ? 15   GLN A C   1 
ATOM   89   O  O   . GLN A 1 15  ? 3.287   12.352  -6.477  1.00 44.03  ? 15   GLN A O   1 
ATOM   90   C  CB  . GLN A 1 15  ? 2.467   15.138  -5.439  1.00 45.17  ? 15   GLN A CB  1 
ATOM   91   C  CG  . GLN A 1 15  ? 2.084   16.127  -6.528  1.00 49.94  ? 15   GLN A CG  1 
ATOM   92   C  CD  . GLN A 1 15  ? 2.389   17.577  -6.169  1.00 52.26  ? 15   GLN A CD  1 
ATOM   93   O  OE1 . GLN A 1 15  ? 2.531   17.947  -4.989  1.00 48.60  ? 15   GLN A OE1 1 
ATOM   94   N  NE2 . GLN A 1 15  ? 2.505   18.407  -7.214  1.00 55.89  ? 15   GLN A NE2 1 
ATOM   95   N  N   . ILE A 1 16  ? 1.514   12.889  -7.768  1.00 42.16  ? 16   ILE A N   1 
ATOM   96   C  CA  . ILE A 1 16  ? 1.985   12.273  -9.021  1.00 42.13  ? 16   ILE A CA  1 
ATOM   97   C  C   . ILE A 1 16  ? 1.958   13.248  -10.185 1.00 44.10  ? 16   ILE A C   1 
ATOM   98   O  O   . ILE A 1 16  ? 1.317   14.293  -10.094 1.00 43.07  ? 16   ILE A O   1 
ATOM   99   C  CB  . ILE A 1 16  ? 1.186   11.004  -9.419  1.00 41.17  ? 16   ILE A CB  1 
ATOM   100  C  CG1 . ILE A 1 16  ? -0.276  11.359  -9.779  1.00 39.94  ? 16   ILE A CG1 1 
ATOM   101  C  CG2 . ILE A 1 16  ? 1.325   9.956   -8.290  1.00 38.88  ? 16   ILE A CG2 1 
ATOM   102  C  CD1 . ILE A 1 16  ? -1.118  10.282  -10.568 1.00 39.51  ? 16   ILE A CD1 1 
ATOM   103  N  N   . ARG A 1 17  ? 2.716   12.907  -11.240 1.00 47.80  ? 17   ARG A N   1 
ATOM   104  C  CA  . ARG A 1 17  ? 2.611   13.499  -12.598 1.00 51.08  ? 17   ARG A CA  1 
ATOM   105  C  C   . ARG A 1 17  ? 2.491   12.407  -13.653 1.00 52.01  ? 17   ARG A C   1 
ATOM   106  O  O   . ARG A 1 17  ? 3.177   11.409  -13.558 1.00 51.90  ? 17   ARG A O   1 
ATOM   107  C  CB  . ARG A 1 17  ? 3.844   14.327  -12.927 1.00 51.89  ? 17   ARG A CB  1 
ATOM   108  C  CG  . ARG A 1 17  ? 3.588   15.816  -12.943 1.00 58.47  ? 17   ARG A CG  1 
ATOM   109  C  CD  . ARG A 1 17  ? 4.912   16.569  -13.015 1.00 67.62  ? 17   ARG A CD  1 
ATOM   110  N  NE  . ARG A 1 17  ? 4.707   18.010  -13.210 1.00 74.89  ? 17   ARG A NE  1 
ATOM   111  C  CZ  . ARG A 1 17  ? 5.679   18.925  -13.246 1.00 77.41  ? 17   ARG A CZ  1 
ATOM   112  N  NH1 . ARG A 1 17  ? 6.959   18.562  -13.088 1.00 78.18  ? 17   ARG A NH1 1 
ATOM   113  N  NH2 . ARG A 1 17  ? 5.370   20.212  -13.446 1.00 77.61  ? 17   ARG A NH2 1 
ATOM   114  N  N   . VAL A 1 18  ? 1.657   12.606  -14.674 1.00 54.63  ? 18   VAL A N   1 
ATOM   115  C  CA  . VAL A 1 18  ? 1.535   11.627  -15.784 1.00 57.74  ? 18   VAL A CA  1 
ATOM   116  C  C   . VAL A 1 18  ? 2.795   11.406  -16.695 1.00 58.88  ? 18   VAL A C   1 
ATOM   117  O  O   . VAL A 1 18  ? 2.892   10.432  -17.440 1.00 58.99  ? 18   VAL A O   1 
ATOM   118  C  CB  . VAL A 1 18  ? 0.219   11.820  -16.597 1.00 58.06  ? 18   VAL A CB  1 
ATOM   119  C  CG1 . VAL A 1 18  ? -0.216  10.498  -17.192 1.00 59.98  ? 18   VAL A CG1 1 
ATOM   120  C  CG2 . VAL A 1 18  ? -0.897  12.270  -15.682 1.00 59.86  ? 18   VAL A CG2 1 
ATOM   121  N  N   . GLY A 1 19  ? 3.798   12.252  -16.631 1.00 60.81  ? 19   GLY A N   1 
ATOM   122  C  CA  . GLY A 1 19  ? 5.040   11.848  -17.368 1.00 63.82  ? 19   GLY A CA  1 
ATOM   123  C  C   . GLY A 1 19  ? 5.641   10.460  -17.031 1.00 64.99  ? 19   GLY A C   1 
ATOM   124  O  O   . GLY A 1 19  ? 5.429   9.957   -15.932 1.00 64.45  ? 19   GLY A O   1 
ATOM   125  N  N   . PRO A 1 20  ? 6.353   9.808   -17.993 1.00 66.07  ? 20   PRO A N   1 
ATOM   126  C  CA  . PRO A 1 20  ? 7.500   9.020   -17.522 1.00 67.22  ? 20   PRO A CA  1 
ATOM   127  C  C   . PRO A 1 20  ? 8.501   10.018  -16.893 1.00 68.03  ? 20   PRO A C   1 
ATOM   128  O  O   . PRO A 1 20  ? 8.554   11.167  -17.349 1.00 67.38  ? 20   PRO A O   1 
ATOM   129  C  CB  . PRO A 1 20  ? 8.056   8.381   -18.803 1.00 66.58  ? 20   PRO A CB  1 
ATOM   130  C  CG  . PRO A 1 20  ? 7.454   9.116   -19.926 1.00 66.01  ? 20   PRO A CG  1 
ATOM   131  C  CD  . PRO A 1 20  ? 6.161   9.687   -19.453 1.00 65.87  ? 20   PRO A CD  1 
ATOM   132  N  N   . PRO A 1 21  ? 9.233   9.613   -15.815 1.00 69.35  ? 21   PRO A N   1 
ATOM   133  C  CA  . PRO A 1 21  ? 10.069  10.536  -15.006 1.00 69.78  ? 21   PRO A CA  1 
ATOM   134  C  C   . PRO A 1 21  ? 11.087  11.391  -15.775 1.00 71.72  ? 21   PRO A C   1 
ATOM   135  O  O   . PRO A 1 21  ? 11.227  12.596  -15.461 1.00 72.08  ? 21   PRO A O   1 
ATOM   136  C  CB  . PRO A 1 21  ? 10.771  9.622   -13.997 1.00 69.77  ? 21   PRO A CB  1 
ATOM   137  C  CG  . PRO A 1 21  ? 10.536  8.230   -14.489 1.00 69.40  ? 21   PRO A CG  1 
ATOM   138  C  CD  . PRO A 1 21  ? 9.260   8.244   -15.264 1.00 69.27  ? 21   PRO A CD  1 
ATOM   139  N  N   . GLU A 1 22  ? 11.757  10.792  -16.769 1.00 72.88  ? 22   GLU A N   1 
ATOM   140  C  CA  . GLU A 1 22  ? 12.787  11.484  -17.579 1.00 73.98  ? 22   GLU A CA  1 
ATOM   141  C  C   . GLU A 1 22  ? 12.203  12.225  -18.791 1.00 74.50  ? 22   GLU A C   1 
ATOM   142  O  O   . GLU A 1 22  ? 12.508  13.404  -19.036 1.00 74.56  ? 22   GLU A O   1 
ATOM   143  C  CB  . GLU A 1 22  ? 13.856  10.488  -18.053 1.00 74.15  ? 22   GLU A CB  1 
ATOM   144  N  N   . LYS A 1 41  ? 15.231  16.085  -0.084  1.00 64.70  ? 41   LYS A N   1 
ATOM   145  C  CA  . LYS A 1 41  ? 14.146  15.254  0.455   1.00 64.89  ? 41   LYS A CA  1 
ATOM   146  C  C   . LYS A 1 41  ? 13.404  14.552  -0.684  1.00 63.95  ? 41   LYS A C   1 
ATOM   147  O  O   . LYS A 1 41  ? 13.717  13.405  -0.980  1.00 64.25  ? 41   LYS A O   1 
ATOM   148  C  CB  . LYS A 1 41  ? 13.169  16.076  1.326   1.00 65.44  ? 41   LYS A CB  1 
ATOM   149  N  N   . GLN A 1 42  ? 12.465  15.244  -1.342  1.00 62.75  ? 42   GLN A N   1 
ATOM   150  C  CA  . GLN A 1 42  ? 11.598  14.604  -2.359  1.00 61.87  ? 42   GLN A CA  1 
ATOM   151  C  C   . GLN A 1 42  ? 11.928  14.902  -3.833  1.00 61.36  ? 42   GLN A C   1 
ATOM   152  O  O   . GLN A 1 42  ? 12.279  16.029  -4.197  1.00 61.57  ? 42   GLN A O   1 
ATOM   153  C  CB  . GLN A 1 42  ? 10.127  14.936  -2.110  1.00 61.42  ? 42   GLN A CB  1 
ATOM   154  C  CG  . GLN A 1 42  ? 9.568   14.403  -0.794  1.00 61.20  ? 42   GLN A CG  1 
ATOM   155  C  CD  . GLN A 1 42  ? 8.070   14.604  -0.685  1.00 61.71  ? 42   GLN A CD  1 
ATOM   156  O  OE1 . GLN A 1 42  ? 7.337   13.700  -0.245  1.00 62.87  ? 42   GLN A OE1 1 
ATOM   157  N  NE2 . GLN A 1 42  ? 7.594   15.783  -1.095  1.00 58.59  ? 42   GLN A NE2 1 
ATOM   158  N  N   . SER A 1 43  ? 11.767  13.886  -4.680  1.00 60.48  ? 43   SER A N   1 
ATOM   159  C  CA  . SER A 1 43  ? 11.899  14.061  -6.143  1.00 59.16  ? 43   SER A CA  1 
ATOM   160  C  C   . SER A 1 43  ? 10.953  13.183  -6.996  1.00 57.06  ? 43   SER A C   1 
ATOM   161  O  O   . SER A 1 43  ? 10.390  12.177  -6.542  1.00 55.63  ? 43   SER A O   1 
ATOM   162  C  CB  . SER A 1 43  ? 13.358  13.871  -6.587  1.00 59.26  ? 43   SER A CB  1 
ATOM   163  O  OG  . SER A 1 43  ? 13.842  12.599  -6.183  1.00 62.32  ? 43   SER A OG  1 
ATOM   164  N  N   . PHE A 1 44  ? 10.797  13.592  -8.244  1.00 55.66  ? 44   PHE A N   1 
ATOM   165  C  CA  . PHE A 1 44  ? 9.942   12.883  -9.162  1.00 53.92  ? 44   PHE A CA  1 
ATOM   166  C  C   . PHE A 1 44  ? 10.683  11.639  -9.687  1.00 53.33  ? 44   PHE A C   1 
ATOM   167  O  O   . PHE A 1 44  ? 11.827  11.732  -10.181 1.00 55.00  ? 44   PHE A O   1 
ATOM   168  C  CB  . PHE A 1 44  ? 9.407   13.831  -10.242 1.00 52.80  ? 44   PHE A CB  1 
ATOM   169  C  CG  . PHE A 1 44  ? 8.156   14.582  -9.822  1.00 52.07  ? 44   PHE A CG  1 
ATOM   170  C  CD1 . PHE A 1 44  ? 6.910   13.940  -9.765  1.00 49.89  ? 44   PHE A CD1 1 
ATOM   171  C  CD2 . PHE A 1 44  ? 8.206   15.925  -9.480  1.00 53.96  ? 44   PHE A CD2 1 
ATOM   172  C  CE1 . PHE A 1 44  ? 5.738   14.616  -9.370  1.00 49.61  ? 44   PHE A CE1 1 
ATOM   173  C  CE2 . PHE A 1 44  ? 7.012   16.624  -9.101  1.00 55.43  ? 44   PHE A CE2 1 
ATOM   174  C  CZ  . PHE A 1 44  ? 5.781   15.951  -9.032  1.00 50.88  ? 44   PHE A CZ  1 
ATOM   175  N  N   . LYS A 1 45  ? 10.069  10.479  -9.475  1.00 51.21  ? 45   LYS A N   1 
ATOM   176  C  CA  . LYS A 1 45  ? 10.598  9.201   -9.946  1.00 49.69  ? 45   LYS A CA  1 
ATOM   177  C  C   . LYS A 1 45  ? 9.512   8.343   -10.582 1.00 49.14  ? 45   LYS A C   1 
ATOM   178  O  O   . LYS A 1 45  ? 8.346   8.704   -10.616 1.00 48.75  ? 45   LYS A O   1 
ATOM   179  C  CB  . LYS A 1 45  ? 11.322  8.420   -8.833  1.00 49.14  ? 45   LYS A CB  1 
ATOM   180  C  CG  . LYS A 1 45  ? 10.454  8.144   -7.624  1.00 48.39  ? 45   LYS A CG  1 
ATOM   181  C  CD  . LYS A 1 45  ? 11.185  7.433   -6.506  1.00 48.57  ? 45   LYS A CD  1 
ATOM   182  C  CE  . LYS A 1 45  ? 12.182  8.369   -5.783  1.00 52.63  ? 45   LYS A CE  1 
ATOM   183  N  NZ  . LYS A 1 45  ? 11.575  9.683   -5.377  1.00 51.60  ? 45   LYS A NZ  1 
ATOM   184  N  N   . ARG A 1 46  ? 9.917   7.201   -11.103 1.00 48.76  ? 46   ARG A N   1 
ATOM   185  C  CA  . ARG A 1 46  ? 8.991   6.208   -11.540 1.00 48.22  ? 46   ARG A CA  1 
ATOM   186  C  C   . ARG A 1 46  ? 8.049   5.769   -10.384 1.00 46.97  ? 46   ARG A C   1 
ATOM   187  O  O   . ARG A 1 46  ? 8.510   5.367   -9.310  1.00 46.73  ? 46   ARG A O   1 
ATOM   188  C  CB  . ARG A 1 46  ? 9.821   5.029   -12.004 1.00 48.99  ? 46   ARG A CB  1 
ATOM   189  C  CG  . ARG A 1 46  ? 9.027   3.995   -12.711 1.00 53.01  ? 46   ARG A CG  1 
ATOM   190  C  CD  . ARG A 1 46  ? 9.885   2.802   -13.007 1.00 61.39  ? 46   ARG A CD  1 
ATOM   191  N  NE  . ARG A 1 46  ? 10.356  2.128   -11.791 1.00 65.67  ? 46   ARG A NE  1 
ATOM   192  C  CZ  . ARG A 1 46  ? 11.171  1.077   -11.814 1.00 66.56  ? 46   ARG A CZ  1 
ATOM   193  N  NH1 . ARG A 1 46  ? 11.590  0.589   -12.982 1.00 67.41  ? 46   ARG A NH1 1 
ATOM   194  N  NH2 . ARG A 1 46  ? 11.563  0.514   -10.677 1.00 67.58  ? 46   ARG A NH2 1 
ATOM   195  N  N   . LEU A 1 47  ? 6.739   5.821   -10.613 1.00 45.23  ? 47   LEU A N   1 
ATOM   196  C  CA  . LEU A 1 47  ? 5.797   5.299   -9.637  1.00 43.72  ? 47   LEU A CA  1 
ATOM   197  C  C   . LEU A 1 47  ? 6.037   3.808   -9.277  1.00 43.09  ? 47   LEU A C   1 
ATOM   198  O  O   . LEU A 1 47  ? 6.274   2.983   -10.138 1.00 42.20  ? 47   LEU A O   1 
ATOM   199  C  CB  . LEU A 1 47  ? 4.350   5.499   -10.143 1.00 44.41  ? 47   LEU A CB  1 
ATOM   200  C  CG  . LEU A 1 47  ? 3.232   4.938   -9.241  1.00 42.90  ? 47   LEU A CG  1 
ATOM   201  C  CD1 . LEU A 1 47  ? 3.144   5.774   -7.953  1.00 42.36  ? 47   LEU A CD1 1 
ATOM   202  C  CD2 . LEU A 1 47  ? 1.883   4.847   -9.983  1.00 41.25  ? 47   LEU A CD2 1 
ATOM   203  N  N   . THR A 1 48  ? 5.988   3.497   -7.988  1.00 43.02  ? 48   THR A N   1 
ATOM   204  C  CA  . THR A 1 48  ? 5.837   2.110   -7.499  1.00 42.63  ? 48   THR A CA  1 
ATOM   205  C  C   . THR A 1 48  ? 4.545   2.062   -6.703  1.00 41.70  ? 48   THR A C   1 
ATOM   206  O  O   . THR A 1 48  ? 4.281   2.957   -5.908  1.00 43.56  ? 48   THR A O   1 
ATOM   207  C  CB  . THR A 1 48  ? 7.016   1.682   -6.604  1.00 42.33  ? 48   THR A CB  1 
ATOM   208  O  OG1 . THR A 1 48  ? 8.231   1.901   -7.333  1.00 44.41  ? 48   THR A OG1 1 
ATOM   209  C  CG2 . THR A 1 48  ? 6.938   0.226   -6.210  1.00 38.66  ? 48   THR A CG2 1 
ATOM   210  N  N   . ILE A 1 49  ? 3.720   1.066   -6.943  1.00 40.06  ? 49   ILE A N   1 
ATOM   211  C  CA  . ILE A 1 49  ? 2.499   0.939   -6.186  1.00 38.70  ? 49   ILE A CA  1 
ATOM   212  C  C   . ILE A 1 49  ? 2.231   -0.561  -5.902  1.00 39.17  ? 49   ILE A C   1 
ATOM   213  O  O   . ILE A 1 49  ? 2.139   -1.360  -6.838  1.00 38.56  ? 49   ILE A O   1 
ATOM   214  C  CB  . ILE A 1 49  ? 1.329   1.653   -6.916  1.00 38.44  ? 49   ILE A CB  1 
ATOM   215  C  CG1 . ILE A 1 49  ? 0.086   1.707   -6.030  1.00 38.73  ? 49   ILE A CG1 1 
ATOM   216  C  CG2 . ILE A 1 49  ? 1.025   1.028   -8.223  1.00 34.87  ? 49   ILE A CG2 1 
ATOM   217  C  CD1 . ILE A 1 49  ? -0.874  2.816   -6.399  1.00 35.27  ? 49   ILE A CD1 1 
ATOM   218  N  N   . GLY A 1 50  ? 2.126   -0.947  -4.626  1.00 38.11  ? 50   GLY A N   1 
ATOM   219  C  CA  . GLY A 1 50  ? 2.024   -2.372  -4.320  1.00 38.88  ? 50   GLY A CA  1 
ATOM   220  C  C   . GLY A 1 50  ? 3.228   -3.211  -4.747  1.00 40.47  ? 50   GLY A C   1 
ATOM   221  O  O   . GLY A 1 50  ? 3.094   -4.421  -4.943  1.00 41.43  ? 50   GLY A O   1 
ATOM   222  N  N   . GLY A 1 51  ? 4.400   -2.564  -4.858  1.00 41.05  ? 51   GLY A N   1 
ATOM   223  C  CA  . GLY A 1 51  ? 5.644   -3.184  -5.241  1.00 41.57  ? 51   GLY A CA  1 
ATOM   224  C  C   . GLY A 1 51  ? 5.772   -3.276  -6.764  1.00 42.83  ? 51   GLY A C   1 
ATOM   225  O  O   . GLY A 1 51  ? 6.724   -3.902  -7.257  1.00 43.57  ? 51   GLY A O   1 
ATOM   226  N  N   . VAL A 1 52  ? 4.783   -2.736  -7.492  1.00 41.66  ? 52   VAL A N   1 
ATOM   227  C  CA  . VAL A 1 52  ? 4.707   -2.821  -8.954  1.00 41.20  ? 52   VAL A CA  1 
ATOM   228  C  C   . VAL A 1 52  ? 5.103   -1.490  -9.590  1.00 41.49  ? 52   VAL A C   1 
ATOM   229  O  O   . VAL A 1 52  ? 4.535   -0.455  -9.281  1.00 42.54  ? 52   VAL A O   1 
ATOM   230  C  CB  . VAL A 1 52  ? 3.331   -3.305  -9.449  1.00 40.91  ? 52   VAL A CB  1 
ATOM   231  C  CG1 . VAL A 1 52  ? 3.279   -3.398  -10.979 1.00 42.24  ? 52   VAL A CG1 1 
ATOM   232  C  CG2 . VAL A 1 52  ? 3.027   -4.668  -8.906  1.00 41.23  ? 52   VAL A CG2 1 
ATOM   233  N  N   . PRO A 1 53  ? 6.133   -1.492  -10.438 1.00 42.46  ? 53   PRO A N   1 
ATOM   234  C  CA  . PRO A 1 53  ? 6.487   -0.249  -11.149 1.00 42.58  ? 53   PRO A CA  1 
ATOM   235  C  C   . PRO A 1 53  ? 5.434   0.149   -12.177 1.00 43.24  ? 53   PRO A C   1 
ATOM   236  O  O   . PRO A 1 53  ? 4.846   -0.693  -12.855 1.00 43.38  ? 53   PRO A O   1 
ATOM   237  C  CB  . PRO A 1 53  ? 7.804   -0.603  -11.882 1.00 41.94  ? 53   PRO A CB  1 
ATOM   238  C  CG  . PRO A 1 53  ? 8.312   -1.831  -11.231 1.00 43.09  ? 53   PRO A CG  1 
ATOM   239  C  CD  . PRO A 1 53  ? 7.050   -2.601  -10.768 1.00 42.17  ? 53   PRO A CD  1 
ATOM   240  N  N   . VAL A 1 54  ? 5.196   1.439   -12.297 1.00 44.23  ? 54   VAL A N   1 
ATOM   241  C  CA  . VAL A 1 54  ? 4.363   1.962   -13.361 1.00 44.62  ? 54   VAL A CA  1 
ATOM   242  C  C   . VAL A 1 54  ? 5.235   2.995   -14.063 1.00 45.84  ? 54   VAL A C   1 
ATOM   243  O  O   . VAL A 1 54  ? 5.345   4.146   -13.635 1.00 44.78  ? 54   VAL A O   1 
ATOM   244  C  CB  . VAL A 1 54  ? 3.028   2.569   -12.833 1.00 44.57  ? 54   VAL A CB  1 
ATOM   245  C  CG1 . VAL A 1 54  ? 2.102   3.012   -14.013 1.00 41.14  ? 54   VAL A CG1 1 
ATOM   246  C  CG2 . VAL A 1 54  ? 2.354   1.569   -11.930 1.00 43.41  ? 54   VAL A CG2 1 
ATOM   247  N  N   . GLU A 1 55  ? 5.901   2.550   -15.126 1.00 47.78  ? 55   GLU A N   1 
ATOM   248  C  CA  . GLU A 1 55  ? 6.903   3.389   -15.790 1.00 49.09  ? 55   GLU A CA  1 
ATOM   249  C  C   . GLU A 1 55  ? 6.286   4.631   -16.479 1.00 48.49  ? 55   GLU A C   1 
ATOM   250  O  O   . GLU A 1 55  ? 6.984   5.596   -16.810 1.00 49.33  ? 55   GLU A O   1 
ATOM   251  C  CB  . GLU A 1 55  ? 7.729   2.535   -16.761 1.00 50.69  ? 55   GLU A CB  1 
ATOM   252  C  CG  . GLU A 1 55  ? 9.084   3.177   -17.137 1.00 56.04  ? 55   GLU A CG  1 
ATOM   253  C  CD  . GLU A 1 55  ? 10.297  2.395   -16.640 0.50 59.20  ? 55   GLU A CD  1 
ATOM   254  O  OE1 . GLU A 1 55  ? 10.394  1.181   -16.958 0.50 60.41  ? 55   GLU A OE1 1 
ATOM   255  O  OE2 . GLU A 1 55  ? 11.163  3.006   -15.966 0.50 59.94  ? 55   GLU A OE2 1 
ATOM   256  N  N   . THR A 1 56  ? 4.967   4.649   -16.630 1.00 47.79  ? 56   THR A N   1 
ATOM   257  C  CA  . THR A 1 56  ? 4.300   5.805   -17.251 1.00 46.78  ? 56   THR A CA  1 
ATOM   258  C  C   . THR A 1 56  ? 3.752   6.882   -16.295 1.00 46.10  ? 56   THR A C   1 
ATOM   259  O  O   . THR A 1 56  ? 3.034   7.802   -16.705 1.00 46.22  ? 56   THR A O   1 
ATOM   260  C  CB  . THR A 1 56  ? 3.161   5.315   -18.204 1.00 47.26  ? 56   THR A CB  1 
ATOM   261  O  OG1 . THR A 1 56  ? 2.301   4.444   -17.466 1.00 48.51  ? 56   THR A OG1 1 
ATOM   262  C  CG2 . THR A 1 56  ? 3.745   4.578   -19.434 1.00 44.11  ? 56   THR A CG2 1 
ATOM   263  N  N   . ILE A 1 57  ? 4.061   6.778   -15.012 1.00 46.37  ? 57   ILE A N   1 
ATOM   264  C  CA  . ILE A 1 57  ? 3.685   7.809   -14.071 1.00 45.37  ? 57   ILE A CA  1 
ATOM   265  C  C   . ILE A 1 57  ? 4.863   8.073   -13.169 1.00 46.00  ? 57   ILE A C   1 
ATOM   266  O  O   . ILE A 1 57  ? 5.554   7.133   -12.700 1.00 46.44  ? 57   ILE A O   1 
ATOM   267  C  CB  . ILE A 1 57  ? 2.457   7.405   -13.211 1.00 45.91  ? 57   ILE A CB  1 
ATOM   268  C  CG1 . ILE A 1 57  ? 1.213   7.181   -14.080 1.00 43.57  ? 57   ILE A CG1 1 
ATOM   269  C  CG2 . ILE A 1 57  ? 2.187   8.489   -12.106 1.00 45.20  ? 57   ILE A CG2 1 
ATOM   270  C  CD1 . ILE A 1 57  ? 0.273   6.140   -13.551 1.00 42.88  ? 57   ILE A CD1 1 
ATOM   271  N  N   . SER A 1 58  ? 5.072   9.348   -12.886 1.00 46.05  ? 58   SER A N   1 
ATOM   272  C  CA  . SER A 1 58  ? 6.107   9.763   -11.930 1.00 46.44  ? 58   SER A CA  1 
ATOM   273  C  C   . SER A 1 58  ? 5.491   10.030  -10.560 1.00 46.33  ? 58   SER A C   1 
ATOM   274  O  O   . SER A 1 58  ? 4.335   10.388  -10.432 1.00 46.38  ? 58   SER A O   1 
ATOM   275  C  CB  . SER A 1 58  ? 6.848   11.005  -12.434 1.00 46.26  ? 58   SER A CB  1 
ATOM   276  O  OG  . SER A 1 58  ? 7.183   10.858  -13.804 1.00 47.09  ? 58   SER A OG  1 
ATOM   277  N  N   . VAL A 1 59  ? 6.283   9.886   -9.522  1.00 47.46  ? 59   VAL A N   1 
ATOM   278  C  CA  . VAL A 1 59  ? 5.771   10.124  -8.190  1.00 47.38  ? 59   VAL A CA  1 
ATOM   279  C  C   . VAL A 1 59  ? 6.710   11.073  -7.460  1.00 48.52  ? 59   VAL A C   1 
ATOM   280  O  O   . VAL A 1 59  ? 7.923   10.937  -7.596  1.00 49.17  ? 59   VAL A O   1 
ATOM   281  C  CB  . VAL A 1 59  ? 5.510   8.766   -7.408  1.00 46.51  ? 59   VAL A CB  1 
ATOM   282  C  CG1 . VAL A 1 59  ? 6.811   8.040   -7.068  1.00 45.81  ? 59   VAL A CG1 1 
ATOM   283  C  CG2 . VAL A 1 59  ? 4.674   9.024   -6.169  1.00 43.44  ? 59   VAL A CG2 1 
ATOM   284  N  N   . LEU A 1 60  ? 6.146   12.041  -6.717  1.00 49.82  ? 60   LEU A N   1 
ATOM   285  C  CA  . LEU A 1 60  ? 6.916   12.904  -5.823  1.00 50.13  ? 60   LEU A CA  1 
ATOM   286  C  C   . LEU A 1 60  ? 7.101   12.294  -4.451  1.00 51.70  ? 60   LEU A C   1 
ATOM   287  O  O   . LEU A 1 60  ? 6.175   12.250  -3.639  1.00 52.38  ? 60   LEU A O   1 
ATOM   288  C  CB  . LEU A 1 60  ? 6.265   14.272  -5.679  1.00 50.56  ? 60   LEU A CB  1 
ATOM   289  C  CG  . LEU A 1 60  ? 7.124   15.376  -5.023  1.00 49.26  ? 60   LEU A CG  1 
ATOM   290  C  CD1 . LEU A 1 60  ? 8.531   15.538  -5.692  1.00 48.62  ? 60   LEU A CD1 1 
ATOM   291  C  CD2 . LEU A 1 60  ? 6.385   16.694  -5.053  1.00 49.41  ? 60   LEU A CD2 1 
ATOM   292  N  N   . SER A 1 61  ? 8.308   11.811  -4.178  1.00 53.15  ? 61   SER A N   1 
ATOM   293  C  CA  . SER A 1 61  ? 8.566   11.134  -2.922  1.00 54.04  ? 61   SER A CA  1 
ATOM   294  C  C   . SER A 1 61  ? 10.008  11.149  -2.445  1.00 54.89  ? 61   SER A C   1 
ATOM   295  O  O   . SER A 1 61  ? 10.955  11.233  -3.212  1.00 55.19  ? 61   SER A O   1 
ATOM   296  C  CB  . SER A 1 61  ? 8.074   9.684   -2.983  1.00 54.15  ? 61   SER A CB  1 
ATOM   297  O  OG  . SER A 1 61  ? 8.565   9.052   -4.148  1.00 54.49  ? 61   SER A OG  1 
ATOM   298  N  N   . HIS A 1 62  ? 10.112  11.075  -1.130  1.00 56.33  ? 62   HIS A N   1 
ATOM   299  C  CA  . HIS A 1 62  ? 11.311  10.812  -0.359  1.00 57.17  ? 62   HIS A CA  1 
ATOM   300  C  C   . HIS A 1 62  ? 11.813  9.387   -0.649  1.00 55.75  ? 62   HIS A C   1 
ATOM   301  O  O   . HIS A 1 62  ? 12.949  9.167   -1.108  1.00 55.01  ? 62   HIS A O   1 
ATOM   302  C  CB  . HIS A 1 62  ? 10.900  10.970  1.123   1.00 59.65  ? 62   HIS A CB  1 
ATOM   303  C  CG  . HIS A 1 62  ? 9.451   10.579  1.428   1.00 64.91  ? 62   HIS A CG  1 
ATOM   304  N  ND1 . HIS A 1 62  ? 8.547   11.446  2.018   1.00 70.03  ? 62   HIS A ND1 1 
ATOM   305  C  CD2 . HIS A 1 62  ? 8.781   9.407   1.270   1.00 65.24  ? 62   HIS A CD2 1 
ATOM   306  C  CE1 . HIS A 1 62  ? 7.388   10.832  2.191   1.00 69.78  ? 62   HIS A CE1 1 
ATOM   307  N  NE2 . HIS A 1 62  ? 7.507   9.593   1.753   1.00 68.94  ? 62   HIS A NE2 1 
ATOM   308  N  N   . SER A 1 63  ? 10.923  8.426   -0.403  1.00 54.16  ? 63   SER A N   1 
ATOM   309  C  CA  . SER A 1 63  ? 11.108  6.997   -0.676  1.00 52.01  ? 63   SER A CA  1 
ATOM   310  C  C   . SER A 1 63  ? 10.606  6.699   -2.074  1.00 49.98  ? 63   SER A C   1 
ATOM   311  O  O   . SER A 1 63  ? 10.368  7.605   -2.869  1.00 49.24  ? 63   SER A O   1 
ATOM   312  C  CB  . SER A 1 63  ? 10.237  6.193   0.292   1.00 52.42  ? 63   SER A CB  1 
ATOM   313  O  OG  . SER A 1 63  ? 8.870   6.572   0.106   1.00 53.86  ? 63   SER A OG  1 
ATOM   314  N  N   . ASP A 1 64  ? 10.409  5.414   -2.360  1.00 48.00  ? 64   ASP A N   1 
ATOM   315  C  CA  . ASP A 1 64  ? 9.754   4.979   -3.605  1.00 46.40  ? 64   ASP A CA  1 
ATOM   316  C  C   . ASP A 1 64  ? 8.266   5.410   -3.751  1.00 44.97  ? 64   ASP A C   1 
ATOM   317  O  O   . ASP A 1 64  ? 7.684   5.291   -4.833  1.00 45.61  ? 64   ASP A O   1 
ATOM   318  C  CB  . ASP A 1 64  ? 9.938   3.471   -3.813  1.00 46.15  ? 64   ASP A CB  1 
ATOM   319  C  CG  . ASP A 1 64  ? 9.180   2.616   -2.806  1.00 44.79  ? 64   ASP A CG  1 
ATOM   320  O  OD1 . ASP A 1 64  ? 8.398   3.096   -1.922  1.00 43.92  ? 64   ASP A OD1 1 
ATOM   321  O  OD2 . ASP A 1 64  ? 9.402   1.405   -2.915  1.00 44.79  ? 64   ASP A OD2 1 
ATOM   322  N  N   . GLY A 1 65  ? 7.666   5.897   -2.667  1.00 42.30  ? 65   GLY A N   1 
ATOM   323  C  CA  . GLY A 1 65  ? 6.397   6.580   -2.758  1.00 40.80  ? 65   GLY A CA  1 
ATOM   324  C  C   . GLY A 1 65  ? 5.223   5.631   -2.920  1.00 39.40  ? 65   GLY A C   1 
ATOM   325  O  O   . GLY A 1 65  ? 4.202   6.023   -3.444  1.00 38.82  ? 65   GLY A O   1 
ATOM   326  N  N   . ASP A 1 66  ? 5.410   4.394   -2.470  1.00 38.74  ? 66   ASP A N   1 
ATOM   327  C  CA  . ASP A 1 66  ? 4.398   3.334   -2.497  1.00 38.53  ? 66   ASP A CA  1 
ATOM   328  C  C   . ASP A 1 66  ? 3.334   3.624   -1.465  1.00 37.75  ? 66   ASP A C   1 
ATOM   329  O  O   . ASP A 1 66  ? 3.465   3.331   -0.268  1.00 36.17  ? 66   ASP A O   1 
ATOM   330  C  CB  . ASP A 1 66  ? 5.024   1.942   -2.205  1.00 37.99  ? 66   ASP A CB  1 
ATOM   331  C  CG  . ASP A 1 66  ? 4.246   0.812   -2.824  1.00 38.10  ? 66   ASP A CG  1 
ATOM   332  O  OD1 . ASP A 1 66  ? 2.974   0.748   -2.681  1.00 35.88  ? 66   ASP A OD1 1 
ATOM   333  O  OD2 . ASP A 1 66  ? 4.915   -0.045  -3.442  1.00 39.05  ? 66   ASP A OD2 1 
ATOM   334  N  N   . VAL A 1 67  ? 2.261   4.188   -1.965  1.00 37.96  ? 67   VAL A N   1 
ATOM   335  C  CA  . VAL A 1 67  ? 1.083   4.493   -1.166  1.00 37.41  ? 67   VAL A CA  1 
ATOM   336  C  C   . VAL A 1 67  ? 0.465   3.210   -0.552  1.00 36.80  ? 67   VAL A C   1 
ATOM   337  O  O   . VAL A 1 67  ? -0.014  3.222   0.619   1.00 36.09  ? 67   VAL A O   1 
ATOM   338  C  CB  . VAL A 1 67  ? 0.109   5.385   -1.975  1.00 37.41  ? 67   VAL A CB  1 
ATOM   339  C  CG1 . VAL A 1 67  ? -0.963  5.742   -1.191  1.00 42.10  ? 67   VAL A CG1 1 
ATOM   340  C  CG2 . VAL A 1 67  ? 0.763   6.729   -2.274  1.00 36.55  ? 67   VAL A CG2 1 
ATOM   341  N  N   . ILE A 1 68  ? 0.540   2.092   -1.292  1.00 37.08  ? 68   ILE A N   1 
ATOM   342  C  CA  . ILE A 1 68  ? -0.028  0.829   -0.788  1.00 36.31  ? 68   ILE A CA  1 
ATOM   343  C  C   . ILE A 1 68  ? 0.810   0.237   0.336   1.00 37.14  ? 68   ILE A C   1 
ATOM   344  O  O   . ILE A 1 68  ? 0.253   -0.087  1.348   1.00 36.92  ? 68   ILE A O   1 
ATOM   345  C  CB  . ILE A 1 68  ? -0.273  -0.268  -1.868  1.00 36.12  ? 68   ILE A CB  1 
ATOM   346  C  CG1 . ILE A 1 68  ? -1.292  0.169   -2.907  1.00 35.67  ? 68   ILE A CG1 1 
ATOM   347  C  CG2 . ILE A 1 68  ? -0.699  -1.671  -1.186  1.00 36.24  ? 68   ILE A CG2 1 
ATOM   348  C  CD1 . ILE A 1 68  ? -1.493  -0.874  -4.000  1.00 33.03  ? 68   ILE A CD1 1 
ATOM   349  N  N   . PHE A 1 69  ? 2.128   0.056   0.130   1.00 37.15  ? 69   PHE A N   1 
ATOM   350  C  CA  . PHE A 1 69  ? 3.000   -0.545  1.143   1.00 37.76  ? 69   PHE A CA  1 
ATOM   351  C  C   . PHE A 1 69  ? 3.083   0.376   2.360   1.00 38.12  ? 69   PHE A C   1 
ATOM   352  O  O   . PHE A 1 69  ? 3.087   -0.074  3.476   1.00 38.87  ? 69   PHE A O   1 
ATOM   353  C  CB  . PHE A 1 69  ? 4.412   -0.869  0.586   1.00 37.49  ? 69   PHE A CB  1 
ATOM   354  C  CG  . PHE A 1 69  ? 4.469   -2.108  -0.285  1.00 35.92  ? 69   PHE A CG  1 
ATOM   355  C  CD1 . PHE A 1 69  ? 3.318   -2.816  -0.610  1.00 33.67  ? 69   PHE A CD1 1 
ATOM   356  C  CD2 . PHE A 1 69  ? 5.691   -2.550  -0.802  1.00 37.20  ? 69   PHE A CD2 1 
ATOM   357  C  CE1 . PHE A 1 69  ? 3.370   -3.957  -1.438  1.00 36.95  ? 69   PHE A CE1 1 
ATOM   358  C  CE2 . PHE A 1 69  ? 5.772   -3.725  -1.630  1.00 36.60  ? 69   PHE A CE2 1 
ATOM   359  C  CZ  . PHE A 1 69  ? 4.607   -4.429  -1.938  1.00 36.43  ? 69   PHE A CZ  1 
ATOM   360  N  N   . HIS A 1 70  ? 3.120   1.675   2.140   1.00 38.23  ? 70   HIS A N   1 
ATOM   361  C  CA  . HIS A 1 70  ? 3.138   2.588   3.269   1.00 38.15  ? 70   HIS A CA  1 
ATOM   362  C  C   . HIS A 1 70  ? 1.909   2.517   4.148   1.00 36.38  ? 70   HIS A C   1 
ATOM   363  O  O   . HIS A 1 70  ? 2.029   2.441   5.362   1.00 36.40  ? 70   HIS A O   1 
ATOM   364  C  CB  . HIS A 1 70  ? 3.381   4.022   2.795   1.00 39.14  ? 70   HIS A CB  1 
ATOM   365  C  CG  . HIS A 1 70  ? 4.828   4.339   2.613   1.00 43.41  ? 70   HIS A CG  1 
ATOM   366  N  ND1 . HIS A 1 70  ? 5.462   4.286   1.386   1.00 45.79  ? 70   HIS A ND1 1 
ATOM   367  C  CD2 . HIS A 1 70  ? 5.779   4.676   3.516   1.00 46.91  ? 70   HIS A CD2 1 
ATOM   368  C  CE1 . HIS A 1 70  ? 6.736   4.591   1.539   1.00 46.52  ? 70   HIS A CE1 1 
ATOM   369  N  NE2 . HIS A 1 70  ? 6.953   4.842   2.820   1.00 46.33  ? 70   HIS A NE2 1 
ATOM   370  N  N   . ALA A 1 71  ? 0.719   2.563   3.554   1.00 36.17  ? 71   ALA A N   1 
ATOM   371  C  CA  . ALA A 1 71  ? -0.517  2.561   4.341   1.00 34.34  ? 71   ALA A CA  1 
ATOM   372  C  C   . ALA A 1 71  ? -0.782  1.181   4.947   1.00 34.87  ? 71   ALA A C   1 
ATOM   373  O  O   . ALA A 1 71  ? -1.370  1.059   6.033   1.00 34.64  ? 71   ALA A O   1 
ATOM   374  C  CB  . ALA A 1 71  ? -1.641  2.978   3.516   1.00 34.39  ? 71   ALA A CB  1 
ATOM   375  N  N   . LEU A 1 72  ? -0.377  0.138   4.243   1.00 34.13  ? 72   LEU A N   1 
ATOM   376  C  CA  . LEU A 1 72  ? -0.502  -1.192  4.793   1.00 35.16  ? 72   LEU A CA  1 
ATOM   377  C  C   . LEU A 1 72  ? 0.438   -1.412  5.975   1.00 35.90  ? 72   LEU A C   1 
ATOM   378  O  O   . LEU A 1 72  ? 0.006   -1.906  7.031   1.00 36.66  ? 72   LEU A O   1 
ATOM   379  C  CB  . LEU A 1 72  ? -0.340  -2.269  3.717   1.00 34.35  ? 72   LEU A CB  1 
ATOM   380  C  CG  . LEU A 1 72  ? -0.311  -3.730  4.140   1.00 34.62  ? 72   LEU A CG  1 
ATOM   381  C  CD1 . LEU A 1 72  ? -1.566  -4.064  4.843   1.00 29.95  ? 72   LEU A CD1 1 
ATOM   382  C  CD2 . LEU A 1 72  ? -0.173  -4.563  2.839   1.00 34.22  ? 72   LEU A CD2 1 
ATOM   383  N  N   . VAL A 1 73  ? 1.705   -1.020  5.825   1.00 35.99  ? 73   VAL A N   1 
ATOM   384  C  CA  . VAL A 1 73  ? 2.609   -1.073  6.947   1.00 36.07  ? 73   VAL A CA  1 
ATOM   385  C  C   . VAL A 1 73  ? 2.021   -0.305  8.152   1.00 36.94  ? 73   VAL A C   1 
ATOM   386  O  O   . VAL A 1 73  ? 2.128   -0.743  9.267   1.00 38.12  ? 73   VAL A O   1 
ATOM   387  C  CB  . VAL A 1 73  ? 4.015   -0.537  6.541   1.00 35.85  ? 73   VAL A CB  1 
ATOM   388  C  CG1 . VAL A 1 73  ? 4.806   -0.071  7.740   1.00 35.79  ? 73   VAL A CG1 1 
ATOM   389  C  CG2 . VAL A 1 73  ? 4.788   -1.616  5.783   1.00 35.42  ? 73   VAL A CG2 1 
ATOM   390  N  N   . ASP A 1 74  ? 1.424   0.847   7.918   1.00 37.23  ? 74   ASP A N   1 
ATOM   391  C  CA  . ASP A 1 74  ? 0.827   1.638   8.983   1.00 37.67  ? 74   ASP A CA  1 
ATOM   392  C  C   . ASP A 1 74  ? -0.356  0.977   9.612   1.00 36.55  ? 74   ASP A C   1 
ATOM   393  O  O   . ASP A 1 74  ? -0.542  1.047   10.792  1.00 36.63  ? 74   ASP A O   1 
ATOM   394  C  CB  . ASP A 1 74  ? 0.415   3.017   8.428   1.00 38.21  ? 74   ASP A CB  1 
ATOM   395  C  CG  . ASP A 1 74  ? 1.582   3.973   8.372   1.00 41.15  ? 74   ASP A CG  1 
ATOM   396  O  OD1 . ASP A 1 74  ? 2.677   3.564   8.835   1.00 40.48  ? 74   ASP A OD1 1 
ATOM   397  O  OD2 . ASP A 1 74  ? 1.398   5.119   7.905   1.00 42.19  ? 74   ASP A OD2 1 
ATOM   398  N  N   . ALA A 1 75  ? -1.161  0.322   8.803   1.00 36.11  ? 75   ALA A N   1 
ATOM   399  C  CA  . ALA A 1 75  ? -2.260  -0.458  9.319   1.00 35.89  ? 75   ALA A CA  1 
ATOM   400  C  C   . ALA A 1 75  ? -1.773  -1.568  10.325  1.00 36.48  ? 75   ALA A C   1 
ATOM   401  O  O   . ALA A 1 75  ? -2.372  -1.723  11.411  1.00 35.91  ? 75   ALA A O   1 
ATOM   402  C  CB  . ALA A 1 75  ? -3.052  -1.048  8.157   1.00 32.83  ? 75   ALA A CB  1 
ATOM   403  N  N   . LEU A 1 76  ? -0.738  -2.339  9.932   1.00 35.47  ? 76   LEU A N   1 
ATOM   404  C  CA  . LEU A 1 76  ? -0.226  -3.463  10.748  1.00 36.82  ? 76   LEU A CA  1 
ATOM   405  C  C   . LEU A 1 76  ? 0.438   -2.996  12.075  1.00 37.19  ? 76   LEU A C   1 
ATOM   406  O  O   . LEU A 1 76  ? 0.107   -3.509  13.127  1.00 36.96  ? 76   LEU A O   1 
ATOM   407  C  CB  . LEU A 1 76  ? 0.710   -4.399  9.915   1.00 37.19  ? 76   LEU A CB  1 
ATOM   408  C  CG  . LEU A 1 76  ? 0.101   -4.988  8.611   1.00 36.08  ? 76   LEU A CG  1 
ATOM   409  C  CD1 . LEU A 1 76  ? 1.196   -5.489  7.700   1.00 36.58  ? 76   LEU A CD1 1 
ATOM   410  C  CD2 . LEU A 1 76  ? -0.903  -6.127  8.907   1.00 34.52  ? 76   LEU A CD2 1 
ATOM   411  N  N   . LEU A 1 77  ? 1.312   -1.989  12.034  1.00 38.18  ? 77   LEU A N   1 
ATOM   412  C  CA  . LEU A 1 77  ? 1.742   -1.353  13.294  1.00 40.84  ? 77   LEU A CA  1 
ATOM   413  C  C   . LEU A 1 77  ? 0.601   -0.775  14.137  1.00 41.49  ? 77   LEU A C   1 
ATOM   414  O  O   . LEU A 1 77  ? 0.563   -1.006  15.325  1.00 43.25  ? 77   LEU A O   1 
ATOM   415  C  CB  . LEU A 1 77  ? 2.738   -0.244  13.055  1.00 40.15  ? 77   LEU A CB  1 
ATOM   416  C  CG  . LEU A 1 77  ? 3.810   -0.567  12.044  1.00 44.09  ? 77   LEU A CG  1 
ATOM   417  C  CD1 . LEU A 1 77  ? 4.663   0.654   11.808  1.00 43.49  ? 77   LEU A CD1 1 
ATOM   418  C  CD2 . LEU A 1 77  ? 4.597   -1.747  12.531  1.00 44.54  ? 77   LEU A CD2 1 
ATOM   419  N  N   . GLY A 1 78  ? -0.321  -0.022  13.550  1.00 41.79  ? 78   GLY A N   1 
ATOM   420  C  CA  . GLY A 1 78  ? -1.485  0.456   14.306  1.00 42.30  ? 78   GLY A CA  1 
ATOM   421  C  C   . GLY A 1 78  ? -2.223  -0.692  14.971  1.00 43.31  ? 78   GLY A C   1 
ATOM   422  O  O   . GLY A 1 78  ? -2.655  -0.587  16.112  1.00 42.23  ? 78   GLY A O   1 
ATOM   423  N  N   . GLY A 1 79  ? -2.347  -1.811  14.265  1.00 44.12  ? 79   GLY A N   1 
ATOM   424  C  CA  . GLY A 1 79  ? -2.978  -2.985  14.846  1.00 46.36  ? 79   GLY A CA  1 
ATOM   425  C  C   . GLY A 1 79  ? -2.283  -3.475  16.105  1.00 47.57  ? 79   GLY A C   1 
ATOM   426  O  O   . GLY A 1 79  ? -2.918  -4.077  16.979  1.00 47.52  ? 79   GLY A O   1 
ATOM   427  N  N   . MET A 1 80  ? -0.979  -3.199  16.182  1.00 47.85  ? 80   MET A N   1 
ATOM   428  C  CA  . MET A 1 80  ? -0.127  -3.669  17.244  1.00 49.37  ? 80   MET A CA  1 
ATOM   429  C  C   . MET A 1 80  ? 0.190   -2.546  18.238  1.00 50.99  ? 80   MET A C   1 
ATOM   430  O  O   . MET A 1 80  ? 0.963   -2.752  19.152  1.00 50.78  ? 80   MET A O   1 
ATOM   431  C  CB  . MET A 1 80  ? 1.171   -4.210  16.648  1.00 48.26  ? 80   MET A CB  1 
ATOM   432  C  CG  . MET A 1 80  ? 1.101   -5.572  16.014  1.00 46.69  ? 80   MET A CG  1 
ATOM   433  S  SD  . MET A 1 80  ? 2.753   -6.167  15.499  1.00 50.24  ? 80   MET A SD  1 
ATOM   434  C  CE  . MET A 1 80  ? 3.205   -5.100  14.126  1.00 41.13  ? 80   MET A CE  1 
ATOM   435  N  N   . SER A 1 81  ? -0.449  -1.388  18.067  1.00 53.91  ? 81   SER A N   1 
ATOM   436  C  CA  . SER A 1 81  ? -0.090  -0.121  18.747  1.00 56.82  ? 81   SER A CA  1 
ATOM   437  C  C   . SER A 1 81  ? 1.400   0.248   18.737  1.00 58.54  ? 81   SER A C   1 
ATOM   438  O  O   . SER A 1 81  ? 1.902   0.797   19.716  1.00 59.28  ? 81   SER A O   1 
ATOM   439  C  CB  . SER A 1 81  ? -0.691  0.009   20.178  1.00 57.01  ? 81   SER A CB  1 
ATOM   440  O  OG  . SER A 1 81  ? -2.110  -0.251  20.189  1.00 58.96  ? 81   SER A OG  1 
ATOM   441  N  N   . CYS A 1 82  ? 2.088   -0.061  17.639  1.00 60.55  ? 82   CYS A N   1 
ATOM   442  C  CA  . CYS A 1 82  ? 3.364   0.585   17.293  1.00 62.62  ? 82   CYS A CA  1 
ATOM   443  C  C   . CYS A 1 82  ? 3.120   1.770   16.339  1.00 64.04  ? 82   CYS A C   1 
ATOM   444  O  O   . CYS A 1 82  ? 1.968   2.017   15.906  1.00 64.79  ? 82   CYS A O   1 
ATOM   445  C  CB  . CYS A 1 82  ? 4.327   -0.413  16.649  1.00 62.34  ? 82   CYS A CB  1 
ATOM   446  S  SG  . CYS A 1 82  ? 4.528   -1.978  17.572  1.00 62.67  ? 82   CYS A SG  1 
ATOM   447  N  N   . SER A 1 83  ? 4.203   2.492   16.022  1.00 65.45  ? 83   SER A N   1 
ATOM   448  C  CA  . SER A 1 83  ? 4.200   3.713   15.171  1.00 65.89  ? 83   SER A CA  1 
ATOM   449  C  C   . SER A 1 83  ? 3.863   3.464   13.684  1.00 66.26  ? 83   SER A C   1 
ATOM   450  O  O   . SER A 1 83  ? 2.993   4.115   13.066  1.00 65.95  ? 83   SER A O   1 
ATOM   451  C  CB  . SER A 1 83  ? 5.578   4.380   15.256  1.00 66.53  ? 83   SER A CB  1 
ATOM   452  O  OG  . SER A 1 83  ? 6.091   4.373   16.587  1.00 67.67  ? 83   SER A OG  1 
ATOM   453  N  N   . LYS A 1 99  ? 14.358  3.322   1.272   1.00 65.29  ? 99   LYS A N   1 
ATOM   454  C  CA  . LYS A 1 99  ? 13.538  3.900   0.193   1.00 64.84  ? 99   LYS A CA  1 
ATOM   455  C  C   . LYS A 1 99  ? 12.594  2.833   -0.437  1.00 64.17  ? 99   LYS A C   1 
ATOM   456  O  O   . LYS A 1 99  ? 11.430  3.131   -0.730  1.00 63.30  ? 99   LYS A O   1 
ATOM   457  C  CB  . LYS A 1 99  ? 14.429  4.625   -0.842  1.00 64.74  ? 99   LYS A CB  1 
ATOM   458  N  N   . ASN A 1 100 ? 13.111  1.601   -0.605  1.00 63.40  ? 100  ASN A N   1 
ATOM   459  C  CA  . ASN A 1 100 ? 12.313  0.426   -0.991  1.00 62.38  ? 100  ASN A CA  1 
ATOM   460  C  C   . ASN A 1 100 ? 11.349  -0.017  0.144   1.00 61.25  ? 100  ASN A C   1 
ATOM   461  O  O   . ASN A 1 100 ? 11.798  -0.531  1.188   1.00 60.84  ? 100  ASN A O   1 
ATOM   462  C  CB  . ASN A 1 100 ? 13.228  -0.724  -1.430  1.00 62.94  ? 100  ASN A CB  1 
ATOM   463  C  CG  . ASN A 1 100 ? 12.458  -1.968  -1.880  1.00 63.16  ? 100  ASN A CG  1 
ATOM   464  O  OD1 . ASN A 1 100 ? 12.869  -3.093  -1.609  1.00 67.02  ? 100  ASN A OD1 1 
ATOM   465  N  ND2 . ASN A 1 100 ? 11.350  -1.769  -2.567  1.00 65.10  ? 100  ASN A ND2 1 
ATOM   466  N  N   . SER A 1 101 ? 10.034  0.206   -0.045  1.00 59.30  ? 101  SER A N   1 
ATOM   467  C  CA  . SER A 1 101 ? 9.106   -0.030  1.063   1.00 57.28  ? 101  SER A CA  1 
ATOM   468  C  C   . SER A 1 101 ? 8.661   -1.492  1.236   1.00 56.56  ? 101  SER A C   1 
ATOM   469  O  O   . SER A 1 101 ? 7.941   -1.824  2.200   1.00 55.91  ? 101  SER A O   1 
ATOM   470  C  CB  . SER A 1 101 ? 7.964   1.006   1.160   1.00 57.76  ? 101  SER A CB  1 
ATOM   471  O  OG  . SER A 1 101 ? 7.323   1.296   -0.053  1.00 55.60  ? 101  SER A OG  1 
ATOM   472  N  N   . LEU A 1 102 ? 9.142   -2.357  0.337   1.00 55.48  ? 102  LEU A N   1 
ATOM   473  C  CA  . LEU A 1 102 ? 9.081   -3.799  0.541   1.00 55.51  ? 102  LEU A CA  1 
ATOM   474  C  C   . LEU A 1 102 ? 9.879   -4.180  1.807   1.00 55.81  ? 102  LEU A C   1 
ATOM   475  O  O   . LEU A 1 102 ? 9.497   -5.075  2.548   1.00 55.92  ? 102  LEU A O   1 
ATOM   476  C  CB  . LEU A 1 102 ? 9.576   -4.570  -0.687  1.00 55.08  ? 102  LEU A CB  1 
ATOM   477  C  CG  . LEU A 1 102 ? 9.508   -6.108  -0.634  1.00 54.95  ? 102  LEU A CG  1 
ATOM   478  C  CD1 . LEU A 1 102 ? 8.098   -6.611  -0.329  1.00 52.99  ? 102  LEU A CD1 1 
ATOM   479  C  CD2 . LEU A 1 102 ? 10.077  -6.778  -1.916  1.00 54.94  ? 102  LEU A CD2 1 
ATOM   480  N  N   . SER A 1 103 ? 10.968  -3.462  2.049   1.00 55.78  ? 103  SER A N   1 
ATOM   481  C  CA  . SER A 1 103 ? 11.703  -3.577  3.290   1.00 56.06  ? 103  SER A CA  1 
ATOM   482  C  C   . SER A 1 103 ? 10.877  -3.339  4.532   1.00 54.79  ? 103  SER A C   1 
ATOM   483  O  O   . SER A 1 103 ? 10.977  -4.115  5.444   1.00 55.52  ? 103  SER A O   1 
ATOM   484  C  CB  . SER A 1 103 ? 12.938  -2.673  3.281   1.00 55.84  ? 103  SER A CB  1 
ATOM   485  O  OG  . SER A 1 103 ? 13.878  -3.300  2.436   1.00 59.82  ? 103  SER A OG  1 
ATOM   486  N  N   . PHE A 1 104 ? 10.076  -2.274  4.563   1.00 54.17  ? 104  PHE A N   1 
ATOM   487  C  CA  . PHE A 1 104 ? 9.143   -2.015  5.686   1.00 53.49  ? 104  PHE A CA  1 
ATOM   488  C  C   . PHE A 1 104 ? 8.116   -3.128  5.867   1.00 51.09  ? 104  PHE A C   1 
ATOM   489  O  O   . PHE A 1 104 ? 7.767   -3.498  6.980   1.00 51.81  ? 104  PHE A O   1 
ATOM   490  C  CB  . PHE A 1 104 ? 8.433   -0.646  5.545   1.00 53.22  ? 104  PHE A CB  1 
ATOM   491  C  CG  . PHE A 1 104 ? 9.167   0.481   6.215   1.00 55.25  ? 104  PHE A CG  1 
ATOM   492  N  N   . LEU A 1 105 ? 7.658   -3.670  4.762   1.00 49.94  ? 105  LEU A N   1 
ATOM   493  C  CA  . LEU A 1 105 ? 6.619   -4.664  4.771   1.00 48.87  ? 105  LEU A CA  1 
ATOM   494  C  C   . LEU A 1 105 ? 7.154   -5.997  5.307   1.00 48.42  ? 105  LEU A C   1 
ATOM   495  O  O   . LEU A 1 105 ? 6.492   -6.654  6.113   1.00 48.72  ? 105  LEU A O   1 
ATOM   496  C  CB  . LEU A 1 105 ? 5.997   -4.760  3.366   1.00 48.62  ? 105  LEU A CB  1 
ATOM   497  C  CG  . LEU A 1 105 ? 4.581   -5.323  3.321   1.00 47.64  ? 105  LEU A CG  1 
ATOM   498  C  CD1 . LEU A 1 105 ? 3.532   -4.504  4.171   1.00 40.80  ? 105  LEU A CD1 1 
ATOM   499  C  CD2 . LEU A 1 105 ? 4.201   -5.471  1.857   1.00 47.50  ? 105  LEU A CD2 1 
ATOM   500  N  N   . ARG A 1 106 ? 8.384   -6.353  4.941   1.00 48.33  ? 106  ARG A N   1 
ATOM   501  C  CA  . ARG A 1 106 ? 9.081   -7.493  5.591   1.00 47.63  ? 106  ARG A CA  1 
ATOM   502  C  C   . ARG A 1 106 ? 9.387   -7.343  7.065   1.00 46.92  ? 106  ARG A C   1 
ATOM   503  O  O   . ARG A 1 106 ? 9.297   -8.329  7.800   1.00 46.69  ? 106  ARG A O   1 
ATOM   504  C  CB  . ARG A 1 106 ? 10.360  -7.843  4.838   1.00 48.30  ? 106  ARG A CB  1 
ATOM   505  C  CG  . ARG A 1 106 ? 10.081  -8.341  3.428   1.00 48.71  ? 106  ARG A CG  1 
ATOM   506  C  CD  . ARG A 1 106 ? 11.307  -8.273  2.566   1.00 53.72  ? 106  ARG A CD  1 
ATOM   507  N  NE  . ARG A 1 106 ? 11.198  -9.114  1.378   1.00 57.87  ? 106  ARG A NE  1 
ATOM   508  C  CZ  . ARG A 1 106 ? 12.100  -9.108  0.398   1.00 61.50  ? 106  ARG A CZ  1 
ATOM   509  N  NH1 . ARG A 1 106 ? 11.955  -9.907  -0.661  1.00 60.93  ? 106  ARG A NH1 1 
ATOM   510  N  NH2 . ARG A 1 106 ? 13.143  -8.273  0.466   1.00 61.19  ? 106  ARG A NH2 1 
ATOM   511  N  N   . TYR A 1 107 ? 9.763   -6.133  7.519   1.00 46.92  ? 107  TYR A N   1 
ATOM   512  C  CA  . TYR A 1 107 ? 9.953   -5.889  8.981   1.00 46.12  ? 107  TYR A CA  1 
ATOM   513  C  C   . TYR A 1 107 ? 8.668   -6.048  9.766   0.50 43.53  ? 107  TYR A C   1 
ATOM   514  O  O   . TYR A 1 107 ? 8.655   -6.591  10.842  0.50 42.29  ? 107  TYR A O   1 
ATOM   515  C  CB  . TYR A 1 107 ? 10.496  -4.471  9.261   1.00 47.67  ? 107  TYR A CB  1 
ATOM   516  C  CG  . TYR A 1 107 ? 11.881  -4.195  8.723   1.00 51.33  ? 107  TYR A CG  1 
ATOM   517  C  CD1 . TYR A 1 107 ? 12.963  -5.056  8.982   0.50 50.94  ? 107  TYR A CD1 1 
ATOM   518  C  CD2 . TYR A 1 107 ? 12.127  -3.019  7.973   0.50 52.16  ? 107  TYR A CD2 1 
ATOM   519  C  CE1 . TYR A 1 107 ? 14.239  -4.768  8.478   0.50 52.02  ? 107  TYR A CE1 1 
ATOM   520  C  CE2 . TYR A 1 107 ? 13.390  -2.726  7.471   0.50 51.77  ? 107  TYR A CE2 1 
ATOM   521  C  CZ  . TYR A 1 107 ? 14.441  -3.597  7.726   0.50 51.78  ? 107  TYR A CZ  1 
ATOM   522  O  OH  . TYR A 1 107 ? 15.683  -3.282  7.222   0.50 52.28  ? 107  TYR A OH  1 
ATOM   523  N  N   . ALA A 1 108 ? 7.592   -5.526  9.209   1.00 42.56  ? 108  ALA A N   1 
ATOM   524  C  CA  . ALA A 1 108 ? 6.232   -5.683  9.771   1.00 42.45  ? 108  ALA A CA  1 
ATOM   525  C  C   . ALA A 1 108 ? 5.932   -7.148  9.947   1.00 42.43  ? 108  ALA A C   1 
ATOM   526  O  O   . ALA A 1 108 ? 5.446   -7.566  11.011  1.00 42.90  ? 108  ALA A O   1 
ATOM   527  C  CB  . ALA A 1 108 ? 5.179   -5.021  8.850   1.00 42.21  ? 108  ALA A CB  1 
ATOM   528  N  N   . ARG A 1 109 ? 6.270   -7.950  8.928   1.00 42.06  ? 109  ARG A N   1 
ATOM   529  C  CA  . ARG A 1 109 ? 6.177   -9.399  9.075   1.00 42.94  ? 109  ARG A CA  1 
ATOM   530  C  C   . ARG A 1 109 ? 6.887   -9.966  10.326  1.00 42.80  ? 109  ARG A C   1 
ATOM   531  O  O   . ARG A 1 109 ? 6.330   -10.813 11.000  1.00 42.89  ? 109  ARG A O   1 
ATOM   532  C  CB  . ARG A 1 109 ? 6.644   -10.143 7.812   1.00 42.65  ? 109  ARG A CB  1 
ATOM   533  C  CG  . ARG A 1 109 ? 6.527   -11.642 8.018   1.00 42.23  ? 109  ARG A CG  1 
ATOM   534  C  CD  . ARG A 1 109 ? 6.950   -12.363 6.827   1.00 42.27  ? 109  ARG A CD  1 
ATOM   535  N  NE  . ARG A 1 109 ? 6.634   -13.773 6.881   1.00 44.60  ? 109  ARG A NE  1 
ATOM   536  C  CZ  . ARG A 1 109 ? 6.986   -14.623 5.913   1.00 46.24  ? 109  ARG A CZ  1 
ATOM   537  N  NH1 . ARG A 1 109 ? 6.628   -15.900 5.993   1.00 39.35  ? 109  ARG A NH1 1 
ATOM   538  N  NH2 . ARG A 1 109 ? 7.682   -14.167 4.854   1.00 44.85  ? 109  ARG A NH2 1 
ATOM   539  N  N   . LEU A 1 110 ? 8.104   -9.480  10.612  1.00 43.15  ? 110  LEU A N   1 
ATOM   540  C  CA  . LEU A 1 110 ? 8.924   -9.908  11.766  1.00 43.37  ? 110  LEU A CA  1 
ATOM   541  C  C   . LEU A 1 110 ? 8.394   -9.315  13.093  1.00 43.34  ? 110  LEU A C   1 
ATOM   542  O  O   . LEU A 1 110 ? 8.298   -10.007 14.108  1.00 42.99  ? 110  LEU A O   1 
ATOM   543  C  CB  . LEU A 1 110 ? 10.399  -9.518  11.536  1.00 42.86  ? 110  LEU A CB  1 
ATOM   544  C  CG  . LEU A 1 110 ? 11.140  -10.289 10.427  1.00 45.33  ? 110  LEU A CG  1 
ATOM   545  C  CD1 . LEU A 1 110 ? 12.527  -9.719  10.148  1.00 44.93  ? 110  LEU A CD1 1 
ATOM   546  C  CD2 . LEU A 1 110 ? 11.250  -11.790 10.733  1.00 47.48  ? 110  LEU A CD2 1 
ATOM   547  N  N   . LEU A 1 111 ? 8.019   -8.039  13.068  1.00 42.88  ? 111  LEU A N   1 
ATOM   548  C  CA  . LEU A 1 111 ? 7.347   -7.443  14.210  1.00 42.98  ? 111  LEU A CA  1 
ATOM   549  C  C   . LEU A 1 111 ? 6.041   -8.150  14.643  1.00 41.95  ? 111  LEU A C   1 
ATOM   550  O  O   . LEU A 1 111 ? 5.876   -8.411  15.810  1.00 41.60  ? 111  LEU A O   1 
ATOM   551  C  CB  . LEU A 1 111 ? 7.171   -5.943  13.996  1.00 43.51  ? 111  LEU A CB  1 
ATOM   552  C  CG  . LEU A 1 111 ? 6.836   -5.178  15.287  1.00 48.57  ? 111  LEU A CG  1 
ATOM   553  C  CD1 . LEU A 1 111 ? 7.971   -5.221  16.377  1.00 48.30  ? 111  LEU A CD1 1 
ATOM   554  C  CD2 . LEU A 1 111 ? 6.489   -3.720  14.917  1.00 50.88  ? 111  LEU A CD2 1 
ATOM   555  N  N   . LEU A 1 112 ? 5.146   -8.483  13.714  1.00 42.19  ? 112  LEU A N   1 
ATOM   556  C  CA  . LEU A 1 112 ? 3.967   -9.335  13.977  1.00 42.44  ? 112  LEU A CA  1 
ATOM   557  C  C   . LEU A 1 112 ? 4.263   -10.686 14.644  1.00 43.88  ? 112  LEU A C   1 
ATOM   558  O  O   . LEU A 1 112 ? 3.665   -11.039 15.668  1.00 43.33  ? 112  LEU A O   1 
ATOM   559  C  CB  . LEU A 1 112 ? 3.181   -9.552  12.661  1.00 42.67  ? 112  LEU A CB  1 
ATOM   560  C  CG  . LEU A 1 112 ? 2.394   -8.359  12.061  1.00 42.40  ? 112  LEU A CG  1 
ATOM   561  C  CD1 . LEU A 1 112 ? 2.106   -8.552  10.591  1.00 42.23  ? 112  LEU A CD1 1 
ATOM   562  C  CD2 . LEU A 1 112 ? 1.092   -8.098  12.810  1.00 39.86  ? 112  LEU A CD2 1 
ATOM   563  N  N   . TYR A 1 113 ? 5.196   -11.454 14.062  1.00 46.02  ? 113  TYR A N   1 
ATOM   564  C  CA  . TYR A 1 113 ? 5.756   -12.636 14.717  1.00 47.27  ? 113  TYR A CA  1 
ATOM   565  C  C   . TYR A 1 113 ? 6.396   -12.337 16.109  1.00 48.10  ? 113  TYR A C   1 
ATOM   566  O  O   . TYR A 1 113 ? 6.093   -13.041 17.069  1.00 47.34  ? 113  TYR A O   1 
ATOM   567  C  CB  . TYR A 1 113 ? 6.711   -13.397 13.772  1.00 49.08  ? 113  TYR A CB  1 
ATOM   568  C  CG  . TYR A 1 113 ? 7.590   -14.417 14.475  1.00 50.18  ? 113  TYR A CG  1 
ATOM   569  C  CD1 . TYR A 1 113 ? 7.221   -15.760 14.539  1.00 48.90  ? 113  TYR A CD1 1 
ATOM   570  C  CD2 . TYR A 1 113 ? 8.782   -14.011 15.120  1.00 51.91  ? 113  TYR A CD2 1 
ATOM   571  C  CE1 . TYR A 1 113 ? 8.029   -16.684 15.212  1.00 50.34  ? 113  TYR A CE1 1 
ATOM   572  C  CE2 . TYR A 1 113 ? 9.586   -14.907 15.801  1.00 52.19  ? 113  TYR A CE2 1 
ATOM   573  C  CZ  . TYR A 1 113 ? 9.200   -16.249 15.841  1.00 52.86  ? 113  TYR A CZ  1 
ATOM   574  O  OH  . TYR A 1 113 ? 10.025  -17.148 16.523  1.00 56.42  ? 113  TYR A OH  1 
ATOM   575  N  N   . LYS A 1 114 ? 7.253   -11.313 16.241  1.00 48.96  ? 114  LYS A N   1 
ATOM   576  C  CA  . LYS A 1 114 ? 7.811   -10.977 17.575  1.00 50.12  ? 114  LYS A CA  1 
ATOM   577  C  C   . LYS A 1 114 ? 6.718   -10.651 18.617  1.00 50.61  ? 114  LYS A C   1 
ATOM   578  O  O   . LYS A 1 114 ? 6.845   -11.017 19.796  1.00 49.75  ? 114  LYS A O   1 
ATOM   579  C  CB  . LYS A 1 114 ? 8.830   -9.828  17.544  1.00 50.62  ? 114  LYS A CB  1 
ATOM   580  C  CG  . LYS A 1 114 ? 10.122  -10.102 16.766  1.00 54.88  ? 114  LYS A CG  1 
ATOM   581  C  CD  . LYS A 1 114 ? 11.157  -11.060 17.444  1.00 58.27  ? 114  LYS A CD  1 
ATOM   582  C  CE  . LYS A 1 114 ? 12.345  -11.313 16.490  1.00 58.68  ? 114  LYS A CE  1 
ATOM   583  N  NZ  . LYS A 1 114 ? 13.718  -11.077 17.111  1.00 63.23  ? 114  LYS A NZ  1 
ATOM   584  N  N   . ARG A 1 115 ? 5.647   -9.985  18.177  1.00 50.31  ? 115  ARG A N   1 
ATOM   585  C  CA  . ARG A 1 115 ? 4.586   -9.574  19.085  1.00 50.43  ? 115  ARG A CA  1 
ATOM   586  C  C   . ARG A 1 115 ? 3.467   -10.576 19.203  1.00 50.25  ? 115  ARG A C   1 
ATOM   587  O  O   . ARG A 1 115 ? 2.491   -10.294 19.878  1.00 50.05  ? 115  ARG A O   1 
ATOM   588  C  CB  . ARG A 1 115 ? 4.015   -8.221  18.657  1.00 51.14  ? 115  ARG A CB  1 
ATOM   589  C  CG  . ARG A 1 115 ? 5.093   -7.117  18.586  1.00 53.56  ? 115  ARG A CG  1 
ATOM   590  C  CD  . ARG A 1 115 ? 4.542   -5.747  18.851  1.00 62.77  ? 115  ARG A CD  1 
ATOM   591  N  NE  . ARG A 1 115 ? 4.473   -5.484  20.293  1.00 69.97  ? 115  ARG A NE  1 
ATOM   592  C  CZ  . ARG A 1 115 ? 5.506   -5.094  21.047  1.00 74.28  ? 115  ARG A CZ  1 
ATOM   593  N  NH1 . ARG A 1 115 ? 5.325   -4.902  22.355  1.00 76.09  ? 115  ARG A NH1 1 
ATOM   594  N  NH2 . ARG A 1 115 ? 6.725   -4.901  20.516  1.00 74.22  ? 115  ARG A NH2 1 
ATOM   595  N  N   . ASN A 1 116 ? 3.589   -11.715 18.523  1.00 49.79  ? 116  ASN A N   1 
ATOM   596  C  CA  . ASN A 1 116 ? 2.630   -12.816 18.651  1.00 50.73  ? 116  ASN A CA  1 
ATOM   597  C  C   . ASN A 1 116 ? 1.250   -12.576 17.996  1.00 49.34  ? 116  ASN A C   1 
ATOM   598  O  O   . ASN A 1 116 ? 0.215   -13.018 18.507  1.00 47.75  ? 116  ASN A O   1 
ATOM   599  C  CB  . ASN A 1 116 ? 2.432   -13.130 20.138  1.00 52.96  ? 116  ASN A CB  1 
ATOM   600  C  CG  . ASN A 1 116 ? 2.602   -14.603 20.454  1.00 57.84  ? 116  ASN A CG  1 
ATOM   601  O  OD1 . ASN A 1 116 ? 1.805   -15.454 20.035  1.00 61.77  ? 116  ASN A OD1 1 
ATOM   602  N  ND2 . ASN A 1 116 ? 3.646   -14.911 21.230  1.00 64.78  ? 116  ASN A ND2 1 
ATOM   603  N  N   . TYR A 1 117 ? 1.244   -11.872 16.866  1.00 48.09  ? 117  TYR A N   1 
ATOM   604  C  CA  . TYR A 1 117 ? 0.006   -11.626 16.156  1.00 46.85  ? 117  TYR A CA  1 
ATOM   605  C  C   . TYR A 1 117 ? 0.039   -12.247 14.807  1.00 45.70  ? 117  TYR A C   1 
ATOM   606  O  O   . TYR A 1 117 ? 1.056   -12.258 14.166  1.00 46.33  ? 117  TYR A O   1 
ATOM   607  C  CB  . TYR A 1 117 ? -0.232  -10.149 15.929  1.00 47.22  ? 117  TYR A CB  1 
ATOM   608  C  CG  . TYR A 1 117 ? -0.707  -9.414  17.135  1.00 46.45  ? 117  TYR A CG  1 
ATOM   609  C  CD1 . TYR A 1 117 ? 0.160   -8.547  17.800  1.00 47.40  ? 117  TYR A CD1 1 
ATOM   610  C  CD2 . TYR A 1 117 ? -1.984  -9.597  17.630  1.00 46.36  ? 117  TYR A CD2 1 
ATOM   611  C  CE1 . TYR A 1 117 ? -0.228  -7.869  18.927  1.00 48.66  ? 117  TYR A CE1 1 
ATOM   612  C  CE2 . TYR A 1 117 ? -2.395  -8.911  18.788  1.00 48.61  ? 117  TYR A CE2 1 
ATOM   613  C  CZ  . TYR A 1 117 ? -1.489  -8.052  19.413  1.00 48.14  ? 117  TYR A CZ  1 
ATOM   614  O  OH  . TYR A 1 117 ? -1.809  -7.324  20.514  1.00 51.61  ? 117  TYR A OH  1 
ATOM   615  N  N   . ALA A 1 118 ? -1.108  -12.731 14.373  1.00 43.67  ? 118  ALA A N   1 
ATOM   616  C  CA  . ALA A 1 118 ? -1.271  -13.168 13.025  1.00 41.90  ? 118  ALA A CA  1 
ATOM   617  C  C   . ALA A 1 118 ? -2.238  -12.209 12.375  1.00 40.65  ? 118  ALA A C   1 
ATOM   618  O  O   . ALA A 1 118 ? -3.143  -11.669 13.040  1.00 39.02  ? 118  ALA A O   1 
ATOM   619  C  CB  . ALA A 1 118 ? -1.880  -14.536 13.011  1.00 42.50  ? 118  ALA A CB  1 
ATOM   620  N  N   . ILE A 1 119 ? -2.095  -12.074 11.058  1.00 38.85  ? 119  ILE A N   1 
ATOM   621  C  CA  . ILE A 1 119 ? -3.065  -11.351 10.259  1.00 38.31  ? 119  ILE A CA  1 
ATOM   622  C  C   . ILE A 1 119 ? -4.259  -12.253 10.012  1.00 37.71  ? 119  ILE A C   1 
ATOM   623  O  O   . ILE A 1 119 ? -4.080  -13.357 9.494   1.00 38.96  ? 119  ILE A O   1 
ATOM   624  C  CB  . ILE A 1 119 ? -2.416  -10.960 8.905   1.00 37.64  ? 119  ILE A CB  1 
ATOM   625  C  CG1 . ILE A 1 119 ? -1.295  -9.974  9.155   1.00 35.32  ? 119  ILE A CG1 1 
ATOM   626  C  CG2 . ILE A 1 119 ? -3.437  -10.479 7.885   1.00 37.64  ? 119  ILE A CG2 1 
ATOM   627  C  CD1 . ILE A 1 119 ? -0.338  -9.987  8.089   1.00 33.95  ? 119  ILE A CD1 1 
ATOM   628  N  N   . ALA A 1 120 ? -5.466  -11.814 10.370  1.00 36.98  ? 120  ALA A N   1 
ATOM   629  C  CA  . ALA A 1 120 ? -6.683  -12.438 9.792   1.00 35.43  ? 120  ALA A CA  1 
ATOM   630  C  C   . ALA A 1 120 ? -6.806  -12.116 8.270   1.00 35.32  ? 120  ALA A C   1 
ATOM   631  O  O   . ALA A 1 120 ? -6.791  -13.016 7.414   1.00 35.26  ? 120  ALA A O   1 
ATOM   632  C  CB  . ALA A 1 120 ? -7.890  -11.987 10.553  1.00 34.46  ? 120  ALA A CB  1 
ATOM   633  N  N   . ASN A 1 121 ? -6.912  -10.816 7.941   1.00 34.76  ? 121  ASN A N   1 
ATOM   634  C  CA  . ASN A 1 121 ? -6.920  -10.323 6.563   1.00 32.99  ? 121  ASN A CA  1 
ATOM   635  C  C   . ASN A 1 121 ? -6.573  -8.857  6.533   1.00 33.38  ? 121  ASN A C   1 
ATOM   636  O  O   . ASN A 1 121 ? -6.521  -8.209  7.580   1.00 33.39  ? 121  ASN A O   1 
ATOM   637  C  CB  . ASN A 1 121 ? -8.264  -10.580 5.823   1.00 32.68  ? 121  ASN A CB  1 
ATOM   638  C  CG  . ASN A 1 121 ? -9.405  -9.660  6.275   1.00 31.98  ? 121  ASN A CG  1 
ATOM   639  O  OD1 . ASN A 1 121 ? -9.740  -9.576  7.446   1.00 29.99  ? 121  ASN A OD1 1 
ATOM   640  N  ND2 . ASN A 1 121 ? -10.040 -9.017  5.312   1.00 31.61  ? 121  ASN A ND2 1 
ATOM   641  N  N   . VAL A 1 122 ? -6.333  -8.356  5.327   1.00 33.29  ? 122  VAL A N   1 
ATOM   642  C  CA  . VAL A 1 122 ? -6.117  -6.944  5.056   1.00 34.35  ? 122  VAL A CA  1 
ATOM   643  C  C   . VAL A 1 122 ? -6.999  -6.566  3.860   1.00 35.69  ? 122  VAL A C   1 
ATOM   644  O  O   . VAL A 1 122 ? -7.202  -7.375  2.922   1.00 35.50  ? 122  VAL A O   1 
ATOM   645  C  CB  . VAL A 1 122 ? -4.582  -6.586  4.709   1.00 34.48  ? 122  VAL A CB  1 
ATOM   646  C  CG1 . VAL A 1 122 ? -3.593  -7.014  5.805   1.00 33.75  ? 122  VAL A CG1 1 
ATOM   647  C  CG2 . VAL A 1 122 ? -4.131  -7.197  3.453   1.00 35.28  ? 122  VAL A CG2 1 
ATOM   648  N  N   . ASP A 1 123 ? -7.475  -5.327  3.857   1.00 36.49  ? 123  ASP A N   1 
ATOM   649  C  CA  . ASP A 1 123 ? -8.325  -4.828  2.786   1.00 37.63  ? 123  ASP A CA  1 
ATOM   650  C  C   . ASP A 1 123 ? -7.807  -3.440  2.384   1.00 37.26  ? 123  ASP A C   1 
ATOM   651  O  O   . ASP A 1 123 ? -7.699  -2.558  3.224   1.00 38.50  ? 123  ASP A O   1 
ATOM   652  C  CB  . ASP A 1 123 ? -9.845  -4.841  3.240   1.00 38.39  ? 123  ASP A CB  1 
ATOM   653  C  CG  . ASP A 1 123 ? -10.820 -4.571  2.076   1.00 42.04  ? 123  ASP A CG  1 
ATOM   654  O  OD1 . ASP A 1 123 ? -10.387 -3.985  1.050   1.00 48.28  ? 123  ASP A OD1 1 
ATOM   655  O  OD2 . ASP A 1 123 ? -12.021 -4.916  2.148   1.00 43.57  ? 123  ASP A OD2 1 
ATOM   656  N  N   . ILE A 1 124 ? -7.506  -3.227  1.102   1.00 36.98  ? 124  ILE A N   1 
ATOM   657  C  CA  . ILE A 1 124 ? -6.815  -2.001  0.629   1.00 36.31  ? 124  ILE A CA  1 
ATOM   658  C  C   . ILE A 1 124 ? -7.634  -1.249  -0.455  1.00 35.93  ? 124  ILE A C   1 
ATOM   659  O  O   . ILE A 1 124 ? -8.192  -1.823  -1.399  1.00 37.04  ? 124  ILE A O   1 
ATOM   660  C  CB  . ILE A 1 124 ? -5.336  -2.353  0.083   1.00 37.29  ? 124  ILE A CB  1 
ATOM   661  C  CG1 . ILE A 1 124 ? -4.443  -3.022  1.144   1.00 38.93  ? 124  ILE A CG1 1 
ATOM   662  C  CG2 . ILE A 1 124 ? -4.573  -1.134  -0.497  1.00 36.81  ? 124  ILE A CG2 1 
ATOM   663  C  CD1 . ILE A 1 124 ? -3.582  -4.083  0.573   1.00 38.57  ? 124  ILE A CD1 1 
ATOM   664  N  N   . ILE A 1 125 ? -7.718  0.051   -0.315  1.00 35.47  ? 125  ILE A N   1 
ATOM   665  C  CA  . ILE A 1 125 ? -8.345  0.860   -1.333  1.00 35.05  ? 125  ILE A CA  1 
ATOM   666  C  C   . ILE A 1 125 ? -7.326  1.899   -1.802  1.00 34.82  ? 125  ILE A C   1 
ATOM   667  O  O   . ILE A 1 125 ? -6.781  2.637   -1.001  1.00 35.98  ? 125  ILE A O   1 
ATOM   668  C  CB  . ILE A 1 125 ? -9.655  1.577   -0.828  1.00 34.24  ? 125  ILE A CB  1 
ATOM   669  C  CG1 . ILE A 1 125 ? -10.607 0.576   -0.175  1.00 33.36  ? 125  ILE A CG1 1 
ATOM   670  C  CG2 . ILE A 1 125 ? -10.362 2.381   -1.972  1.00 34.54  ? 125  ILE A CG2 1 
ATOM   671  C  CD1 . ILE A 1 125 ? -11.712 1.272   0.613   1.00 34.97  ? 125  ILE A CD1 1 
ATOM   672  N  N   . VAL A 1 126 ? -7.087  1.912   -3.113  1.00 35.98  ? 126  VAL A N   1 
ATOM   673  C  CA  . VAL A 1 126 ? -6.386  2.990   -3.826  1.00 34.76  ? 126  VAL A CA  1 
ATOM   674  C  C   . VAL A 1 126 ? -7.435  3.909   -4.430  1.00 34.81  ? 126  VAL A C   1 
ATOM   675  O  O   . VAL A 1 126 ? -8.371  3.442   -5.118  1.00 36.22  ? 126  VAL A O   1 
ATOM   676  C  CB  . VAL A 1 126 ? -5.463  2.412   -4.925  1.00 34.69  ? 126  VAL A CB  1 
ATOM   677  C  CG1 . VAL A 1 126 ? -4.761  3.567   -5.736  1.00 33.47  ? 126  VAL A CG1 1 
ATOM   678  C  CG2 . VAL A 1 126 ? -4.458  1.485   -4.284  1.00 32.60  ? 126  VAL A CG2 1 
ATOM   679  N  N   . ILE A 1 127 ? -7.339  5.188   -4.101  1.00 33.73  ? 127  ILE A N   1 
ATOM   680  C  CA  . ILE A 1 127 ? -8.135  6.198   -4.755  1.00 34.15  ? 127  ILE A CA  1 
ATOM   681  C  C   . ILE A 1 127 ? -7.212  6.983   -5.732  1.00 34.47  ? 127  ILE A C   1 
ATOM   682  O  O   . ILE A 1 127 ? -6.290  7.707   -5.329  1.00 33.31  ? 127  ILE A O   1 
ATOM   683  C  CB  . ILE A 1 127 ? -8.868  7.140   -3.736  1.00 34.20  ? 127  ILE A CB  1 
ATOM   684  C  CG1 . ILE A 1 127 ? -9.797  6.361   -2.792  1.00 34.67  ? 127  ILE A CG1 1 
ATOM   685  C  CG2 . ILE A 1 127 ? -9.759  8.218   -4.500  1.00 33.26  ? 127  ILE A CG2 1 
ATOM   686  C  CD1 . ILE A 1 127 ? -10.234 7.204   -1.573  1.00 34.89  ? 127  ILE A CD1 1 
ATOM   687  N  N   . ALA A 1 128 ? -7.437  6.782   -7.017  1.00 35.42  ? 128  ALA A N   1 
ATOM   688  C  CA  . ALA A 1 128 ? -6.528  7.271   -8.049  1.00 36.42  ? 128  ALA A CA  1 
ATOM   689  C  C   . ALA A 1 128 ? -7.315  7.319   -9.356  1.00 38.13  ? 128  ALA A C   1 
ATOM   690  O  O   . ALA A 1 128 ? -8.037  6.380   -9.718  1.00 37.47  ? 128  ALA A O   1 
ATOM   691  C  CB  . ALA A 1 128 ? -5.271  6.335   -8.197  1.00 35.81  ? 128  ALA A CB  1 
ATOM   692  N  N   . GLU A 1 129 ? -7.206  8.455   -10.036 1.00 39.90  ? 129  GLU A N   1 
ATOM   693  C  CA  . GLU A 1 129 ? -7.627  8.586   -11.423 1.00 41.52  ? 129  GLU A CA  1 
ATOM   694  C  C   . GLU A 1 129 ? -6.765  7.651   -12.349 1.00 41.18  ? 129  GLU A C   1 
ATOM   695  O  O   . GLU A 1 129 ? -7.264  6.876   -13.167 1.00 40.43  ? 129  GLU A O   1 
ATOM   696  C  CB  . GLU A 1 129 ? -7.419  10.053  -11.768 1.00 42.34  ? 129  GLU A CB  1 
ATOM   697  C  CG  . GLU A 1 129 ? -8.456  10.667  -12.623 1.00 44.92  ? 129  GLU A CG  1 
ATOM   698  C  CD  . GLU A 1 129 ? -9.878  10.431  -12.185 1.00 49.61  ? 129  GLU A CD  1 
ATOM   699  O  OE1 . GLU A 1 129 ? -10.224 10.626  -10.978 1.00 49.21  ? 129  GLU A OE1 1 
ATOM   700  O  OE2 . GLU A 1 129 ? -10.667 10.090  -13.114 1.00 52.07  ? 129  GLU A OE2 1 
ATOM   701  N  N   . VAL A 1 130 ? -5.449  7.740   -12.182 1.00 41.76  ? 130  VAL A N   1 
ATOM   702  C  CA  . VAL A 1 130 ? -4.524  6.796   -12.772 1.00 41.24  ? 130  VAL A CA  1 
ATOM   703  C  C   . VAL A 1 130 ? -3.491  6.481   -11.692 1.00 41.56  ? 130  VAL A C   1 
ATOM   704  O  O   . VAL A 1 130 ? -3.198  7.345   -10.856 1.00 41.25  ? 130  VAL A O   1 
ATOM   705  C  CB  . VAL A 1 130 ? -3.832  7.362   -14.074 1.00 41.72  ? 130  VAL A CB  1 
ATOM   706  C  CG1 . VAL A 1 130 ? -4.872  7.748   -15.103 1.00 39.19  ? 130  VAL A CG1 1 
ATOM   707  C  CG2 . VAL A 1 130 ? -2.863  8.536   -13.752 1.00 38.71  ? 130  VAL A CG2 1 
ATOM   708  N  N   . PRO A 1 131 ? -2.923  5.251   -11.703 1.00 41.52  ? 131  PRO A N   1 
ATOM   709  C  CA  . PRO A 1 131 ? -3.138  4.139   -12.654 1.00 41.67  ? 131  PRO A CA  1 
ATOM   710  C  C   . PRO A 1 131 ? -4.407  3.349   -12.326 1.00 42.10  ? 131  PRO A C   1 
ATOM   711  O  O   . PRO A 1 131 ? -4.849  3.342   -11.165 1.00 43.14  ? 131  PRO A O   1 
ATOM   712  C  CB  . PRO A 1 131 ? -1.949  3.254   -12.368 1.00 41.77  ? 131  PRO A CB  1 
ATOM   713  C  CG  . PRO A 1 131 ? -1.789  3.438   -10.841 1.00 40.94  ? 131  PRO A CG  1 
ATOM   714  C  CD  . PRO A 1 131 ? -1.946  4.894   -10.666 1.00 40.05  ? 131  PRO A CD  1 
ATOM   715  N  N   . LYS A 1 132 ? -4.970  2.685   -13.325 1.00 41.91  ? 132  LYS A N   1 
ATOM   716  C  CA  . LYS A 1 132 ? -5.967  1.628   -13.124 1.00 42.69  ? 132  LYS A CA  1 
ATOM   717  C  C   . LYS A 1 132 ? -5.389  0.564   -12.239 1.00 41.66  ? 132  LYS A C   1 
ATOM   718  O  O   . LYS A 1 132 ? -4.265  0.167   -12.413 1.00 42.05  ? 132  LYS A O   1 
ATOM   719  C  CB  . LYS A 1 132 ? -6.343  0.955   -14.447 1.00 41.87  ? 132  LYS A CB  1 
ATOM   720  C  CG  . LYS A 1 132 ? -7.417  1.668   -15.186 1.00 45.87  ? 132  LYS A CG  1 
ATOM   721  C  CD  . LYS A 1 132 ? -7.249  3.163   -15.165 1.00 49.95  ? 132  LYS A CD  1 
ATOM   722  C  CE  . LYS A 1 132 ? -8.603  3.821   -14.856 1.00 55.72  ? 132  LYS A CE  1 
ATOM   723  N  NZ  . LYS A 1 132 ? -8.785  3.961   -13.353 1.00 60.42  ? 132  LYS A NZ  1 
ATOM   724  N  N   . ILE A 1 133 ? -6.178  0.055   -11.329 1.00 41.90  ? 133  ILE A N   1 
ATOM   725  C  CA  . ILE A 1 133 ? -5.674  -1.003  -10.448 1.00 42.55  ? 133  ILE A CA  1 
ATOM   726  C  C   . ILE A 1 133 ? -5.865  -2.422  -11.022 1.00 41.70  ? 133  ILE A C   1 
ATOM   727  O  O   . ILE A 1 133 ? -5.063  -3.302  -10.790 1.00 42.99  ? 133  ILE A O   1 
ATOM   728  C  CB  . ILE A 1 133 ? -6.242  -0.845  -8.967  1.00 41.38  ? 133  ILE A CB  1 
ATOM   729  C  CG1 . ILE A 1 133 ? -5.483  0.238   -8.190  1.00 41.69  ? 133  ILE A CG1 1 
ATOM   730  C  CG2 . ILE A 1 133 ? -6.021  -2.077  -8.185  1.00 43.46  ? 133  ILE A CG2 1 
ATOM   731  C  CD1 . ILE A 1 133 ? -4.010  0.336   -8.536  1.00 41.32  ? 133  ILE A CD1 1 
ATOM   732  N  N   . SER A 1 134 ? -6.940  -2.641  -11.750 1.00 41.79  ? 134  SER A N   1 
ATOM   733  C  CA  . SER A 1 134 ? -7.288  -3.972  -12.273 1.00 41.95  ? 134  SER A CA  1 
ATOM   734  C  C   . SER A 1 134 ? -6.146  -4.740  -13.020 1.00 41.59  ? 134  SER A C   1 
ATOM   735  O  O   . SER A 1 134 ? -5.903  -5.914  -12.721 1.00 40.46  ? 134  SER A O   1 
ATOM   736  C  CB  . SER A 1 134 ? -8.495  -3.824  -13.205 1.00 42.78  ? 134  SER A CB  1 
ATOM   737  O  OG  . SER A 1 134 ? -9.533  -4.636  -12.727 1.00 45.27  ? 134  SER A OG  1 
ATOM   738  N  N   . PRO A 1 135 ? -5.474  -4.085  -14.010 1.00 41.29  ? 135  PRO A N   1 
ATOM   739  C  CA  . PRO A 1 135 ? -4.375  -4.761  -14.698 1.00 41.72  ? 135  PRO A CA  1 
ATOM   740  C  C   . PRO A 1 135 ? -3.281  -5.276  -13.790 1.00 41.77  ? 135  PRO A C   1 
ATOM   741  O  O   . PRO A 1 135 ? -2.816  -6.375  -14.036 1.00 43.99  ? 135  PRO A O   1 
ATOM   742  C  CB  . PRO A 1 135 ? -3.810  -3.714  -15.658 1.00 40.52  ? 135  PRO A CB  1 
ATOM   743  C  CG  . PRO A 1 135 ? -4.808  -2.694  -15.762 1.00 42.22  ? 135  PRO A CG  1 
ATOM   744  C  CD  . PRO A 1 135 ? -5.738  -2.754  -14.577 1.00 41.21  ? 135  PRO A CD  1 
ATOM   745  N  N   . ILE A 1 136 ? -2.904  -4.542  -12.730 1.00 41.71  ? 136  ILE A N   1 
ATOM   746  C  CA  . ILE A 1 136 ? -1.753  -4.941  -11.879 1.00 40.49  ? 136  ILE A CA  1 
ATOM   747  C  C   . ILE A 1 136 ? -2.187  -5.586  -10.534 1.00 40.68  ? 136  ILE A C   1 
ATOM   748  O  O   . ILE A 1 136 ? -1.352  -5.852  -9.661  1.00 40.84  ? 136  ILE A O   1 
ATOM   749  C  CB  . ILE A 1 136 ? -0.794  -3.737  -11.679 1.00 40.51  ? 136  ILE A CB  1 
ATOM   750  C  CG1 . ILE A 1 136 ? -1.526  -2.531  -11.059 1.00 39.98  ? 136  ILE A CG1 1 
ATOM   751  C  CG2 . ILE A 1 136 ? -0.254  -3.245  -13.024 1.00 40.87  ? 136  ILE A CG2 1 
ATOM   752  C  CD1 . ILE A 1 136 ? -0.564  -1.344  -10.604 1.00 40.00  ? 136  ILE A CD1 1 
ATOM   753  N  N   . ARG A 1 137 ? -3.497  -5.806  -10.380 1.00 40.44  ? 137  ARG A N   1 
ATOM   754  C  CA  A ARG A 1 137 ? -4.082  -6.248  -9.106  0.50 40.60  ? 137  ARG A CA  1 
ATOM   755  C  CA  B ARG A 1 137 ? -4.074  -6.229  -9.123  0.50 40.45  ? 137  ARG A CA  1 
ATOM   756  C  C   . ARG A 1 137 ? -3.555  -7.605  -8.695  1.00 40.36  ? 137  ARG A C   1 
ATOM   757  O  O   . ARG A 1 137 ? -3.109  -7.770  -7.530  1.00 39.03  ? 137  ARG A O   1 
ATOM   758  C  CB  A ARG A 1 137 ? -5.630  -6.290  -9.107  0.50 40.53  ? 137  ARG A CB  1 
ATOM   759  C  CB  B ARG A 1 137 ? -5.595  -6.218  -9.253  0.50 40.70  ? 137  ARG A CB  1 
ATOM   760  C  CG  A ARG A 1 137 ? -6.255  -6.808  -7.752  0.50 40.49  ? 137  ARG A CG  1 
ATOM   761  C  CG  B ARG A 1 137 ? -6.415  -6.524  -8.009  0.50 41.90  ? 137  ARG A CG  1 
ATOM   762  C  CD  A ARG A 1 137 ? -7.701  -7.416  -7.870  0.50 42.29  ? 137  ARG A CD  1 
ATOM   763  C  CD  B ARG A 1 137 ? -7.779  -6.988  -8.507  0.50 45.33  ? 137  ARG A CD  1 
ATOM   764  N  NE  A ARG A 1 137 ? -7.771  -8.722  -8.564  0.50 44.36  ? 137  ARG A NE  1 
ATOM   765  N  NE  B ARG A 1 137 ? -8.857  -6.812  -7.549  0.50 45.48  ? 137  ARG A NE  1 
ATOM   766  C  CZ  A ARG A 1 137 ? -7.300  -9.879  -8.083  0.50 46.57  ? 137  ARG A CZ  1 
ATOM   767  C  CZ  B ARG A 1 137 ? -9.818  -5.900  -7.668  0.50 48.88  ? 137  ARG A CZ  1 
ATOM   768  N  NH1 A ARG A 1 137 ? -7.415  -10.991 -8.797  0.50 46.93  ? 137  ARG A NH1 1 
ATOM   769  N  NH1 B ARG A 1 137 ? -10.783 -5.824  -6.747  0.50 49.08  ? 137  ARG A NH1 1 
ATOM   770  N  NH2 A ARG A 1 137 ? -6.687  -9.939  -6.901  0.50 46.46  ? 137  ARG A NH2 1 
ATOM   771  N  NH2 B ARG A 1 137 ? -9.824  -5.071  -8.711  0.50 49.18  ? 137  ARG A NH2 1 
ATOM   772  N  N   . GLU A 1 138 ? -3.611  -8.581  -9.613  1.00 39.80  ? 138  GLU A N   1 
ATOM   773  C  CA  . GLU A 1 138 ? -3.086  -9.918  -9.261  1.00 41.94  ? 138  GLU A CA  1 
ATOM   774  C  C   . GLU A 1 138 ? -1.612  -9.858  -8.768  1.00 39.72  ? 138  GLU A C   1 
ATOM   775  O  O   . GLU A 1 138 ? -1.268  -10.498 -7.783  1.00 39.88  ? 138  GLU A O   1 
ATOM   776  C  CB  . GLU A 1 138 ? -3.299  -10.978 -10.376 1.00 42.13  ? 138  GLU A CB  1 
ATOM   777  C  CG  . GLU A 1 138 ? -4.749  -11.498 -10.517 1.00 45.66  ? 138  GLU A CG  1 
ATOM   778  C  CD  . GLU A 1 138 ? -4.929  -12.448 -11.730 1.00 45.63  ? 138  GLU A CD  1 
ATOM   779  N  N   . GLU A 1 139 ? -0.806  -9.021  -9.407  1.00 39.38  ? 139  GLU A N   1 
ATOM   780  C  CA  . GLU A 1 139 ? 0.607   -8.852  -9.079  1.00 40.71  ? 139  GLU A CA  1 
ATOM   781  C  C   . GLU A 1 139 ? 0.857   -8.231  -7.716  1.00 40.16  ? 139  GLU A C   1 
ATOM   782  O  O   . GLU A 1 139 ? 1.724   -8.698  -6.958  1.00 40.86  ? 139  GLU A O   1 
ATOM   783  C  CB  . GLU A 1 139 ? 1.295   -8.003  -10.135 1.00 40.85  ? 139  GLU A CB  1 
ATOM   784  C  CG  . GLU A 1 139 ? 2.775   -8.237  -10.236 1.00 41.75  ? 139  GLU A CG  1 
ATOM   785  C  CD  . GLU A 1 139 ? 3.465   -7.301  -11.266 1.00 44.74  ? 139  GLU A CD  1 
ATOM   786  O  OE1 . GLU A 1 139 ? 2.804   -6.909  -12.280 1.00 47.01  ? 139  GLU A OE1 1 
ATOM   787  O  OE2 . GLU A 1 139 ? 4.680   -6.973  -11.051 1.00 46.39  ? 139  GLU A OE2 1 
ATOM   788  N  N   . ILE A 1 140 ? 0.108   -7.178  -7.411  1.00 38.87  ? 140  ILE A N   1 
ATOM   789  C  CA  . ILE A 1 140 ? 0.243   -6.488  -6.149  1.00 37.02  ? 140  ILE A CA  1 
ATOM   790  C  C   . ILE A 1 140 ? -0.147  -7.438  -5.038  1.00 37.87  ? 140  ILE A C   1 
ATOM   791  O  O   . ILE A 1 140 ? 0.584   -7.544  -4.067  1.00 36.55  ? 140  ILE A O   1 
ATOM   792  C  CB  . ILE A 1 140 ? -0.660  -5.230  -6.105  1.00 36.83  ? 140  ILE A CB  1 
ATOM   793  C  CG1 . ILE A 1 140 ? -0.191  -4.234  -7.187  1.00 35.07  ? 140  ILE A CG1 1 
ATOM   794  C  CG2 . ILE A 1 140 ? -0.691  -4.630  -4.644  1.00 36.53  ? 140  ILE A CG2 1 
ATOM   795  C  CD1 . ILE A 1 140 ? -1.002  -2.964  -7.309  1.00 33.67  ? 140  ILE A CD1 1 
ATOM   796  N  N   . VAL A 1 141 ? -1.287  -8.128  -5.218  1.00 38.73  ? 141  VAL A N   1 
ATOM   797  C  CA  . VAL A 1 141 ? -1.820  -9.104  -4.264  1.00 39.81  ? 141  VAL A CA  1 
ATOM   798  C  C   . VAL A 1 141 ? -0.781  -10.203 -3.992  1.00 41.33  ? 141  VAL A C   1 
ATOM   799  O  O   . VAL A 1 141 ? -0.576  -10.592 -2.821  1.00 40.77  ? 141  VAL A O   1 
ATOM   800  C  CB  . VAL A 1 141 ? -3.235  -9.688  -4.700  1.00 40.60  ? 141  VAL A CB  1 
ATOM   801  C  CG1 . VAL A 1 141 ? -3.611  -10.893 -3.831  1.00 38.24  ? 141  VAL A CG1 1 
ATOM   802  C  CG2 . VAL A 1 141 ? -4.353  -8.635  -4.552  1.00 40.19  ? 141  VAL A CG2 1 
ATOM   803  N  N   . ARG A 1 142 ? -0.111  -10.664 -5.063  1.00 42.19  ? 142  ARG A N   1 
ATOM   804  C  CA  . ARG A 1 142 ? 1.014   -11.583 -4.930  1.00 43.73  ? 142  ARG A CA  1 
ATOM   805  C  C   . ARG A 1 142 ? 2.193   -10.995 -4.173  1.00 41.84  ? 142  ARG A C   1 
ATOM   806  O  O   . ARG A 1 142 ? 2.732   -11.660 -3.311  1.00 41.09  ? 142  ARG A O   1 
ATOM   807  C  CB  . ARG A 1 142 ? 1.462   -12.176 -6.282  1.00 44.34  ? 142  ARG A CB  1 
ATOM   808  C  CG  . ARG A 1 142 ? 0.697   -13.428 -6.667  1.00 46.71  ? 142  ARG A CG  1 
ATOM   809  C  CD  . ARG A 1 142 ? 1.182   -14.113 -7.999  1.00 48.23  ? 142  ARG A CD  1 
ATOM   810  N  NE  . ARG A 1 142 ? 0.507   -13.558 -9.190  1.00 60.01  ? 142  ARG A NE  1 
ATOM   811  C  CZ  . ARG A 1 142 ? 1.049   -12.665 -10.036 1.00 61.18  ? 142  ARG A CZ  1 
ATOM   812  N  NH1 . ARG A 1 142 ? 0.348   -12.222 -11.081 1.00 60.90  ? 142  ARG A NH1 1 
ATOM   813  N  NH2 . ARG A 1 142 ? 2.301   -12.228 -9.862  1.00 62.36  ? 142  ARG A NH2 1 
ATOM   814  N  N   . ASN A 1 143 ? 2.570   -9.749  -4.467  1.00 41.17  ? 143  ASN A N   1 
ATOM   815  C  CA  . ASN A 1 143 ? 3.623   -9.068  -3.707  1.00 40.47  ? 143  ASN A CA  1 
ATOM   816  C  C   . ASN A 1 143 ? 3.344   -8.904  -2.201  1.00 40.16  ? 143  ASN A C   1 
ATOM   817  O  O   . ASN A 1 143 ? 4.268   -9.045  -1.372  1.00 39.35  ? 143  ASN A O   1 
ATOM   818  C  CB  . ASN A 1 143 ? 3.931   -7.711  -4.304  1.00 39.51  ? 143  ASN A CB  1 
ATOM   819  C  CG  . ASN A 1 143 ? 4.509   -7.816  -5.675  1.00 42.05  ? 143  ASN A CG  1 
ATOM   820  O  OD1 . ASN A 1 143 ? 4.847   -8.920  -6.126  1.00 43.64  ? 143  ASN A OD1 1 
ATOM   821  N  ND2 . ASN A 1 143 ? 4.630   -6.676  -6.367  1.00 37.00  ? 143  ASN A ND2 1 
ATOM   822  N  N   . ILE A 1 144 ? 2.081   -8.608  -1.870  1.00 39.43  ? 144  ILE A N   1 
ATOM   823  C  CA  . ILE A 1 144 ? 1.656   -8.506  -0.476  1.00 40.34  ? 144  ILE A CA  1 
ATOM   824  C  C   . ILE A 1 144 ? 1.523   -9.870  0.233   1.00 40.01  ? 144  ILE A C   1 
ATOM   825  O  O   . ILE A 1 144 ? 2.002   -10.011 1.336   1.00 41.74  ? 144  ILE A O   1 
ATOM   826  C  CB  . ILE A 1 144 ? 0.310   -7.688  -0.306  1.00 39.94  ? 144  ILE A CB  1 
ATOM   827  C  CG1 . ILE A 1 144 ? 0.474   -6.217  -0.710  1.00 39.03  ? 144  ILE A CG1 1 
ATOM   828  C  CG2 . ILE A 1 144 ? -0.247  -7.838  1.143   1.00 37.04  ? 144  ILE A CG2 1 
ATOM   829  C  CD1 . ILE A 1 144 ? -0.758  -5.629  -1.252  1.00 32.68  ? 144  ILE A CD1 1 
ATOM   830  N  N   . SER A 1 145 ? 0.788   -10.820 -0.343  1.00 41.12  ? 145  SER A N   1 
ATOM   831  C  CA  . SER A 1 145 ? 0.756   -12.229 0.145   1.00 41.64  ? 145  SER A CA  1 
ATOM   832  C  C   . SER A 1 145 ? 2.138   -12.693 0.577   1.00 40.67  ? 145  SER A C   1 
ATOM   833  O  O   . SER A 1 145 ? 2.387   -13.048 1.718   1.00 40.20  ? 145  SER A O   1 
ATOM   834  C  CB  . SER A 1 145 ? 0.429   -13.181 -1.002  1.00 41.88  ? 145  SER A CB  1 
ATOM   835  O  OG  . SER A 1 145 ? -0.842  -13.025 -1.543  1.00 47.80  ? 145  SER A OG  1 
ATOM   836  N  N   . SER A 1 146 ? 3.002   -12.736 -0.419  1.00 40.57  ? 146  SER A N   1 
ATOM   837  C  CA  . SER A 1 146 ? 4.392   -13.153 -0.302  1.00 42.49  ? 146  SER A CA  1 
ATOM   838  C  C   . SER A 1 146 ? 5.179   -12.552 0.851   1.00 42.35  ? 146  SER A C   1 
ATOM   839  O  O   . SER A 1 146 ? 5.764   -13.266 1.695   1.00 42.42  ? 146  SER A O   1 
ATOM   840  C  CB  . SER A 1 146 ? 5.121   -12.775 -1.584  1.00 41.61  ? 146  SER A CB  1 
ATOM   841  O  OG  . SER A 1 146 ? 5.924   -13.839 -1.974  1.00 45.50  ? 146  SER A OG  1 
ATOM   842  N  N   . ALA A 1 147 ? 5.177   -11.222 0.877   1.00 42.45  ? 147  ALA A N   1 
ATOM   843  C  CA  . ALA A 1 147 ? 6.017   -10.454 1.771   1.00 41.44  ? 147  ALA A CA  1 
ATOM   844  C  C   . ALA A 1 147 ? 5.586   -10.611 3.220   1.00 42.42  ? 147  ALA A C   1 
ATOM   845  O  O   . ALA A 1 147 ? 6.425   -10.531 4.113   1.00 43.33  ? 147  ALA A O   1 
ATOM   846  C  CB  . ALA A 1 147 ? 6.006   -9.002  1.353   1.00 40.42  ? 147  ALA A CB  1 
ATOM   847  N  N   . LEU A 1 148 ? 4.291   -10.857 3.454   1.00 43.04  ? 148  LEU A N   1 
ATOM   848  C  CA  . LEU A 1 148 ? 3.764   -11.009 4.819   1.00 43.27  ? 148  LEU A CA  1 
ATOM   849  C  C   . LEU A 1 148 ? 3.558   -12.462 5.255   1.00 43.46  ? 148  LEU A C   1 
ATOM   850  O  O   . LEU A 1 148 ? 3.265   -12.716 6.419   1.00 44.66  ? 148  LEU A O   1 
ATOM   851  C  CB  . LEU A 1 148 ? 2.452   -10.219 4.997   1.00 43.12  ? 148  LEU A CB  1 
ATOM   852  C  CG  . LEU A 1 148 ? 2.627   -8.706  4.850   1.00 43.38  ? 148  LEU A CG  1 
ATOM   853  C  CD1 . LEU A 1 148 ? 1.269   -8.012  4.598   1.00 41.49  ? 148  LEU A CD1 1 
ATOM   854  C  CD2 . LEU A 1 148 ? 3.381   -8.095  6.061   1.00 41.68  ? 148  LEU A CD2 1 
ATOM   855  N  N   . GLY A 1 149 ? 3.723   -13.393 4.315   1.00 43.21  ? 149  GLY A N   1 
ATOM   856  C  CA  . GLY A 1 149 ? 3.610   -14.805 4.576   1.00 42.35  ? 149  GLY A CA  1 
ATOM   857  C  C   . GLY A 1 149 ? 2.183   -15.227 4.836   1.00 42.59  ? 149  GLY A C   1 
ATOM   858  O  O   . GLY A 1 149 ? 1.945   -16.009 5.755   1.00 42.18  ? 149  GLY A O   1 
ATOM   859  N  N   . ILE A 1 150 ? 1.248   -14.700 4.033   1.00 41.60  ? 150  ILE A N   1 
ATOM   860  C  CA  . ILE A 1 150 ? -0.174  -15.025 4.132   1.00 41.23  ? 150  ILE A CA  1 
ATOM   861  C  C   . ILE A 1 150 ? -0.636  -15.423 2.735   1.00 41.23  ? 150  ILE A C   1 
ATOM   862  O  O   . ILE A 1 150 ? 0.100   -15.263 1.773   1.00 41.41  ? 150  ILE A O   1 
ATOM   863  C  CB  . ILE A 1 150 ? -1.006  -13.813 4.684   1.00 41.57  ? 150  ILE A CB  1 
ATOM   864  C  CG1 . ILE A 1 150 ? -0.940  -12.599 3.714   1.00 40.49  ? 150  ILE A CG1 1 
ATOM   865  C  CG2 . ILE A 1 150 ? -0.517  -13.418 6.099   1.00 40.69  ? 150  ILE A CG2 1 
ATOM   866  C  CD1 . ILE A 1 150 ? -1.605  -11.276 4.229   1.00 41.01  ? 150  ILE A CD1 1 
ATOM   867  N  N   . SER A 1 151 ? -1.852  -15.920 2.599   1.00 41.81  ? 151  SER A N   1 
ATOM   868  C  CA  . SER A 1 151 ? -2.336  -16.260 1.281   1.00 42.69  ? 151  SER A CA  1 
ATOM   869  C  C   . SER A 1 151 ? -2.997  -15.100 0.603   1.00 43.41  ? 151  SER A C   1 
ATOM   870  O  O   . SER A 1 151 ? -3.409  -14.119 1.241   1.00 42.03  ? 151  SER A O   1 
ATOM   871  C  CB  . SER A 1 151 ? -3.284  -17.477 1.282   1.00 43.36  ? 151  SER A CB  1 
ATOM   872  O  OG  . SER A 1 151 ? -3.675  -17.794 2.588   1.00 43.52  ? 151  SER A OG  1 
ATOM   873  N  N   . GLU A 1 152 ? -3.097  -15.247 -0.715  1.00 44.44  ? 152  GLU A N   1 
ATOM   874  C  CA  . GLU A 1 152 ? -3.709  -14.269 -1.577  1.00 46.62  ? 152  GLU A CA  1 
ATOM   875  C  C   . GLU A 1 152 ? -5.152  -14.028 -1.171  1.00 45.60  ? 152  GLU A C   1 
ATOM   876  O  O   . GLU A 1 152 ? -5.672  -12.911 -1.327  1.00 45.84  ? 152  GLU A O   1 
ATOM   877  C  CB  . GLU A 1 152 ? -3.612  -14.735 -3.041  1.00 46.60  ? 152  GLU A CB  1 
ATOM   878  C  CG  . GLU A 1 152 ? -2.179  -14.905 -3.518  1.00 49.08  ? 152  GLU A CG  1 
ATOM   879  C  CD  . GLU A 1 152 ? -2.102  -15.199 -5.019  1.00 50.37  ? 152  GLU A CD  1 
ATOM   880  O  OE1 . GLU A 1 152 ? -2.855  -14.559 -5.782  1.00 57.97  ? 152  GLU A OE1 1 
ATOM   881  O  OE2 . GLU A 1 152 ? -1.289  -16.059 -5.444  1.00 57.98  ? 152  GLU A OE2 1 
ATOM   882  N  N   . SER A 1 153 ? -5.786  -15.069 -0.632  1.00 44.91  ? 153  SER A N   1 
ATOM   883  C  CA  . SER A 1 153 ? -7.172  -14.989 -0.121  1.00 45.37  ? 153  SER A CA  1 
ATOM   884  C  C   . SER A 1 153 ? -7.380  -14.171 1.195   1.00 43.92  ? 153  SER A C   1 
ATOM   885  O  O   . SER A 1 153 ? -8.515  -13.926 1.588   1.00 44.19  ? 153  SER A O   1 
ATOM   886  C  CB  . SER A 1 153 ? -7.768  -16.389 -0.007  1.00 44.99  ? 153  SER A CB  1 
ATOM   887  O  OG  . SER A 1 153 ? -7.204  -17.094 1.091   1.00 50.64  ? 153  SER A OG  1 
ATOM   888  N  N   . GLN A 1 154 ? -6.281  -13.769 1.848   1.00 42.56  ? 154  GLN A N   1 
ATOM   889  C  CA  . GLN A 1 154 ? -6.290  -12.871 3.014   1.00 41.37  ? 154  GLN A CA  1 
ATOM   890  C  C   . GLN A 1 154 ? -6.047  -11.400 2.668   1.00 39.89  ? 154  GLN A C   1 
ATOM   891  O  O   . GLN A 1 154 ? -5.928  -10.569 3.564   1.00 38.80  ? 154  GLN A O   1 
ATOM   892  C  CB  . GLN A 1 154 ? -5.236  -13.324 4.014   1.00 40.59  ? 154  GLN A CB  1 
ATOM   893  C  CG  . GLN A 1 154 ? -5.653  -14.567 4.744   1.00 42.13  ? 154  GLN A CG  1 
ATOM   894  C  CD  . GLN A 1 154 ? -4.553  -15.083 5.631   1.00 41.44  ? 154  GLN A CD  1 
ATOM   895  O  OE1 . GLN A 1 154 ? -3.634  -15.730 5.153   1.00 41.41  ? 154  GLN A OE1 1 
ATOM   896  N  NE2 . GLN A 1 154 ? -4.657  -14.821 6.933   1.00 38.33  ? 154  GLN A NE2 1 
ATOM   897  N  N   . VAL A 1 155 ? -5.888  -11.127 1.369   1.00 38.58  ? 155  VAL A N   1 
ATOM   898  C  CA  . VAL A 1 155 ? -5.602  -9.788  0.837   1.00 39.05  ? 155  VAL A CA  1 
ATOM   899  C  C   . VAL A 1 155 ? -6.696  -9.352  -0.137  1.00 39.08  ? 155  VAL A C   1 
ATOM   900  O  O   . VAL A 1 155 ? -7.036  -10.100 -1.075  1.00 40.13  ? 155  VAL A O   1 
ATOM   901  C  CB  . VAL A 1 155 ? -4.212  -9.729  0.070   1.00 39.42  ? 155  VAL A CB  1 
ATOM   902  C  CG1 . VAL A 1 155 ? -3.893  -8.270  -0.435  1.00 37.72  ? 155  VAL A CG1 1 
ATOM   903  C  CG2 . VAL A 1 155 ? -3.090  -10.312 0.908   1.00 37.04  ? 155  VAL A CG2 1 
ATOM   904  N  N   . SER A 1 156 ? -7.269  -8.172  0.088   1.00 38.79  ? 156  SER A N   1 
ATOM   905  C  CA  . SER A 1 156 ? -8.210  -7.569  -0.896  1.00 38.27  ? 156  SER A CA  1 
ATOM   906  C  C   . SER A 1 156 ? -7.732  -6.221  -1.312  1.00 36.80  ? 156  SER A C   1 
ATOM   907  O  O   . SER A 1 156 ? -7.298  -5.441  -0.495  1.00 36.18  ? 156  SER A O   1 
ATOM   908  C  CB  . SER A 1 156 ? -9.590  -7.345  -0.304  1.00 38.74  ? 156  SER A CB  1 
ATOM   909  O  OG  . SER A 1 156 ? -10.015 -8.549  0.206   1.00 42.24  ? 156  SER A OG  1 
ATOM   910  N  N   . LEU A 1 157 ? -7.865  -5.936  -2.584  1.00 36.64  ? 157  LEU A N   1 
ATOM   911  C  CA  . LEU A 1 157 ? -7.360  -4.728  -3.141  1.00 37.14  ? 157  LEU A CA  1 
ATOM   912  C  C   . LEU A 1 157 ? -8.371  -4.220  -4.156  1.00 36.77  ? 157  LEU A C   1 
ATOM   913  O  O   . LEU A 1 157 ? -8.911  -4.981  -4.910  1.00 36.37  ? 157  LEU A O   1 
ATOM   914  C  CB  . LEU A 1 157 ? -5.976  -4.952  -3.781  1.00 37.00  ? 157  LEU A CB  1 
ATOM   915  C  CG  . LEU A 1 157 ? -5.461  -3.725  -4.576  1.00 37.76  ? 157  LEU A CG  1 
ATOM   916  C  CD1 . LEU A 1 157 ? -5.404  -2.451  -3.725  1.00 38.31  ? 157  LEU A CD1 1 
ATOM   917  C  CD2 . LEU A 1 157 ? -4.118  -3.903  -5.343  1.00 37.68  ? 157  LEU A CD2 1 
ATOM   918  N  N   . LYS A 1 158 ? -8.638  -2.923  -4.122  1.00 37.52  ? 158  LYS A N   1 
ATOM   919  C  CA  . LYS A 1 158 ? -9.635  -2.293  -4.962  1.00 38.39  ? 158  LYS A CA  1 
ATOM   920  C  C   . LYS A 1 158 ? -9.189  -0.858  -5.272  1.00 38.04  ? 158  LYS A C   1 
ATOM   921  O  O   . LYS A 1 158 ? -8.624  -0.160  -4.395  1.00 37.99  ? 158  LYS A O   1 
ATOM   922  C  CB  . LYS A 1 158 ? -11.000 -2.298  -4.248  1.00 38.91  ? 158  LYS A CB  1 
ATOM   923  C  CG  . LYS A 1 158 ? -12.158 -1.819  -5.104  1.00 41.65  ? 158  LYS A CG  1 
ATOM   924  C  CD  . LYS A 1 158 ? -12.743 -2.925  -6.011  1.00 47.57  ? 158  LYS A CD  1 
ATOM   925  C  CE  . LYS A 1 158 ? -13.910 -2.417  -6.956  1.00 48.11  ? 158  LYS A CE  1 
ATOM   926  N  NZ  . LYS A 1 158 ? -13.619 -1.102  -7.648  1.00 53.38  ? 158  LYS A NZ  1 
ATOM   927  N  N   . GLY A 1 159 ? -9.422  -0.471  -6.530  1.00 37.93  ? 159  GLY A N   1 
ATOM   928  C  CA  . GLY A 1 159 ? -9.169  0.850   -7.100  1.00 37.38  ? 159  GLY A CA  1 
ATOM   929  C  C   . GLY A 1 159 ? -10.484 1.564   -7.358  1.00 38.08  ? 159  GLY A C   1 
ATOM   930  O  O   . GLY A 1 159 ? -11.472 0.964   -7.800  1.00 37.48  ? 159  GLY A O   1 
ATOM   931  N  N   . LYS A 1 160 ? -10.517 2.832   -6.972  1.00 38.73  ? 160  LYS A N   1 
ATOM   932  C  CA  . LYS A 1 160 ? -11.641 3.710   -7.217  1.00 39.48  ? 160  LYS A CA  1 
ATOM   933  C  C   . LYS A 1 160 ? -11.074 4.942   -7.863  1.00 38.99  ? 160  LYS A C   1 
ATOM   934  O  O   . LYS A 1 160 ? -9.971  5.323   -7.574  1.00 38.11  ? 160  LYS A O   1 
ATOM   935  C  CB  . LYS A 1 160 ? -12.323 4.049   -5.911  1.00 39.63  ? 160  LYS A CB  1 
ATOM   936  C  CG  . LYS A 1 160 ? -12.806 2.767   -5.136  1.00 43.20  ? 160  LYS A CG  1 
ATOM   937  C  CD  . LYS A 1 160 ? -14.079 2.158   -5.753  1.00 44.88  ? 160  LYS A CD  1 
ATOM   938  C  CE  . LYS A 1 160 ? -15.064 3.294   -6.135  1.00 44.38  ? 160  LYS A CE  1 
ATOM   939  N  NZ  . LYS A 1 160 ? -16.076 2.913   -7.153  1.00 45.31  ? 160  LYS A NZ  1 
ATOM   940  N  N   . THR A 1 161 ? -11.786 5.540   -8.803  1.00 41.07  ? 161  THR A N   1 
ATOM   941  C  CA  . THR A 1 161 ? -11.350 6.843   -9.306  1.00 42.94  ? 161  THR A CA  1 
ATOM   942  C  C   . THR A 1 161 ? -11.843 7.942   -8.309  1.00 43.90  ? 161  THR A C   1 
ATOM   943  O  O   . THR A 1 161 ? -12.594 7.648   -7.344  1.00 42.50  ? 161  THR A O   1 
ATOM   944  C  CB  . THR A 1 161 ? -11.685 7.063   -10.814 1.00 43.29  ? 161  THR A CB  1 
ATOM   945  O  OG1 . THR A 1 161 ? -13.052 7.423   -10.982 1.00 47.88  ? 161  THR A OG1 1 
ATOM   946  C  CG2 . THR A 1 161 ? -11.446 5.843   -11.595 1.00 41.53  ? 161  THR A CG2 1 
ATOM   947  N  N   . HIS A 1 162 ? -11.365 9.173   -8.466  1.00 44.25  ? 162  HIS A N   1 
ATOM   948  C  CA  . HIS A 1 162 ? -11.972 10.268  -7.725  1.00 44.89  ? 162  HIS A CA  1 
ATOM   949  C  C   . HIS A 1 162 ? -12.987 11.072  -8.553  1.00 44.97  ? 162  HIS A C   1 
ATOM   950  O  O   . HIS A 1 162 ? -13.275 12.210  -8.228  1.00 44.98  ? 162  HIS A O   1 
ATOM   951  C  CB  . HIS A 1 162 ? -10.918 11.172  -7.128  1.00 44.54  ? 162  HIS A CB  1 
ATOM   952  C  CG  . HIS A 1 162 ? -11.308 11.764  -5.818  1.00 47.68  ? 162  HIS A CG  1 
ATOM   953  N  ND1 . HIS A 1 162 ? -11.644 13.097  -5.672  1.00 48.67  ? 162  HIS A ND1 1 
ATOM   954  C  CD2 . HIS A 1 162 ? -11.422 11.205  -4.583  1.00 48.12  ? 162  HIS A CD2 1 
ATOM   955  C  CE1 . HIS A 1 162 ? -11.921 13.337  -4.403  1.00 47.99  ? 162  HIS A CE1 1 
ATOM   956  N  NE2 . HIS A 1 162 ? -11.771 12.214  -3.719  1.00 49.98  ? 162  HIS A NE2 1 
ATOM   957  N  N   . GLU A 1 163 ? -13.558 10.446  -9.585  1.00 47.09  ? 163  GLU A N   1 
ATOM   958  C  CA  . GLU A 1 163 ? -14.610 11.036  -10.466 1.00 47.99  ? 163  GLU A CA  1 
ATOM   959  C  C   . GLU A 1 163 ? -14.209 12.400  -11.041 1.00 48.61  ? 163  GLU A C   1 
ATOM   960  O  O   . GLU A 1 163 ? -15.053 13.305  -11.206 1.00 49.12  ? 163  GLU A O   1 
ATOM   961  C  CB  . GLU A 1 163 ? -15.989 11.104  -9.764  1.00 47.94  ? 163  GLU A CB  1 
ATOM   962  C  CG  . GLU A 1 163 ? -16.570 9.763   -9.328  1.00 49.45  ? 163  GLU A CG  1 
ATOM   963  C  CD  . GLU A 1 163 ? -16.706 8.760   -10.467 1.00 54.89  ? 163  GLU A CD  1 
ATOM   964  O  OE1 . GLU A 1 163 ? -17.815 8.603   -11.008 1.00 55.73  ? 163  GLU A OE1 1 
ATOM   965  O  OE2 . GLU A 1 163 ? -15.694 8.125   -10.840 1.00 59.22  ? 163  GLU A OE2 1 
ATOM   966  N  N   . GLN A 1 164 ? -12.907 12.519  -11.320 1.00 48.98  ? 164  GLN A N   1 
ATOM   967  C  CA  . GLN A 1 164 ? -12.244 13.721  -11.886 1.00 50.24  ? 164  GLN A CA  1 
ATOM   968  C  C   . GLN A 1 164 ? -12.265 14.967  -10.989 1.00 49.44  ? 164  GLN A C   1 
ATOM   969  O  O   . GLN A 1 164 ? -12.044 16.082  -11.454 1.00 49.52  ? 164  GLN A O   1 
ATOM   970  C  CB  . GLN A 1 164 ? -12.736 14.033  -13.311 1.00 50.09  ? 164  GLN A CB  1 
ATOM   971  C  CG  . GLN A 1 164 ? -12.488 12.933  -14.336 1.00 50.61  ? 164  GLN A CG  1 
ATOM   972  C  CD  . GLN A 1 164 ? -12.961 13.339  -15.732 1.00 54.18  ? 164  GLN A CD  1 
ATOM   973  O  OE1 . GLN A 1 164 ? -12.440 14.300  -16.331 1.00 58.92  ? 164  GLN A OE1 1 
ATOM   974  N  NE2 . GLN A 1 164 ? -13.965 12.624  -16.254 1.00 57.73  ? 164  GLN A NE2 1 
ATOM   975  N  N   . LEU A 1 165 ? -12.499 14.767  -9.696  1.00 48.83  ? 165  LEU A N   1 
ATOM   976  C  CA  . LEU A 1 165 ? -12.624 15.873  -8.749  1.00 48.64  ? 165  LEU A CA  1 
ATOM   977  C  C   . LEU A 1 165 ? -11.367 16.062  -7.918  1.00 47.26  ? 165  LEU A C   1 
ATOM   978  O  O   . LEU A 1 165 ? -10.773 15.100  -7.450  1.00 46.46  ? 165  LEU A O   1 
ATOM   979  C  CB  . LEU A 1 165 ? -13.803 15.604  -7.804  1.00 49.40  ? 165  LEU A CB  1 
ATOM   980  C  CG  . LEU A 1 165 ? -15.195 15.596  -8.431  1.00 50.81  ? 165  LEU A CG  1 
ATOM   981  C  CD1 . LEU A 1 165 ? -15.941 14.416  -7.921  1.00 52.35  ? 165  LEU A CD1 1 
ATOM   982  C  CD2 . LEU A 1 165 ? -15.922 16.902  -8.115  1.00 50.80  ? 165  LEU A CD2 1 
ATOM   983  N  N   . GLY A 1 166 ? -10.989 17.321  -7.718  1.00 47.16  ? 166  GLY A N   1 
ATOM   984  C  CA  . GLY A 1 166 ? -9.880  17.683  -6.834  1.00 46.45  ? 166  GLY A CA  1 
ATOM   985  C  C   . GLY A 1 166 ? -8.514  17.224  -7.342  1.00 45.81  ? 166  GLY A C   1 
ATOM   986  O  O   . GLY A 1 166 ? -8.407  16.633  -8.416  1.00 44.81  ? 166  GLY A O   1 
ATOM   987  N  N   . PRO A 1 167 ? -7.453  17.519  -6.575  1.00 45.58  ? 167  PRO A N   1 
ATOM   988  C  CA  . PRO A 1 167 ? -6.093  17.099  -6.920  1.00 45.57  ? 167  PRO A CA  1 
ATOM   989  C  C   . PRO A 1 167 ? -6.004  15.642  -7.366  1.00 46.02  ? 167  PRO A C   1 
ATOM   990  O  O   . PRO A 1 167 ? -5.303  15.409  -8.338  1.00 47.28  ? 167  PRO A O   1 
ATOM   991  C  CB  . PRO A 1 167 ? -5.290  17.338  -5.622  1.00 46.05  ? 167  PRO A CB  1 
ATOM   992  C  CG  . PRO A 1 167 ? -6.034  18.418  -4.912  1.00 45.56  ? 167  PRO A CG  1 
ATOM   993  C  CD  . PRO A 1 167 ? -7.502  18.305  -5.328  1.00 45.70  ? 167  PRO A CD  1 
ATOM   994  N  N   . VAL A 1 168 ? -6.712  14.685  -6.718  1.00 45.86  ? 168  VAL A N   1 
ATOM   995  C  CA  . VAL A 1 168 ? -6.659  13.279  -7.135  1.00 45.28  ? 168  VAL A CA  1 
ATOM   996  C  C   . VAL A 1 168 ? -7.368  13.083  -8.481  1.00 46.36  ? 168  VAL A C   1 
ATOM   997  O  O   . VAL A 1 168 ? -6.837  12.404  -9.392  1.00 47.40  ? 168  VAL A O   1 
ATOM   998  C  CB  . VAL A 1 168 ? -7.207  12.236  -6.059  1.00 45.82  ? 168  VAL A CB  1 
ATOM   999  C  CG1 . VAL A 1 168 ? -7.332  10.859  -6.661  1.00 41.40  ? 168  VAL A CG1 1 
ATOM   1000 C  CG2 . VAL A 1 168 ? -6.350  12.193  -4.775  1.00 43.18  ? 168  VAL A CG2 1 
ATOM   1001 N  N   . GLY A 1 169 ? -8.568  13.631  -8.610  1.00 45.95  ? 169  GLY A N   1 
ATOM   1002 C  CA  . GLY A 1 169 ? -9.274  13.609  -9.884  1.00 45.59  ? 169  GLY A CA  1 
ATOM   1003 C  C   . GLY A 1 169 ? -8.516  14.237  -11.057 1.00 46.38  ? 169  GLY A C   1 
ATOM   1004 O  O   . GLY A 1 169 ? -8.632  13.757  -12.183 1.00 47.26  ? 169  GLY A O   1 
ATOM   1005 N  N   . GLN A 1 170 ? -7.750  15.297  -10.807 1.00 46.31  ? 170  GLN A N   1 
ATOM   1006 C  CA  . GLN A 1 170 ? -6.934  15.943  -11.854 1.00 47.63  ? 170  GLN A CA  1 
ATOM   1007 C  C   . GLN A 1 170 ? -5.567  15.287  -12.116 1.00 48.10  ? 170  GLN A C   1 
ATOM   1008 O  O   . GLN A 1 170 ? -4.725  15.876  -12.833 1.00 47.65  ? 170  GLN A O   1 
ATOM   1009 C  CB  . GLN A 1 170 ? -6.623  17.377  -11.485 1.00 47.15  ? 170  GLN A CB  1 
ATOM   1010 C  CG  . GLN A 1 170 ? -7.775  18.252  -11.149 1.00 51.08  ? 170  GLN A CG  1 
ATOM   1011 C  CD  . GLN A 1 170 ? -7.264  19.505  -10.471 1.00 59.70  ? 170  GLN A CD  1 
ATOM   1012 O  OE1 . GLN A 1 170 ? -6.440  19.446  -9.508  1.00 64.06  ? 170  GLN A OE1 1 
ATOM   1013 N  NE2 . GLN A 1 170 ? -7.703  20.657  -10.972 1.00 60.64  ? 170  GLN A NE2 1 
ATOM   1014 N  N   . LYS A 1 171 ? -5.332  14.111  -11.510 1.00 47.98  ? 171  LYS A N   1 
ATOM   1015 C  CA  . LYS A 1 171 ? -4.075  13.331  -11.665 1.00 46.87  ? 171  LYS A CA  1 
ATOM   1016 C  C   . LYS A 1 171 ? -2.837  13.950  -10.998 1.00 46.68  ? 171  LYS A C   1 
ATOM   1017 O  O   . LYS A 1 171 ? -1.700  13.686  -11.416 1.00 47.69  ? 171  LYS A O   1 
ATOM   1018 C  CB  . LYS A 1 171 ? -3.809  13.005  -13.134 1.00 47.56  ? 171  LYS A CB  1 
ATOM   1019 C  CG  . LYS A 1 171 ? -4.920  12.176  -13.761 1.00 47.55  ? 171  LYS A CG  1 
ATOM   1020 C  CD  . LYS A 1 171 ? -5.183  12.517  -15.173 1.00 50.03  ? 171  LYS A CD  1 
ATOM   1021 C  CE  . LYS A 1 171 ? -5.536  11.255  -15.954 1.00 54.23  ? 171  LYS A CE  1 
ATOM   1022 N  NZ  . LYS A 1 171 ? -6.554  11.473  -17.013 1.00 56.10  ? 171  LYS A NZ  1 
ATOM   1023 N  N   . LYS A 1 172 ? -3.059  14.723  -9.936  1.00 44.76  ? 172  LYS A N   1 
ATOM   1024 C  CA  . LYS A 1 172 ? -2.013  15.385  -9.210  1.00 43.23  ? 172  LYS A CA  1 
ATOM   1025 C  C   . LYS A 1 172 ? -1.619  14.540  -8.015  1.00 42.64  ? 172  LYS A C   1 
ATOM   1026 O  O   . LYS A 1 172 ? -0.582  14.785  -7.413  1.00 41.65  ? 172  LYS A O   1 
ATOM   1027 C  CB  . LYS A 1 172 ? -2.493  16.733  -8.676  1.00 44.30  ? 172  LYS A CB  1 
ATOM   1028 C  CG  . LYS A 1 172 ? -2.845  17.837  -9.690  1.00 46.34  ? 172  LYS A CG  1 
ATOM   1029 C  CD  . LYS A 1 172 ? -1.985  17.838  -10.936 1.00 48.21  ? 172  LYS A CD  1 
ATOM   1030 C  CE  . LYS A 1 172 ? -2.194  19.147  -11.785 1.00 52.63  ? 172  LYS A CE  1 
ATOM   1031 N  NZ  . LYS A 1 172 ? -3.448  19.973  -11.471 1.00 55.79  ? 172  LYS A NZ  1 
ATOM   1032 N  N   . ALA A 1 173 ? -2.448  13.541  -7.666  1.00 41.14  ? 173  ALA A N   1 
ATOM   1033 C  CA  . ALA A 1 173 ? -2.225  12.792  -6.422  1.00 39.79  ? 173  ALA A CA  1 
ATOM   1034 C  C   . ALA A 1 173 ? -2.796  11.401  -6.478  1.00 38.16  ? 173  ALA A C   1 
ATOM   1035 O  O   . ALA A 1 173 ? -3.728  11.102  -7.223  1.00 37.10  ? 173  ALA A O   1 
ATOM   1036 C  CB  . ALA A 1 173 ? -2.801  13.535  -5.244  1.00 39.28  ? 173  ALA A CB  1 
ATOM   1037 N  N   . ILE A 1 174 ? -2.240  10.537  -5.654  1.00 37.58  ? 174  ILE A N   1 
ATOM   1038 C  CA  . ILE A 1 174 ? -2.892  9.252   -5.389  1.00 36.58  ? 174  ILE A CA  1 
ATOM   1039 C  C   . ILE A 1 174 ? -2.886  8.971   -3.910  1.00 35.89  ? 174  ILE A C   1 
ATOM   1040 O  O   . ILE A 1 174 ? -1.963  9.392   -3.221  1.00 34.16  ? 174  ILE A O   1 
ATOM   1041 C  CB  . ILE A 1 174 ? -2.209  8.118   -6.159  1.00 36.62  ? 174  ILE A CB  1 
ATOM   1042 C  CG1 . ILE A 1 174 ? -0.746  8.034   -5.779  1.00 36.37  ? 174  ILE A CG1 1 
ATOM   1043 C  CG2 . ILE A 1 174 ? -2.317  8.404   -7.668  1.00 37.26  ? 174  ILE A CG2 1 
ATOM   1044 C  CD1 . ILE A 1 174 ? -0.017  7.017   -6.554  1.00 44.54  ? 174  ILE A CD1 1 
ATOM   1045 N  N   . GLU A 1 175 ? -3.900  8.226   -3.434  1.00 35.82  ? 175  GLU A N   1 
ATOM   1046 C  CA  . GLU A 1 175 ? -3.996  7.868   -1.997  1.00 35.58  ? 175  GLU A CA  1 
ATOM   1047 C  C   . GLU A 1 175 ? -4.375  6.438   -1.769  1.00 34.02  ? 175  GLU A C   1 
ATOM   1048 O  O   . GLU A 1 175 ? -4.921  5.778   -2.633  1.00 33.58  ? 175  GLU A O   1 
ATOM   1049 C  CB  . GLU A 1 175 ? -5.082  8.671   -1.249  1.00 34.39  ? 175  GLU A CB  1 
ATOM   1050 C  CG  . GLU A 1 175 ? -5.586  9.863   -1.929  1.00 40.90  ? 175  GLU A CG  1 
ATOM   1051 C  CD  . GLU A 1 175 ? -6.760  10.457  -1.208  1.00 42.99  ? 175  GLU A CD  1 
ATOM   1052 O  OE1 . GLU A 1 175 ? -7.876  10.408  -1.732  1.00 44.32  ? 175  GLU A OE1 1 
ATOM   1053 O  OE2 . GLU A 1 175 ? -6.557  10.950  -0.106  1.00 47.63  ? 175  GLU A OE2 1 
ATOM   1054 N  N   . CYS A 1 176 ? -4.222  6.027   -0.531  1.00 34.13  ? 176  CYS A N   1 
ATOM   1055 C  CA  . CYS A 1 176 ? -4.535  4.688   -0.187  1.00 34.38  ? 176  CYS A CA  1 
ATOM   1056 C  C   . CYS A 1 176 ? -4.944  4.659   1.283   1.00 33.79  ? 176  CYS A C   1 
ATOM   1057 O  O   . CYS A 1 176 ? -4.310  5.260   2.117   1.00 34.10  ? 176  CYS A O   1 
ATOM   1058 C  CB  . CYS A 1 176 ? -3.302  3.789   -0.453  1.00 32.89  ? 176  CYS A CB  1 
ATOM   1059 S  SG  . CYS A 1 176 ? -3.539  2.116   0.018   1.00 36.91  ? 176  CYS A SG  1 
ATOM   1060 N  N   . PHE A 1 177 ? -6.008  3.909   1.541   1.00 34.40  ? 177  PHE A N   1 
ATOM   1061 C  CA  . PHE A 1 177 ? -6.540  3.582   2.839   1.00 32.93  ? 177  PHE A CA  1 
ATOM   1062 C  C   . PHE A 1 177 ? -6.371  2.078   2.964   1.00 33.03  ? 177  PHE A C   1 
ATOM   1063 O  O   . PHE A 1 177 ? -6.869  1.309   2.108   1.00 33.13  ? 177  PHE A O   1 
ATOM   1064 C  CB  . PHE A 1 177 ? -8.048  3.932   2.868   1.00 32.82  ? 177  PHE A CB  1 
ATOM   1065 C  CG  . PHE A 1 177 ? -8.326  5.406   2.995   1.00 30.42  ? 177  PHE A CG  1 
ATOM   1066 C  CD1 . PHE A 1 177 ? -8.394  5.996   4.255   1.00 30.50  ? 177  PHE A CD1 1 
ATOM   1067 C  CD2 . PHE A 1 177 ? -8.498  6.189   1.886   1.00 31.90  ? 177  PHE A CD2 1 
ATOM   1068 C  CE1 . PHE A 1 177 ? -8.631  7.347   4.436   1.00 27.45  ? 177  PHE A CE1 1 
ATOM   1069 C  CE2 . PHE A 1 177 ? -8.729  7.585   2.018   1.00 36.68  ? 177  PHE A CE2 1 
ATOM   1070 C  CZ  . PHE A 1 177 ? -8.818  8.165   3.336   1.00 35.74  ? 177  PHE A CZ  1 
ATOM   1071 N  N   . ALA A 1 178 ? -5.736  1.640   4.041   1.00 33.01  ? 178  ALA A N   1 
ATOM   1072 C  CA  . ALA A 1 178 ? -5.524  0.230   4.254   1.00 33.55  ? 178  ALA A CA  1 
ATOM   1073 C  C   . ALA A 1 178 ? -6.065  -0.098  5.643   1.00 34.50  ? 178  ALA A C   1 
ATOM   1074 O  O   . ALA A 1 178 ? -5.920  0.700   6.522   1.00 34.04  ? 178  ALA A O   1 
ATOM   1075 C  CB  . ALA A 1 178 ? -4.006  -0.123  4.137   1.00 33.68  ? 178  ALA A CB  1 
ATOM   1076 N  N   . ASN A 1 179 ? -6.653  -1.299  5.792   1.00 36.10  ? 179  ASN A N   1 
ATOM   1077 C  CA  . ASN A 1 179 ? -7.299  -1.853  7.005   1.00 36.32  ? 179  ASN A CA  1 
ATOM   1078 C  C   . ASN A 1 179 ? -6.686  -3.224  7.252   1.00 35.83  ? 179  ASN A C   1 
ATOM   1079 O  O   . ASN A 1 179 ? -6.466  -3.968  6.304   1.00 35.16  ? 179  ASN A O   1 
ATOM   1080 C  CB  . ASN A 1 179 ? -8.794  -2.137  6.736   1.00 37.29  ? 179  ASN A CB  1 
ATOM   1081 C  CG  . ASN A 1 179 ? -9.691  -0.908  6.925   1.00 44.66  ? 179  ASN A CG  1 
ATOM   1082 O  OD1 . ASN A 1 179 ? -9.244  0.261   6.837   1.00 50.79  ? 179  ASN A OD1 1 
ATOM   1083 N  ND2 . ASN A 1 179 ? -10.990 -1.173  7.189   1.00 50.33  ? 179  ASN A ND2 1 
ATOM   1084 N  N   . ALA A 1 180 ? -6.479  -3.575  8.514   1.00 36.25  ? 180  ALA A N   1 
ATOM   1085 C  CA  . ALA A 1 180 ? -5.959  -4.882  8.909   1.00 36.71  ? 180  ALA A CA  1 
ATOM   1086 C  C   . ALA A 1 180 ? -6.743  -5.403  10.066  1.00 35.77  ? 180  ALA A C   1 
ATOM   1087 O  O   . ALA A 1 180 ? -7.104  -4.664  10.942  1.00 37.84  ? 180  ALA A O   1 
ATOM   1088 C  CB  . ALA A 1 180 ? -4.430  -4.799  9.270   1.00 34.98  ? 180  ALA A CB  1 
ATOM   1089 N  N   . LEU A 1 181 ? -7.028  -6.686  10.065  1.00 36.58  ? 181  LEU A N   1 
ATOM   1090 C  CA  . LEU A 1 181 ? -7.511  -7.351  11.288  1.00 36.52  ? 181  LEU A CA  1 
ATOM   1091 C  C   . LEU A 1 181 ? -6.420  -8.254  11.773  1.00 36.65  ? 181  LEU A C   1 
ATOM   1092 O  O   . LEU A 1 181 ? -5.901  -9.039  10.996  1.00 35.37  ? 181  LEU A O   1 
ATOM   1093 C  CB  . LEU A 1 181 ? -8.782  -8.177  11.015  1.00 37.19  ? 181  LEU A CB  1 
ATOM   1094 C  CG  . LEU A 1 181 ? -9.681  -8.461  12.246  1.00 38.02  ? 181  LEU A CG  1 
ATOM   1095 C  CD1 . LEU A 1 181 ? -10.169 -7.158  12.905  1.00 39.72  ? 181  LEU A CD1 1 
ATOM   1096 C  CD2 . LEU A 1 181 ? -10.846 -9.233  11.767  1.00 38.69  ? 181  LEU A CD2 1 
ATOM   1097 N  N   . LEU A 1 182 ? -6.066  -8.159  13.062  1.00 37.92  ? 182  LEU A N   1 
ATOM   1098 C  CA  . LEU A 1 182 ? -5.089  -9.079  13.602  1.00 38.76  ? 182  LEU A CA  1 
ATOM   1099 C  C   . LEU A 1 182 ? -5.705  -9.963  14.668  1.00 40.30  ? 182  LEU A C   1 
ATOM   1100 O  O   . LEU A 1 182 ? -6.627  -9.561  15.363  1.00 39.16  ? 182  LEU A O   1 
ATOM   1101 C  CB  . LEU A 1 182 ? -3.821  -8.340  14.129  1.00 38.90  ? 182  LEU A CB  1 
ATOM   1102 C  CG  . LEU A 1 182 ? -3.248  -7.143  13.372  1.00 37.44  ? 182  LEU A CG  1 
ATOM   1103 C  CD1 . LEU A 1 182 ? -1.954  -6.567  14.056  1.00 36.68  ? 182  LEU A CD1 1 
ATOM   1104 C  CD2 . LEU A 1 182 ? -2.926  -7.540  11.962  1.00 38.89  ? 182  LEU A CD2 1 
ATOM   1105 N  N   . ILE A 1 183 ? -5.161  -11.177 14.779  1.00 42.92  ? 183  ILE A N   1 
ATOM   1106 C  CA  . ILE A 1 183 ? -5.549  -12.176 15.796  1.00 45.61  ? 183  ILE A CA  1 
ATOM   1107 C  C   . ILE A 1 183 ? -4.309  -12.640 16.590  1.00 47.98  ? 183  ILE A C   1 
ATOM   1108 O  O   . ILE A 1 183 ? -3.326  -13.134 16.013  1.00 46.76  ? 183  ILE A O   1 
ATOM   1109 C  CB  . ILE A 1 183 ? -6.275  -13.431 15.167  1.00 45.26  ? 183  ILE A CB  1 
ATOM   1110 N  N   . ARG A 1 184 ? -4.358  -12.477 17.910  1.00 51.58  ? 184  ARG A N   1 
ATOM   1111 C  CA  . ARG A 1 184 ? -3.374  -13.123 18.793  1.00 56.16  ? 184  ARG A CA  1 
ATOM   1112 C  C   . ARG A 1 184 ? -3.179  -14.621 18.548  1.00 57.77  ? 184  ARG A C   1 
ATOM   1113 O  O   . ARG A 1 184 ? -4.133  -15.385 18.514  1.00 58.17  ? 184  ARG A O   1 
ATOM   1114 C  CB  . ARG A 1 184 ? -3.703  -12.905 20.262  1.00 56.35  ? 184  ARG A CB  1 
ATOM   1115 C  CG  . ARG A 1 184 ? -2.992  -11.720 20.821  1.00 59.97  ? 184  ARG A CG  1 
ATOM   1116 C  CD  . ARG A 1 184 ? -1.561  -12.076 21.224  1.00 66.73  ? 184  ARG A CD  1 
ATOM   1117 N  NE  . ARG A 1 184 ? -0.839  -10.900 21.713  1.00 70.37  ? 184  ARG A NE  1 
ATOM   1118 C  CZ  . ARG A 1 184 ? -1.060  -10.333 22.899  1.00 74.50  ? 184  ARG A CZ  1 
ATOM   1119 N  NH1 . ARG A 1 184 ? -0.361  -9.247  23.266  1.00 75.13  ? 184  ARG A NH1 1 
ATOM   1120 N  NH2 . ARG A 1 184 ? -1.977  -10.856 23.724  1.00 74.23  ? 184  ARG A NH2 1 
ATOM   1121 N  N   . LYS A 1 185 ? -1.927  -15.020 18.361  1.00 61.06  ? 185  LYS A N   1 
ATOM   1122 C  CA  . LYS A 1 185 ? -1.570  -16.441 18.364  1.00 64.26  ? 185  LYS A CA  1 
ATOM   1123 C  C   . LYS A 1 185 ? -1.658  -16.965 19.824  1.00 66.35  ? 185  LYS A C   1 
ATOM   1124 O  O   . LYS A 1 185 ? -1.189  -16.267 20.768  1.00 66.48  ? 185  LYS A O   1 
ATOM   1125 C  CB  . LYS A 1 185 ? -0.169  -16.616 17.779  1.00 64.29  ? 185  LYS A CB  1 
ATOM   1126 C  CG  . LYS A 1 185 ? -0.024  -16.238 16.299  1.00 64.29  ? 185  LYS A CG  1 
ATOM   1127 C  CD  . LYS A 1 185 ? 1.366   -15.673 16.049  1.00 63.24  ? 185  LYS A CD  1 
ATOM   1128 C  CE  . LYS A 1 185 ? 2.084   -16.365 14.910  1.00 65.99  ? 185  LYS A CE  1 
ATOM   1129 N  NZ  . LYS A 1 185 ? 3.581   -16.110 14.975  1.00 63.69  ? 185  LYS A NZ  1 
ATOM   1130 N  N   . GLN A 1 186 ? -2.239  -18.155 20.056  1.00 68.60  ? 186  GLN A N   1 
ATOM   1131 C  CA  . GLN A 1 186 ? -2.626  -19.171 19.049  1.00 71.26  ? 186  GLN A CA  1 
ATOM   1132 C  C   . GLN A 1 186 ? -3.569  -20.229 19.673  1.00 71.99  ? 186  GLN A C   1 
ATOM   1133 O  O   . GLN A 1 186 ? -3.158  -21.021 20.561  1.00 72.84  ? 186  GLN A O   1 
ATOM   1134 C  CB  . GLN A 1 186 ? -1.385  -19.886 18.477  1.00 71.14  ? 186  GLN A CB  1 
ATOM   1135 C  CG  . GLN A 1 186 ? -0.545  -20.640 19.533  1.00 72.31  ? 186  GLN A CG  1 
ATOM   1136 C  CD  . GLN A 1 186 ? 0.946   -20.747 19.174  1.00 72.68  ? 186  GLN A CD  1 
ATOM   1137 O  OE1 . GLN A 1 186 ? 1.694   -21.518 19.792  1.00 73.52  ? 186  GLN A OE1 1 
ATOM   1138 N  NE2 . GLN A 1 186 ? 1.383   -19.963 18.185  1.00 73.33  ? 186  GLN A NE2 1 
HETATM 1139 ZN ZN  . ZN  B 2 .   ? 4.815   7.479   1.770   1.00 118.67 ? 1157 ZN  A ZN  1 
HETATM 1140 O  O   . HOH C 3 .   ? 2.309   4.679   -4.784  1.00 32.47  ? 1158 HOH A O   1 
HETATM 1141 O  O   . HOH C 3 .   ? -6.269  -8.042  21.879  1.00 61.58  ? 1159 HOH A O   1 
HETATM 1142 O  O   . HOH C 3 .   ? -5.148  10.448  -9.582  1.00 37.00  ? 1160 HOH A O   1 
HETATM 1143 O  O   . HOH C 3 .   ? -1.942  -8.242  -12.381 1.00 43.79  ? 1161 HOH A O   1 
HETATM 1144 O  O   . HOH C 3 .   ? 1.511   5.793   5.292   1.00 41.35  ? 1162 HOH A O   1 
HETATM 1145 O  O   . HOH C 3 .   ? -8.642  14.979  -4.374  1.00 39.00  ? 1163 HOH A O   1 
HETATM 1146 O  O   . HOH C 3 .   ? -7.083  -14.482 19.508  1.00 73.50  ? 1164 HOH A O   1 
HETATM 1147 O  O   . HOH C 3 .   ? -2.145  -0.141  -14.390 1.00 46.84  ? 1165 HOH A O   1 
HETATM 1148 O  O   . HOH C 3 .   ? 0.466   3.058   12.216  1.00 47.70  ? 1166 HOH A O   1 
HETATM 1149 O  O   . HOH C 3 .   ? 7.664   -0.645  -2.969  1.00 38.11  ? 1167 HOH A O   1 
HETATM 1150 O  O   . HOH C 3 .   ? 2.823   -16.434 1.240   1.00 48.60  ? 1168 HOH A O   1 
HETATM 1151 O  O   . HOH C 3 .   ? -3.254  -13.092 -7.989  1.00 55.34  ? 1169 HOH A O   1 
HETATM 1152 O  O   . HOH C 3 .   ? 6.015   -6.768  -9.051  1.00 39.97  ? 1170 HOH A O   1 
HETATM 1153 O  O   . HOH C 3 .   ? -0.724  14.807  -13.701 1.00 46.04  ? 1171 HOH A O   1 
HETATM 1154 O  O   . HOH C 3 .   ? 6.912   -9.442  -2.343  1.00 48.24  ? 1172 HOH A O   1 
HETATM 1155 O  O   . HOH C 3 .   ? -9.222  -9.306  2.641   1.00 43.60  ? 1173 HOH A O   1 
HETATM 1156 O  O   . HOH C 3 .   ? -13.068 9.336   -12.979 1.00 46.59  ? 1174 HOH A O   1 
HETATM 1157 O  O   . HOH C 3 .   ? -9.281  -0.597  -12.067 1.00 54.31  ? 1175 HOH A O   1 
HETATM 1158 O  O   . HOH C 3 .   ? -2.624  -15.736 8.880   1.00 40.73  ? 1176 HOH A O   1 
HETATM 1159 O  O   . HOH C 3 .   ? 15.298  -12.939 17.003  1.00 66.71  ? 1177 HOH A O   1 
HETATM 1160 O  O   . HOH C 3 .   ? -9.161  1.687   -10.576 1.00 38.97  ? 1178 HOH A O   1 
HETATM 1161 O  O   . HOH C 3 .   ? 4.273   -11.311 -8.656  1.00 58.84  ? 1179 HOH A O   1 
HETATM 1162 O  O   . HOH C 3 .   ? -1.001  6.174   8.416   1.00 35.92  ? 1180 HOH A O   1 
HETATM 1163 O  O   . HOH C 3 .   ? -10.986 16.501  -3.660  1.00 37.00  ? 1181 HOH A O   1 
HETATM 1164 O  O   . HOH C 3 .   ? -4.548  -8.260  -12.318 1.00 38.18  ? 1182 HOH A O   1 
HETATM 1165 O  O   . HOH C 3 .   ? -4.310  -9.910  23.840  1.00 64.88  ? 1183 HOH A O   1 
HETATM 1166 O  O   . HOH C 3 .   ? -9.902  18.709  -2.467  0.33 47.09  ? 1184 HOH A O   1 
HETATM 1167 O  O   . HOH C 3 .   ? -2.104  4.552   11.168  1.00 36.54  ? 1185 HOH A O   1 
HETATM 1168 O  O   . HOH C 3 .   ? 9.646   12.945  -19.118 1.00 57.44  ? 1186 HOH A O   1 
HETATM 1169 O  O   . HOH C 3 .   ? 11.529  8.428   -18.204 1.00 67.53  ? 1187 HOH A O   1 
HETATM 1170 O  O   . HOH C 3 .   ? 9.004   4.621   -6.938  1.00 43.99  ? 1188 HOH A O   1 
HETATM 1171 O  O   . HOH C 3 .   ? 3.121   -1.160  -14.730 1.00 37.85  ? 1189 HOH A O   1 
HETATM 1172 O  O   . HOH C 3 .   ? 5.954   -15.833 1.344   1.00 46.31  ? 1190 HOH A O   1 
HETATM 1173 O  O   . HOH C 3 .   ? 6.736   -0.175  -15.511 1.00 53.74  ? 1191 HOH A O   1 
HETATM 1174 O  O   . HOH C 3 .   ? -9.750  -2.616  -8.950  1.00 49.50  ? 1192 HOH A O   1 
HETATM 1175 O  O   . HOH C 3 .   ? 17.317  17.384  2.114   1.00 68.21  ? 1193 HOH A O   1 
HETATM 1176 O  O   . HOH C 3 .   ? -10.782 -3.524  -1.070  1.00 40.00  ? 1194 HOH A O   1 
HETATM 1177 O  O   . HOH C 3 .   ? -8.597  -7.762  23.727  1.00 60.02  ? 1195 HOH A O   1 
HETATM 1178 O  O   . HOH C 3 .   ? 10.148  -11.015 7.115   1.00 53.69  ? 1196 HOH A O   1 
HETATM 1179 O  O   . HOH C 3 .   ? 11.426  5.811   -19.220 1.00 63.53  ? 1197 HOH A O   1 
# 
loop_
_pdbx_poly_seq_scheme.asym_id 
_pdbx_poly_seq_scheme.entity_id 
_pdbx_poly_seq_scheme.seq_id 
_pdbx_poly_seq_scheme.mon_id 
_pdbx_poly_seq_scheme.ndb_seq_num 
_pdbx_poly_seq_scheme.pdb_seq_num 
_pdbx_poly_seq_scheme.auth_seq_num 
_pdbx_poly_seq_scheme.pdb_mon_id 
_pdbx_poly_seq_scheme.auth_mon_id 
_pdbx_poly_seq_scheme.pdb_strand_id 
_pdbx_poly_seq_scheme.pdb_ins_code 
_pdbx_poly_seq_scheme.hetero 
A 1 1   GLY 1   1   ?   ?   ?   A . n 
A 1 2   TYR 2   2   ?   ?   ?   A . n 
A 1 3   ASP 3   3   ?   ?   ?   A . n 
A 1 4   GLY 4   4   4   GLY GLY A . n 
A 1 5   VAL 5   5   5   VAL VAL A . n 
A 1 6   ARG 6   6   6   ARG ARG A . n 
A 1 7   ILE 7   7   7   ILE ILE A . n 
A 1 8   GLY 8   8   8   GLY GLY A . n 
A 1 9   GLN 9   9   9   GLN GLN A . n 
A 1 10  GLY 10  10  10  GLY GLY A . n 
A 1 11  TYR 11  11  11  TYR TYR A . n 
A 1 12  ASP 12  12  12  ASP ASP A . n 
A 1 13  ILE 13  13  13  ILE ILE A . n 
A 1 14  HIS 14  14  14  HIS HIS A . n 
A 1 15  GLN 15  15  15  GLN GLN A . n 
A 1 16  ILE 16  16  16  ILE ILE A . n 
A 1 17  ARG 17  17  17  ARG ARG A . n 
A 1 18  VAL 18  18  18  VAL VAL A . n 
A 1 19  GLY 19  19  19  GLY GLY A . n 
A 1 20  PRO 20  20  20  PRO PRO A . n 
A 1 21  PRO 21  21  21  PRO PRO A . n 
A 1 22  GLU 22  22  22  GLU GLU A . n 
A 1 23  ASP 23  23  ?   ?   ?   A . n 
A 1 24  ILE 24  24  ?   ?   ?   A . n 
A 1 25  VAL 25  25  ?   ?   ?   A . n 
A 1 26  ALA 26  26  ?   ?   ?   A . n 
A 1 27  ASP 27  27  ?   ?   ?   A . n 
A 1 28  THR 28  28  ?   ?   ?   A . n 
A 1 29  THR 29  29  ?   ?   ?   A . n 
A 1 30  ALA 30  30  ?   ?   ?   A . n 
A 1 31  ASP 31  31  ?   ?   ?   A . n 
A 1 32  THR 32  32  ?   ?   ?   A . n 
A 1 33  ALA 33  33  ?   ?   ?   A . n 
A 1 34  ALA 34  34  ?   ?   ?   A . n 
A 1 35  ASN 35  35  ?   ?   ?   A . n 
A 1 36  THR 36  36  ?   ?   ?   A . n 
A 1 37  ALA 37  37  ?   ?   ?   A . n 
A 1 38  ASP 38  38  ?   ?   ?   A . n 
A 1 39  PRO 39  39  ?   ?   ?   A . n 
A 1 40  ASN 40  40  ?   ?   ?   A . n 
A 1 41  LYS 41  41  41  LYS LYS A . n 
A 1 42  GLN 42  42  42  GLN GLN A . n 
A 1 43  SER 43  43  43  SER SER A . n 
A 1 44  PHE 44  44  44  PHE PHE A . n 
A 1 45  LYS 45  45  45  LYS LYS A . n 
A 1 46  ARG 46  46  46  ARG ARG A . n 
A 1 47  LEU 47  47  47  LEU LEU A . n 
A 1 48  THR 48  48  48  THR THR A . n 
A 1 49  ILE 49  49  49  ILE ILE A . n 
A 1 50  GLY 50  50  50  GLY GLY A . n 
A 1 51  GLY 51  51  51  GLY GLY A . n 
A 1 52  VAL 52  52  52  VAL VAL A . n 
A 1 53  PRO 53  53  53  PRO PRO A . n 
A 1 54  VAL 54  54  54  VAL VAL A . n 
A 1 55  GLU 55  55  55  GLU GLU A . n 
A 1 56  THR 56  56  56  THR THR A . n 
A 1 57  ILE 57  57  57  ILE ILE A . n 
A 1 58  SER 58  58  58  SER SER A . n 
A 1 59  VAL 59  59  59  VAL VAL A . n 
A 1 60  LEU 60  60  60  LEU LEU A . n 
A 1 61  SER 61  61  61  SER SER A . n 
A 1 62  HIS 62  62  62  HIS HIS A . n 
A 1 63  SER 63  63  63  SER SER A . n 
A 1 64  ASP 64  64  64  ASP ASP A . n 
A 1 65  GLY 65  65  65  GLY GLY A . n 
A 1 66  ASP 66  66  66  ASP ASP A . n 
A 1 67  VAL 67  67  67  VAL VAL A . n 
A 1 68  ILE 68  68  68  ILE ILE A . n 
A 1 69  PHE 69  69  69  PHE PHE A . n 
A 1 70  HIS 70  70  70  HIS HIS A . n 
A 1 71  ALA 71  71  71  ALA ALA A . n 
A 1 72  LEU 72  72  72  LEU LEU A . n 
A 1 73  VAL 73  73  73  VAL VAL A . n 
A 1 74  ASP 74  74  74  ASP ASP A . n 
A 1 75  ALA 75  75  75  ALA ALA A . n 
A 1 76  LEU 76  76  76  LEU LEU A . n 
A 1 77  LEU 77  77  77  LEU LEU A . n 
A 1 78  GLY 78  78  78  GLY GLY A . n 
A 1 79  GLY 79  79  79  GLY GLY A . n 
A 1 80  MET 80  80  80  MET MET A . n 
A 1 81  SER 81  81  81  SER SER A . n 
A 1 82  CYS 82  82  82  CYS CYS A . n 
A 1 83  SER 83  83  83  SER SER A . n 
A 1 84  ASP 84  84  ?   ?   ?   A . n 
A 1 85  LEU 85  85  ?   ?   ?   A . n 
A 1 86  GLY 86  86  ?   ?   ?   A . n 
A 1 87  THR 87  87  ?   ?   ?   A . n 
A 1 88  LEU 88  88  ?   ?   ?   A . n 
A 1 89  PHE 89  89  ?   ?   ?   A . n 
A 1 90  PRO 90  90  ?   ?   ?   A . n 
A 1 91  ASP 91  91  ?   ?   ?   A . n 
A 1 92  GLY 92  92  ?   ?   ?   A . n 
A 1 93  SER 93  93  ?   ?   ?   A . n 
A 1 94  PRO 94  94  ?   ?   ?   A . n 
A 1 95  LYS 95  95  ?   ?   ?   A . n 
A 1 96  TYR 96  96  ?   ?   ?   A . n 
A 1 97  LYS 97  97  ?   ?   ?   A . n 
A 1 98  ASN 98  98  ?   ?   ?   A . n 
A 1 99  LYS 99  99  99  LYS LYS A . n 
A 1 100 ASN 100 100 100 ASN ASN A . n 
A 1 101 SER 101 101 101 SER SER A . n 
A 1 102 LEU 102 102 102 LEU LEU A . n 
A 1 103 SER 103 103 103 SER SER A . n 
A 1 104 PHE 104 104 104 PHE PHE A . n 
A 1 105 LEU 105 105 105 LEU LEU A . n 
A 1 106 ARG 106 106 106 ARG ARG A . n 
A 1 107 TYR 107 107 107 TYR TYR A . n 
A 1 108 ALA 108 108 108 ALA ALA A . n 
A 1 109 ARG 109 109 109 ARG ARG A . n 
A 1 110 LEU 110 110 110 LEU LEU A . n 
A 1 111 LEU 111 111 111 LEU LEU A . n 
A 1 112 LEU 112 112 112 LEU LEU A . n 
A 1 113 TYR 113 113 113 TYR TYR A . n 
A 1 114 LYS 114 114 114 LYS LYS A . n 
A 1 115 ARG 115 115 115 ARG ARG A . n 
A 1 116 ASN 116 116 116 ASN ASN A . n 
A 1 117 TYR 117 117 117 TYR TYR A . n 
A 1 118 ALA 118 118 118 ALA ALA A . n 
A 1 119 ILE 119 119 119 ILE ILE A . n 
A 1 120 ALA 120 120 120 ALA ALA A . n 
A 1 121 ASN 121 121 121 ASN ASN A . n 
A 1 122 VAL 122 122 122 VAL VAL A . n 
A 1 123 ASP 123 123 123 ASP ASP A . n 
A 1 124 ILE 124 124 124 ILE ILE A . n 
A 1 125 ILE 125 125 125 ILE ILE A . n 
A 1 126 VAL 126 126 126 VAL VAL A . n 
A 1 127 ILE 127 127 127 ILE ILE A . n 
A 1 128 ALA 128 128 128 ALA ALA A . n 
A 1 129 GLU 129 129 129 GLU GLU A . n 
A 1 130 VAL 130 130 130 VAL VAL A . n 
A 1 131 PRO 131 131 131 PRO PRO A . n 
A 1 132 LYS 132 132 132 LYS LYS A . n 
A 1 133 ILE 133 133 133 ILE ILE A . n 
A 1 134 SER 134 134 134 SER SER A . n 
A 1 135 PRO 135 135 135 PRO PRO A . n 
A 1 136 ILE 136 136 136 ILE ILE A . n 
A 1 137 ARG 137 137 137 ARG ARG A . n 
A 1 138 GLU 138 138 138 GLU GLU A . n 
A 1 139 GLU 139 139 139 GLU GLU A . n 
A 1 140 ILE 140 140 140 ILE ILE A . n 
A 1 141 VAL 141 141 141 VAL VAL A . n 
A 1 142 ARG 142 142 142 ARG ARG A . n 
A 1 143 ASN 143 143 143 ASN ASN A . n 
A 1 144 ILE 144 144 144 ILE ILE A . n 
A 1 145 SER 145 145 145 SER SER A . n 
A 1 146 SER 146 146 146 SER SER A . n 
A 1 147 ALA 147 147 147 ALA ALA A . n 
A 1 148 LEU 148 148 148 LEU LEU A . n 
A 1 149 GLY 149 149 149 GLY GLY A . n 
A 1 150 ILE 150 150 150 ILE ILE A . n 
A 1 151 SER 151 151 151 SER SER A . n 
A 1 152 GLU 152 152 152 GLU GLU A . n 
A 1 153 SER 153 153 153 SER SER A . n 
A 1 154 GLN 154 154 154 GLN GLN A . n 
A 1 155 VAL 155 155 155 VAL VAL A . n 
A 1 156 SER 156 156 156 SER SER A . n 
A 1 157 LEU 157 157 157 LEU LEU A . n 
A 1 158 LYS 158 158 158 LYS LYS A . n 
A 1 159 GLY 159 159 159 GLY GLY A . n 
A 1 160 LYS 160 160 160 LYS LYS A . n 
A 1 161 THR 161 161 161 THR THR A . n 
A 1 162 HIS 162 162 162 HIS HIS A . n 
A 1 163 GLU 163 163 163 GLU GLU A . n 
A 1 164 GLN 164 164 164 GLN GLN A . n 
A 1 165 LEU 165 165 165 LEU LEU A . n 
A 1 166 GLY 166 166 166 GLY GLY A . n 
A 1 167 PRO 167 167 167 PRO PRO A . n 
A 1 168 VAL 168 168 168 VAL VAL A . n 
A 1 169 GLY 169 169 169 GLY GLY A . n 
A 1 170 GLN 170 170 170 GLN GLN A . n 
A 1 171 LYS 171 171 171 LYS LYS A . n 
A 1 172 LYS 172 172 172 LYS LYS A . n 
A 1 173 ALA 173 173 173 ALA ALA A . n 
A 1 174 ILE 174 174 174 ILE ILE A . n 
A 1 175 GLU 175 175 175 GLU GLU A . n 
A 1 176 CYS 176 176 176 CYS CYS A . n 
A 1 177 PHE 177 177 177 PHE PHE A . n 
A 1 178 ALA 178 178 178 ALA ALA A . n 
A 1 179 ASN 179 179 179 ASN ASN A . n 
A 1 180 ALA 180 180 180 ALA ALA A . n 
A 1 181 LEU 181 181 181 LEU LEU A . n 
A 1 182 LEU 182 182 182 LEU LEU A . n 
A 1 183 ILE 183 183 183 ILE ILE A . n 
A 1 184 ARG 184 184 184 ARG ARG A . n 
A 1 185 LYS 185 185 185 LYS LYS A . n 
A 1 186 GLN 186 186 186 GLN GLN A . n 
A 1 187 SER 187 187 ?   ?   ?   A . n 
# 
_pdbx_SG_project.id                    1 
_pdbx_SG_project.project_name          ? 
_pdbx_SG_project.full_name_of_center   'Structural Genomics Consortium' 
_pdbx_SG_project.initial_of_center     SGC 
# 
loop_
_pdbx_nonpoly_scheme.asym_id 
_pdbx_nonpoly_scheme.entity_id 
_pdbx_nonpoly_scheme.mon_id 
_pdbx_nonpoly_scheme.ndb_seq_num 
_pdbx_nonpoly_scheme.pdb_seq_num 
_pdbx_nonpoly_scheme.auth_seq_num 
_pdbx_nonpoly_scheme.pdb_mon_id 
_pdbx_nonpoly_scheme.auth_mon_id 
_pdbx_nonpoly_scheme.pdb_strand_id 
_pdbx_nonpoly_scheme.pdb_ins_code 
B 2 ZN  1  1157 1157 ZN  ZN  A . 
C 3 HOH 1  1158 1158 HOH HOH A . 
C 3 HOH 2  1159 1159 HOH HOH A . 
C 3 HOH 3  1160 1160 HOH HOH A . 
C 3 HOH 4  1161 1161 HOH HOH A . 
C 3 HOH 5  1162 1162 HOH HOH A . 
C 3 HOH 6  1163 1163 HOH HOH A . 
C 3 HOH 7  1164 1164 HOH HOH A . 
C 3 HOH 8  1165 1165 HOH HOH A . 
C 3 HOH 9  1166 1166 HOH HOH A . 
C 3 HOH 10 1167 1167 HOH HOH A . 
C 3 HOH 11 1168 1168 HOH HOH A . 
C 3 HOH 12 1169 1169 HOH HOH A . 
C 3 HOH 13 1170 1170 HOH HOH A . 
C 3 HOH 14 1171 1171 HOH HOH A . 
C 3 HOH 15 1172 1172 HOH HOH A . 
C 3 HOH 16 1173 1173 HOH HOH A . 
C 3 HOH 17 1174 1174 HOH HOH A . 
C 3 HOH 18 1175 1175 HOH HOH A . 
C 3 HOH 19 1176 1176 HOH HOH A . 
C 3 HOH 20 1177 1177 HOH HOH A . 
C 3 HOH 21 1178 1178 HOH HOH A . 
C 3 HOH 22 1179 1179 HOH HOH A . 
C 3 HOH 23 1180 1180 HOH HOH A . 
C 3 HOH 24 1181 1181 HOH HOH A . 
C 3 HOH 25 1182 1182 HOH HOH A . 
C 3 HOH 26 1183 1183 HOH HOH A . 
C 3 HOH 27 1184 1184 HOH HOH A . 
C 3 HOH 28 1185 1185 HOH HOH A . 
C 3 HOH 29 1186 1187 HOH HOH A . 
C 3 HOH 30 1187 1188 HOH HOH A . 
C 3 HOH 31 1188 1190 HOH HOH A . 
C 3 HOH 32 1189 1191 HOH HOH A . 
C 3 HOH 33 1190 1192 HOH HOH A . 
C 3 HOH 34 1191 1194 HOH HOH A . 
C 3 HOH 35 1192 1195 HOH HOH A . 
C 3 HOH 36 1193 1    HOH HOH A . 
C 3 HOH 37 1194 2    HOH HOH A . 
C 3 HOH 38 1195 3    HOH HOH A . 
C 3 HOH 39 1196 1    HOH HOH A . 
C 3 HOH 40 1197 2    HOH HOH A . 
# 
_pdbx_struct_assembly.id                   1 
_pdbx_struct_assembly.details              software_defined_assembly 
_pdbx_struct_assembly.method_details       PISA 
_pdbx_struct_assembly.oligomeric_details   trimeric 
_pdbx_struct_assembly.oligomeric_count     3 
# 
_pdbx_struct_assembly_gen.assembly_id       1 
_pdbx_struct_assembly_gen.oper_expression   1,2,3 
_pdbx_struct_assembly_gen.asym_id_list      A,B,C 
# 
_pdbx_struct_assembly_prop.biol_id   1 
_pdbx_struct_assembly_prop.type      'ABSA (A^2)' 
_pdbx_struct_assembly_prop.value     5600 
_pdbx_struct_assembly_prop.details   ? 
# 
loop_
_pdbx_struct_oper_list.id 
_pdbx_struct_oper_list.type 
_pdbx_struct_oper_list.name 
_pdbx_struct_oper_list.symmetry_operation 
_pdbx_struct_oper_list.matrix[1][1] 
_pdbx_struct_oper_list.matrix[1][2] 
_pdbx_struct_oper_list.matrix[1][3] 
_pdbx_struct_oper_list.vector[1] 
_pdbx_struct_oper_list.matrix[2][1] 
_pdbx_struct_oper_list.matrix[2][2] 
_pdbx_struct_oper_list.matrix[2][3] 
_pdbx_struct_oper_list.vector[2] 
_pdbx_struct_oper_list.matrix[3][1] 
_pdbx_struct_oper_list.matrix[3][2] 
_pdbx_struct_oper_list.matrix[3][3] 
_pdbx_struct_oper_list.vector[3] 
1 'identity operation'         1_555  x,y,z           1.0000000000  0.0000000000  0.0000000000  0.0000000000   0.0000000000  1.0000000000 0.0000000000  0.0000000000  0.0000000000  0.0000000000  1.0000000000  0.0000000000  
2 'crystal symmetry operation' 8_555  -z,x+1/2,-y+1/2 -0.4889304059 -0.3534747905 -0.7974977309 -10.0996819607 0.5703454170  0.5622085180 -0.5988553144 12.3606480463 0.6600402742  -0.7476477478 -0.0732781122 17.8750777537 
3 'crystal symmetry operation' 11_455 y-1/2,-z+1/2,-x -0.4889304059 0.5703454170  0.6600402742  -23.7861517858 -0.3534747905 0.5622085180 -0.7476477478 2.8450170391  -0.7974977309 -0.5988553144 -0.0732781122 0.6576182781  
# 
_pdbx_struct_special_symmetry.id              1 
_pdbx_struct_special_symmetry.PDB_model_num   1 
_pdbx_struct_special_symmetry.auth_asym_id    A 
_pdbx_struct_special_symmetry.auth_comp_id    HOH 
_pdbx_struct_special_symmetry.auth_seq_id     1184 
_pdbx_struct_special_symmetry.PDB_ins_code    ? 
_pdbx_struct_special_symmetry.label_asym_id   C 
_pdbx_struct_special_symmetry.label_comp_id   HOH 
_pdbx_struct_special_symmetry.label_seq_id    . 
# 
loop_
_pdbx_audit_revision_history.ordinal 
_pdbx_audit_revision_history.data_content_type 
_pdbx_audit_revision_history.major_revision 
_pdbx_audit_revision_history.minor_revision 
_pdbx_audit_revision_history.revision_date 
1 'Structure model' 1 0 2007-11-20 
2 'Structure model' 1 1 2011-07-13 
3 'Structure model' 1 2 2017-10-25 
4 'Structure model' 1 3 2023-08-30 
# 
_pdbx_audit_revision_details.ordinal             1 
_pdbx_audit_revision_details.revision_ordinal    1 
_pdbx_audit_revision_details.data_content_type   'Structure model' 
_pdbx_audit_revision_details.provider            repository 
_pdbx_audit_revision_details.type                'Initial release' 
_pdbx_audit_revision_details.description         ? 
_pdbx_audit_revision_details.details             ? 
# 
loop_
_pdbx_audit_revision_group.ordinal 
_pdbx_audit_revision_group.revision_ordinal 
_pdbx_audit_revision_group.data_content_type 
_pdbx_audit_revision_group.group 
1 2 'Structure model' 'Version format compliance' 
2 3 'Structure model' 'Refinement description'    
3 4 'Structure model' 'Data collection'           
4 4 'Structure model' 'Database references'       
5 4 'Structure model' 'Derived calculations'      
6 4 'Structure model' 'Refinement description'    
# 
loop_
_pdbx_audit_revision_category.ordinal 
_pdbx_audit_revision_category.revision_ordinal 
_pdbx_audit_revision_category.data_content_type 
_pdbx_audit_revision_category.category 
1 3 'Structure model' software                      
2 4 'Structure model' chem_comp_atom                
3 4 'Structure model' chem_comp_bond                
4 4 'Structure model' database_2                    
5 4 'Structure model' pdbx_initial_refinement_model 
6 4 'Structure model' struct_ref_seq_dif            
7 4 'Structure model' struct_site                   
# 
loop_
_pdbx_audit_revision_item.ordinal 
_pdbx_audit_revision_item.revision_ordinal 
_pdbx_audit_revision_item.data_content_type 
_pdbx_audit_revision_item.item 
1 4 'Structure model' '_database_2.pdbx_DOI'                
2 4 'Structure model' '_database_2.pdbx_database_accession' 
3 4 'Structure model' '_struct_ref_seq_dif.details'         
4 4 'Structure model' '_struct_site.pdbx_auth_asym_id'      
5 4 'Structure model' '_struct_site.pdbx_auth_comp_id'      
6 4 'Structure model' '_struct_site.pdbx_auth_seq_id'       
# 
_pdbx_phasing_MR.entry_id                     3B6N 
_pdbx_phasing_MR.method_rotation              ? 
_pdbx_phasing_MR.method_translation           ? 
_pdbx_phasing_MR.model_details                'Phaser MODE: MR_AUTO' 
_pdbx_phasing_MR.R_factor                     ? 
_pdbx_phasing_MR.R_rigid_body                 ? 
_pdbx_phasing_MR.correlation_coeff_Fo_to_Fc   ? 
_pdbx_phasing_MR.correlation_coeff_Io_to_Ic   ? 
_pdbx_phasing_MR.d_res_high_rotation          2.500 
_pdbx_phasing_MR.d_res_low_rotation           39.830 
_pdbx_phasing_MR.d_res_high_translation       2.500 
_pdbx_phasing_MR.d_res_low_translation        39.830 
_pdbx_phasing_MR.packing                      ? 
_pdbx_phasing_MR.reflns_percent_rotation      ? 
_pdbx_phasing_MR.reflns_percent_translation   ? 
_pdbx_phasing_MR.sigma_F_rotation             ? 
_pdbx_phasing_MR.sigma_F_translation          ? 
_pdbx_phasing_MR.sigma_I_rotation             ? 
_pdbx_phasing_MR.sigma_I_translation          ? 
# 
_phasing.method   MR 
# 
loop_
_software.name 
_software.version 
_software.date 
_software.type 
_software.contact_author 
_software.contact_author_email 
_software.classification 
_software.location 
_software.language 
_software.citation_id 
_software.pdbx_ordinal 
DENZO       .     ?              package 'Zbyszek Otwinowski' zbyszek@mix.swmed.edu       'data reduction'  
http://www.lnls.br/infra/linhasluz/denzo-hkl.htm ?          ? 1 
SCALEPACK   .     ?              package 'Zbyszek Otwinowski' zbyszek@mix.swmed.edu       'data scaling'    
http://www.lnls.br/infra/linhasluz/denzo-hkl.htm ?          ? 2 
PHASER      .     ?              other   'R. J. Read'         cimr-phaser@lists.cam.ac.uk phasing           
http://www-structmed.cimr.cam.ac.uk/phaser/      ?          ? 3 
REFMAC      .     ?              program 'Murshudov, G.N.'    ccp4@dl.ac.uk               refinement        
http://www.ccp4.ac.uk/main.html                  Fortran_77 ? 4 
PDB_EXTRACT 3.000 'July 2, 2007' package PDB                  sw-help@rcsb.rutgers.edu    'data extraction' 
http://pdb.rutgers.edu/software/                 C++        ? 5 
# 
_pdbx_validate_rmsd_bond.id                        1 
_pdbx_validate_rmsd_bond.PDB_model_num             1 
_pdbx_validate_rmsd_bond.auth_atom_id_1            CB 
_pdbx_validate_rmsd_bond.auth_asym_id_1            A 
_pdbx_validate_rmsd_bond.auth_comp_id_1            VAL 
_pdbx_validate_rmsd_bond.auth_seq_id_1             67 
_pdbx_validate_rmsd_bond.PDB_ins_code_1            ? 
_pdbx_validate_rmsd_bond.label_alt_id_1            ? 
_pdbx_validate_rmsd_bond.auth_atom_id_2            CG1 
_pdbx_validate_rmsd_bond.auth_asym_id_2            A 
_pdbx_validate_rmsd_bond.auth_comp_id_2            VAL 
_pdbx_validate_rmsd_bond.auth_seq_id_2             67 
_pdbx_validate_rmsd_bond.PDB_ins_code_2            ? 
_pdbx_validate_rmsd_bond.label_alt_id_2            ? 
_pdbx_validate_rmsd_bond.bond_value                1.375 
_pdbx_validate_rmsd_bond.bond_target_value         1.524 
_pdbx_validate_rmsd_bond.bond_deviation            -0.149 
_pdbx_validate_rmsd_bond.bond_standard_deviation   0.021 
_pdbx_validate_rmsd_bond.linker_flag               N 
# 
_pdbx_validate_torsion.id              1 
_pdbx_validate_torsion.PDB_model_num   1 
_pdbx_validate_torsion.auth_comp_id    ASN 
_pdbx_validate_torsion.auth_asym_id    A 
_pdbx_validate_torsion.auth_seq_id     116 
_pdbx_validate_torsion.PDB_ins_code    ? 
_pdbx_validate_torsion.label_alt_id    ? 
_pdbx_validate_torsion.phi             72.42 
_pdbx_validate_torsion.psi             35.21 
# 
_pdbx_validate_peptide_omega.id               1 
_pdbx_validate_peptide_omega.PDB_model_num    1 
_pdbx_validate_peptide_omega.auth_comp_id_1   GLY 
_pdbx_validate_peptide_omega.auth_asym_id_1   A 
_pdbx_validate_peptide_omega.auth_seq_id_1    19 
_pdbx_validate_peptide_omega.PDB_ins_code_1   ? 
_pdbx_validate_peptide_omega.label_alt_id_1   ? 
_pdbx_validate_peptide_omega.auth_comp_id_2   PRO 
_pdbx_validate_peptide_omega.auth_asym_id_2   A 
_pdbx_validate_peptide_omega.auth_seq_id_2    20 
_pdbx_validate_peptide_omega.PDB_ins_code_2   ? 
_pdbx_validate_peptide_omega.label_alt_id_2   ? 
_pdbx_validate_peptide_omega.omega            144.60 
# 
loop_
_pdbx_unobs_or_zero_occ_atoms.id 
_pdbx_unobs_or_zero_occ_atoms.PDB_model_num 
_pdbx_unobs_or_zero_occ_atoms.polymer_flag 
_pdbx_unobs_or_zero_occ_atoms.occupancy_flag 
_pdbx_unobs_or_zero_occ_atoms.auth_asym_id 
_pdbx_unobs_or_zero_occ_atoms.auth_comp_id 
_pdbx_unobs_or_zero_occ_atoms.auth_seq_id 
_pdbx_unobs_or_zero_occ_atoms.PDB_ins_code 
_pdbx_unobs_or_zero_occ_atoms.auth_atom_id 
_pdbx_unobs_or_zero_occ_atoms.label_alt_id 
_pdbx_unobs_or_zero_occ_atoms.label_asym_id 
_pdbx_unobs_or_zero_occ_atoms.label_comp_id 
_pdbx_unobs_or_zero_occ_atoms.label_seq_id 
_pdbx_unobs_or_zero_occ_atoms.label_atom_id 
1  1 Y 1 A GLU 22  ? CG  ? A GLU 22  CG  
2  1 Y 1 A GLU 22  ? CD  ? A GLU 22  CD  
3  1 Y 1 A GLU 22  ? OE1 ? A GLU 22  OE1 
4  1 Y 1 A GLU 22  ? OE2 ? A GLU 22  OE2 
5  1 Y 1 A LYS 41  ? CG  ? A LYS 41  CG  
6  1 Y 1 A LYS 41  ? CD  ? A LYS 41  CD  
7  1 Y 1 A LYS 41  ? CE  ? A LYS 41  CE  
8  1 Y 1 A LYS 41  ? NZ  ? A LYS 41  NZ  
9  1 Y 1 A LYS 99  ? CG  ? A LYS 99  CG  
10 1 Y 1 A LYS 99  ? CD  ? A LYS 99  CD  
11 1 Y 1 A LYS 99  ? CE  ? A LYS 99  CE  
12 1 Y 1 A LYS 99  ? NZ  ? A LYS 99  NZ  
13 1 Y 1 A PHE 104 ? CD1 ? A PHE 104 CD1 
14 1 Y 1 A PHE 104 ? CD2 ? A PHE 104 CD2 
15 1 Y 1 A PHE 104 ? CE1 ? A PHE 104 CE1 
16 1 Y 1 A PHE 104 ? CE2 ? A PHE 104 CE2 
17 1 Y 1 A PHE 104 ? CZ  ? A PHE 104 CZ  
18 1 Y 1 A GLU 138 ? OE1 ? A GLU 138 OE1 
19 1 Y 1 A GLU 138 ? OE2 ? A GLU 138 OE2 
20 1 Y 1 A ILE 183 ? CG1 ? A ILE 183 CG1 
21 1 Y 1 A ILE 183 ? CG2 ? A ILE 183 CG2 
22 1 Y 1 A ILE 183 ? CD1 ? A ILE 183 CD1 
# 
loop_
_pdbx_unobs_or_zero_occ_residues.id 
_pdbx_unobs_or_zero_occ_residues.PDB_model_num 
_pdbx_unobs_or_zero_occ_residues.polymer_flag 
_pdbx_unobs_or_zero_occ_residues.occupancy_flag 
_pdbx_unobs_or_zero_occ_residues.auth_asym_id 
_pdbx_unobs_or_zero_occ_residues.auth_comp_id 
_pdbx_unobs_or_zero_occ_residues.auth_seq_id 
_pdbx_unobs_or_zero_occ_residues.PDB_ins_code 
_pdbx_unobs_or_zero_occ_residues.label_asym_id 
_pdbx_unobs_or_zero_occ_residues.label_comp_id 
_pdbx_unobs_or_zero_occ_residues.label_seq_id 
1  1 Y 1 A GLY 1   ? A GLY 1   
2  1 Y 1 A TYR 2   ? A TYR 2   
3  1 Y 1 A ASP 3   ? A ASP 3   
4  1 Y 1 A ASP 23  ? A ASP 23  
5  1 Y 1 A ILE 24  ? A ILE 24  
6  1 Y 1 A VAL 25  ? A VAL 25  
7  1 Y 1 A ALA 26  ? A ALA 26  
8  1 Y 1 A ASP 27  ? A ASP 27  
9  1 Y 1 A THR 28  ? A THR 28  
10 1 Y 1 A THR 29  ? A THR 29  
11 1 Y 1 A ALA 30  ? A ALA 30  
12 1 Y 1 A ASP 31  ? A ASP 31  
13 1 Y 1 A THR 32  ? A THR 32  
14 1 Y 1 A ALA 33  ? A ALA 33  
15 1 Y 1 A ALA 34  ? A ALA 34  
16 1 Y 1 A ASN 35  ? A ASN 35  
17 1 Y 1 A THR 36  ? A THR 36  
18 1 Y 1 A ALA 37  ? A ALA 37  
19 1 Y 1 A ASP 38  ? A ASP 38  
20 1 Y 1 A PRO 39  ? A PRO 39  
21 1 Y 1 A ASN 40  ? A ASN 40  
22 1 Y 1 A ASP 84  ? A ASP 84  
23 1 Y 1 A LEU 85  ? A LEU 85  
24 1 Y 1 A GLY 86  ? A GLY 86  
25 1 Y 1 A THR 87  ? A THR 87  
26 1 Y 1 A LEU 88  ? A LEU 88  
27 1 Y 1 A PHE 89  ? A PHE 89  
28 1 Y 1 A PRO 90  ? A PRO 90  
29 1 Y 1 A ASP 91  ? A ASP 91  
30 1 Y 1 A GLY 92  ? A GLY 92  
31 1 Y 1 A SER 93  ? A SER 93  
32 1 Y 1 A PRO 94  ? A PRO 94  
33 1 Y 1 A LYS 95  ? A LYS 95  
34 1 Y 1 A TYR 96  ? A TYR 96  
35 1 Y 1 A LYS 97  ? A LYS 97  
36 1 Y 1 A ASN 98  ? A ASN 98  
37 1 Y 1 A SER 187 ? A SER 187 
# 
loop_
_chem_comp_atom.comp_id 
_chem_comp_atom.atom_id 
_chem_comp_atom.type_symbol 
_chem_comp_atom.pdbx_aromatic_flag 
_chem_comp_atom.pdbx_stereo_config 
_chem_comp_atom.pdbx_ordinal 
ALA N    N  N N 1   
ALA CA   C  N S 2   
ALA C    C  N N 3   
ALA O    O  N N 4   
ALA CB   C  N N 5   
ALA OXT  O  N N 6   
ALA H    H  N N 7   
ALA H2   H  N N 8   
ALA HA   H  N N 9   
ALA HB1  H  N N 10  
ALA HB2  H  N N 11  
ALA HB3  H  N N 12  
ALA HXT  H  N N 13  
ARG N    N  N N 14  
ARG CA   C  N S 15  
ARG C    C  N N 16  
ARG O    O  N N 17  
ARG CB   C  N N 18  
ARG CG   C  N N 19  
ARG CD   C  N N 20  
ARG NE   N  N N 21  
ARG CZ   C  N N 22  
ARG NH1  N  N N 23  
ARG NH2  N  N N 24  
ARG OXT  O  N N 25  
ARG H    H  N N 26  
ARG H2   H  N N 27  
ARG HA   H  N N 28  
ARG HB2  H  N N 29  
ARG HB3  H  N N 30  
ARG HG2  H  N N 31  
ARG HG3  H  N N 32  
ARG HD2  H  N N 33  
ARG HD3  H  N N 34  
ARG HE   H  N N 35  
ARG HH11 H  N N 36  
ARG HH12 H  N N 37  
ARG HH21 H  N N 38  
ARG HH22 H  N N 39  
ARG HXT  H  N N 40  
ASN N    N  N N 41  
ASN CA   C  N S 42  
ASN C    C  N N 43  
ASN O    O  N N 44  
ASN CB   C  N N 45  
ASN CG   C  N N 46  
ASN OD1  O  N N 47  
ASN ND2  N  N N 48  
ASN OXT  O  N N 49  
ASN H    H  N N 50  
ASN H2   H  N N 51  
ASN HA   H  N N 52  
ASN HB2  H  N N 53  
ASN HB3  H  N N 54  
ASN HD21 H  N N 55  
ASN HD22 H  N N 56  
ASN HXT  H  N N 57  
ASP N    N  N N 58  
ASP CA   C  N S 59  
ASP C    C  N N 60  
ASP O    O  N N 61  
ASP CB   C  N N 62  
ASP CG   C  N N 63  
ASP OD1  O  N N 64  
ASP OD2  O  N N 65  
ASP OXT  O  N N 66  
ASP H    H  N N 67  
ASP H2   H  N N 68  
ASP HA   H  N N 69  
ASP HB2  H  N N 70  
ASP HB3  H  N N 71  
ASP HD2  H  N N 72  
ASP HXT  H  N N 73  
CYS N    N  N N 74  
CYS CA   C  N R 75  
CYS C    C  N N 76  
CYS O    O  N N 77  
CYS CB   C  N N 78  
CYS SG   S  N N 79  
CYS OXT  O  N N 80  
CYS H    H  N N 81  
CYS H2   H  N N 82  
CYS HA   H  N N 83  
CYS HB2  H  N N 84  
CYS HB3  H  N N 85  
CYS HG   H  N N 86  
CYS HXT  H  N N 87  
GLN N    N  N N 88  
GLN CA   C  N S 89  
GLN C    C  N N 90  
GLN O    O  N N 91  
GLN CB   C  N N 92  
GLN CG   C  N N 93  
GLN CD   C  N N 94  
GLN OE1  O  N N 95  
GLN NE2  N  N N 96  
GLN OXT  O  N N 97  
GLN H    H  N N 98  
GLN H2   H  N N 99  
GLN HA   H  N N 100 
GLN HB2  H  N N 101 
GLN HB3  H  N N 102 
GLN HG2  H  N N 103 
GLN HG3  H  N N 104 
GLN HE21 H  N N 105 
GLN HE22 H  N N 106 
GLN HXT  H  N N 107 
GLU N    N  N N 108 
GLU CA   C  N S 109 
GLU C    C  N N 110 
GLU O    O  N N 111 
GLU CB   C  N N 112 
GLU CG   C  N N 113 
GLU CD   C  N N 114 
GLU OE1  O  N N 115 
GLU OE2  O  N N 116 
GLU OXT  O  N N 117 
GLU H    H  N N 118 
GLU H2   H  N N 119 
GLU HA   H  N N 120 
GLU HB2  H  N N 121 
GLU HB3  H  N N 122 
GLU HG2  H  N N 123 
GLU HG3  H  N N 124 
GLU HE2  H  N N 125 
GLU HXT  H  N N 126 
GLY N    N  N N 127 
GLY CA   C  N N 128 
GLY C    C  N N 129 
GLY O    O  N N 130 
GLY OXT  O  N N 131 
GLY H    H  N N 132 
GLY H2   H  N N 133 
GLY HA2  H  N N 134 
GLY HA3  H  N N 135 
GLY HXT  H  N N 136 
HIS N    N  N N 137 
HIS CA   C  N S 138 
HIS C    C  N N 139 
HIS O    O  N N 140 
HIS CB   C  N N 141 
HIS CG   C  Y N 142 
HIS ND1  N  Y N 143 
HIS CD2  C  Y N 144 
HIS CE1  C  Y N 145 
HIS NE2  N  Y N 146 
HIS OXT  O  N N 147 
HIS H    H  N N 148 
HIS H2   H  N N 149 
HIS HA   H  N N 150 
HIS HB2  H  N N 151 
HIS HB3  H  N N 152 
HIS HD1  H  N N 153 
HIS HD2  H  N N 154 
HIS HE1  H  N N 155 
HIS HE2  H  N N 156 
HIS HXT  H  N N 157 
HOH O    O  N N 158 
HOH H1   H  N N 159 
HOH H2   H  N N 160 
ILE N    N  N N 161 
ILE CA   C  N S 162 
ILE C    C  N N 163 
ILE O    O  N N 164 
ILE CB   C  N S 165 
ILE CG1  C  N N 166 
ILE CG2  C  N N 167 
ILE CD1  C  N N 168 
ILE OXT  O  N N 169 
ILE H    H  N N 170 
ILE H2   H  N N 171 
ILE HA   H  N N 172 
ILE HB   H  N N 173 
ILE HG12 H  N N 174 
ILE HG13 H  N N 175 
ILE HG21 H  N N 176 
ILE HG22 H  N N 177 
ILE HG23 H  N N 178 
ILE HD11 H  N N 179 
ILE HD12 H  N N 180 
ILE HD13 H  N N 181 
ILE HXT  H  N N 182 
LEU N    N  N N 183 
LEU CA   C  N S 184 
LEU C    C  N N 185 
LEU O    O  N N 186 
LEU CB   C  N N 187 
LEU CG   C  N N 188 
LEU CD1  C  N N 189 
LEU CD2  C  N N 190 
LEU OXT  O  N N 191 
LEU H    H  N N 192 
LEU H2   H  N N 193 
LEU HA   H  N N 194 
LEU HB2  H  N N 195 
LEU HB3  H  N N 196 
LEU HG   H  N N 197 
LEU HD11 H  N N 198 
LEU HD12 H  N N 199 
LEU HD13 H  N N 200 
LEU HD21 H  N N 201 
LEU HD22 H  N N 202 
LEU HD23 H  N N 203 
LEU HXT  H  N N 204 
LYS N    N  N N 205 
LYS CA   C  N S 206 
LYS C    C  N N 207 
LYS O    O  N N 208 
LYS CB   C  N N 209 
LYS CG   C  N N 210 
LYS CD   C  N N 211 
LYS CE   C  N N 212 
LYS NZ   N  N N 213 
LYS OXT  O  N N 214 
LYS H    H  N N 215 
LYS H2   H  N N 216 
LYS HA   H  N N 217 
LYS HB2  H  N N 218 
LYS HB3  H  N N 219 
LYS HG2  H  N N 220 
LYS HG3  H  N N 221 
LYS HD2  H  N N 222 
LYS HD3  H  N N 223 
LYS HE2  H  N N 224 
LYS HE3  H  N N 225 
LYS HZ1  H  N N 226 
LYS HZ2  H  N N 227 
LYS HZ3  H  N N 228 
LYS HXT  H  N N 229 
MET N    N  N N 230 
MET CA   C  N S 231 
MET C    C  N N 232 
MET O    O  N N 233 
MET CB   C  N N 234 
MET CG   C  N N 235 
MET SD   S  N N 236 
MET CE   C  N N 237 
MET OXT  O  N N 238 
MET H    H  N N 239 
MET H2   H  N N 240 
MET HA   H  N N 241 
MET HB2  H  N N 242 
MET HB3  H  N N 243 
MET HG2  H  N N 244 
MET HG3  H  N N 245 
MET HE1  H  N N 246 
MET HE2  H  N N 247 
MET HE3  H  N N 248 
MET HXT  H  N N 249 
PHE N    N  N N 250 
PHE CA   C  N S 251 
PHE C    C  N N 252 
PHE O    O  N N 253 
PHE CB   C  N N 254 
PHE CG   C  Y N 255 
PHE CD1  C  Y N 256 
PHE CD2  C  Y N 257 
PHE CE1  C  Y N 258 
PHE CE2  C  Y N 259 
PHE CZ   C  Y N 260 
PHE OXT  O  N N 261 
PHE H    H  N N 262 
PHE H2   H  N N 263 
PHE HA   H  N N 264 
PHE HB2  H  N N 265 
PHE HB3  H  N N 266 
PHE HD1  H  N N 267 
PHE HD2  H  N N 268 
PHE HE1  H  N N 269 
PHE HE2  H  N N 270 
PHE HZ   H  N N 271 
PHE HXT  H  N N 272 
PRO N    N  N N 273 
PRO CA   C  N S 274 
PRO C    C  N N 275 
PRO O    O  N N 276 
PRO CB   C  N N 277 
PRO CG   C  N N 278 
PRO CD   C  N N 279 
PRO OXT  O  N N 280 
PRO H    H  N N 281 
PRO HA   H  N N 282 
PRO HB2  H  N N 283 
PRO HB3  H  N N 284 
PRO HG2  H  N N 285 
PRO HG3  H  N N 286 
PRO HD2  H  N N 287 
PRO HD3  H  N N 288 
PRO HXT  H  N N 289 
SER N    N  N N 290 
SER CA   C  N S 291 
SER C    C  N N 292 
SER O    O  N N 293 
SER CB   C  N N 294 
SER OG   O  N N 295 
SER OXT  O  N N 296 
SER H    H  N N 297 
SER H2   H  N N 298 
SER HA   H  N N 299 
SER HB2  H  N N 300 
SER HB3  H  N N 301 
SER HG   H  N N 302 
SER HXT  H  N N 303 
THR N    N  N N 304 
THR CA   C  N S 305 
THR C    C  N N 306 
THR O    O  N N 307 
THR CB   C  N R 308 
THR OG1  O  N N 309 
THR CG2  C  N N 310 
THR OXT  O  N N 311 
THR H    H  N N 312 
THR H2   H  N N 313 
THR HA   H  N N 314 
THR HB   H  N N 315 
THR HG1  H  N N 316 
THR HG21 H  N N 317 
THR HG22 H  N N 318 
THR HG23 H  N N 319 
THR HXT  H  N N 320 
TYR N    N  N N 321 
TYR CA   C  N S 322 
TYR C    C  N N 323 
TYR O    O  N N 324 
TYR CB   C  N N 325 
TYR CG   C  Y N 326 
TYR CD1  C  Y N 327 
TYR CD2  C  Y N 328 
TYR CE1  C  Y N 329 
TYR CE2  C  Y N 330 
TYR CZ   C  Y N 331 
TYR OH   O  N N 332 
TYR OXT  O  N N 333 
TYR H    H  N N 334 
TYR H2   H  N N 335 
TYR HA   H  N N 336 
TYR HB2  H  N N 337 
TYR HB3  H  N N 338 
TYR HD1  H  N N 339 
TYR HD2  H  N N 340 
TYR HE1  H  N N 341 
TYR HE2  H  N N 342 
TYR HH   H  N N 343 
TYR HXT  H  N N 344 
VAL N    N  N N 345 
VAL CA   C  N S 346 
VAL C    C  N N 347 
VAL O    O  N N 348 
VAL CB   C  N N 349 
VAL CG1  C  N N 350 
VAL CG2  C  N N 351 
VAL OXT  O  N N 352 
VAL H    H  N N 353 
VAL H2   H  N N 354 
VAL HA   H  N N 355 
VAL HB   H  N N 356 
VAL HG11 H  N N 357 
VAL HG12 H  N N 358 
VAL HG13 H  N N 359 
VAL HG21 H  N N 360 
VAL HG22 H  N N 361 
VAL HG23 H  N N 362 
VAL HXT  H  N N 363 
ZN  ZN   ZN N N 364 
# 
loop_
_chem_comp_bond.comp_id 
_chem_comp_bond.atom_id_1 
_chem_comp_bond.atom_id_2 
_chem_comp_bond.value_order 
_chem_comp_bond.pdbx_aromatic_flag 
_chem_comp_bond.pdbx_stereo_config 
_chem_comp_bond.pdbx_ordinal 
ALA N   CA   sing N N 1   
ALA N   H    sing N N 2   
ALA N   H2   sing N N 3   
ALA CA  C    sing N N 4   
ALA CA  CB   sing N N 5   
ALA CA  HA   sing N N 6   
ALA C   O    doub N N 7   
ALA C   OXT  sing N N 8   
ALA CB  HB1  sing N N 9   
ALA CB  HB2  sing N N 10  
ALA CB  HB3  sing N N 11  
ALA OXT HXT  sing N N 12  
ARG N   CA   sing N N 13  
ARG N   H    sing N N 14  
ARG N   H2   sing N N 15  
ARG CA  C    sing N N 16  
ARG CA  CB   sing N N 17  
ARG CA  HA   sing N N 18  
ARG C   O    doub N N 19  
ARG C   OXT  sing N N 20  
ARG CB  CG   sing N N 21  
ARG CB  HB2  sing N N 22  
ARG CB  HB3  sing N N 23  
ARG CG  CD   sing N N 24  
ARG CG  HG2  sing N N 25  
ARG CG  HG3  sing N N 26  
ARG CD  NE   sing N N 27  
ARG CD  HD2  sing N N 28  
ARG CD  HD3  sing N N 29  
ARG NE  CZ   sing N N 30  
ARG NE  HE   sing N N 31  
ARG CZ  NH1  sing N N 32  
ARG CZ  NH2  doub N N 33  
ARG NH1 HH11 sing N N 34  
ARG NH1 HH12 sing N N 35  
ARG NH2 HH21 sing N N 36  
ARG NH2 HH22 sing N N 37  
ARG OXT HXT  sing N N 38  
ASN N   CA   sing N N 39  
ASN N   H    sing N N 40  
ASN N   H2   sing N N 41  
ASN CA  C    sing N N 42  
ASN CA  CB   sing N N 43  
ASN CA  HA   sing N N 44  
ASN C   O    doub N N 45  
ASN C   OXT  sing N N 46  
ASN CB  CG   sing N N 47  
ASN CB  HB2  sing N N 48  
ASN CB  HB3  sing N N 49  
ASN CG  OD1  doub N N 50  
ASN CG  ND2  sing N N 51  
ASN ND2 HD21 sing N N 52  
ASN ND2 HD22 sing N N 53  
ASN OXT HXT  sing N N 54  
ASP N   CA   sing N N 55  
ASP N   H    sing N N 56  
ASP N   H2   sing N N 57  
ASP CA  C    sing N N 58  
ASP CA  CB   sing N N 59  
ASP CA  HA   sing N N 60  
ASP C   O    doub N N 61  
ASP C   OXT  sing N N 62  
ASP CB  CG   sing N N 63  
ASP CB  HB2  sing N N 64  
ASP CB  HB3  sing N N 65  
ASP CG  OD1  doub N N 66  
ASP CG  OD2  sing N N 67  
ASP OD2 HD2  sing N N 68  
ASP OXT HXT  sing N N 69  
CYS N   CA   sing N N 70  
CYS N   H    sing N N 71  
CYS N   H2   sing N N 72  
CYS CA  C    sing N N 73  
CYS CA  CB   sing N N 74  
CYS CA  HA   sing N N 75  
CYS C   O    doub N N 76  
CYS C   OXT  sing N N 77  
CYS CB  SG   sing N N 78  
CYS CB  HB2  sing N N 79  
CYS CB  HB3  sing N N 80  
CYS SG  HG   sing N N 81  
CYS OXT HXT  sing N N 82  
GLN N   CA   sing N N 83  
GLN N   H    sing N N 84  
GLN N   H2   sing N N 85  
GLN CA  C    sing N N 86  
GLN CA  CB   sing N N 87  
GLN CA  HA   sing N N 88  
GLN C   O    doub N N 89  
GLN C   OXT  sing N N 90  
GLN CB  CG   sing N N 91  
GLN CB  HB2  sing N N 92  
GLN CB  HB3  sing N N 93  
GLN CG  CD   sing N N 94  
GLN CG  HG2  sing N N 95  
GLN CG  HG3  sing N N 96  
GLN CD  OE1  doub N N 97  
GLN CD  NE2  sing N N 98  
GLN NE2 HE21 sing N N 99  
GLN NE2 HE22 sing N N 100 
GLN OXT HXT  sing N N 101 
GLU N   CA   sing N N 102 
GLU N   H    sing N N 103 
GLU N   H2   sing N N 104 
GLU CA  C    sing N N 105 
GLU CA  CB   sing N N 106 
GLU CA  HA   sing N N 107 
GLU C   O    doub N N 108 
GLU C   OXT  sing N N 109 
GLU CB  CG   sing N N 110 
GLU CB  HB2  sing N N 111 
GLU CB  HB3  sing N N 112 
GLU CG  CD   sing N N 113 
GLU CG  HG2  sing N N 114 
GLU CG  HG3  sing N N 115 
GLU CD  OE1  doub N N 116 
GLU CD  OE2  sing N N 117 
GLU OE2 HE2  sing N N 118 
GLU OXT HXT  sing N N 119 
GLY N   CA   sing N N 120 
GLY N   H    sing N N 121 
GLY N   H2   sing N N 122 
GLY CA  C    sing N N 123 
GLY CA  HA2  sing N N 124 
GLY CA  HA3  sing N N 125 
GLY C   O    doub N N 126 
GLY C   OXT  sing N N 127 
GLY OXT HXT  sing N N 128 
HIS N   CA   sing N N 129 
HIS N   H    sing N N 130 
HIS N   H2   sing N N 131 
HIS CA  C    sing N N 132 
HIS CA  CB   sing N N 133 
HIS CA  HA   sing N N 134 
HIS C   O    doub N N 135 
HIS C   OXT  sing N N 136 
HIS CB  CG   sing N N 137 
HIS CB  HB2  sing N N 138 
HIS CB  HB3  sing N N 139 
HIS CG  ND1  sing Y N 140 
HIS CG  CD2  doub Y N 141 
HIS ND1 CE1  doub Y N 142 
HIS ND1 HD1  sing N N 143 
HIS CD2 NE2  sing Y N 144 
HIS CD2 HD2  sing N N 145 
HIS CE1 NE2  sing Y N 146 
HIS CE1 HE1  sing N N 147 
HIS NE2 HE2  sing N N 148 
HIS OXT HXT  sing N N 149 
HOH O   H1   sing N N 150 
HOH O   H2   sing N N 151 
ILE N   CA   sing N N 152 
ILE N   H    sing N N 153 
ILE N   H2   sing N N 154 
ILE CA  C    sing N N 155 
ILE CA  CB   sing N N 156 
ILE CA  HA   sing N N 157 
ILE C   O    doub N N 158 
ILE C   OXT  sing N N 159 
ILE CB  CG1  sing N N 160 
ILE CB  CG2  sing N N 161 
ILE CB  HB   sing N N 162 
ILE CG1 CD1  sing N N 163 
ILE CG1 HG12 sing N N 164 
ILE CG1 HG13 sing N N 165 
ILE CG2 HG21 sing N N 166 
ILE CG2 HG22 sing N N 167 
ILE CG2 HG23 sing N N 168 
ILE CD1 HD11 sing N N 169 
ILE CD1 HD12 sing N N 170 
ILE CD1 HD13 sing N N 171 
ILE OXT HXT  sing N N 172 
LEU N   CA   sing N N 173 
LEU N   H    sing N N 174 
LEU N   H2   sing N N 175 
LEU CA  C    sing N N 176 
LEU CA  CB   sing N N 177 
LEU CA  HA   sing N N 178 
LEU C   O    doub N N 179 
LEU C   OXT  sing N N 180 
LEU CB  CG   sing N N 181 
LEU CB  HB2  sing N N 182 
LEU CB  HB3  sing N N 183 
LEU CG  CD1  sing N N 184 
LEU CG  CD2  sing N N 185 
LEU CG  HG   sing N N 186 
LEU CD1 HD11 sing N N 187 
LEU CD1 HD12 sing N N 188 
LEU CD1 HD13 sing N N 189 
LEU CD2 HD21 sing N N 190 
LEU CD2 HD22 sing N N 191 
LEU CD2 HD23 sing N N 192 
LEU OXT HXT  sing N N 193 
LYS N   CA   sing N N 194 
LYS N   H    sing N N 195 
LYS N   H2   sing N N 196 
LYS CA  C    sing N N 197 
LYS CA  CB   sing N N 198 
LYS CA  HA   sing N N 199 
LYS C   O    doub N N 200 
LYS C   OXT  sing N N 201 
LYS CB  CG   sing N N 202 
LYS CB  HB2  sing N N 203 
LYS CB  HB3  sing N N 204 
LYS CG  CD   sing N N 205 
LYS CG  HG2  sing N N 206 
LYS CG  HG3  sing N N 207 
LYS CD  CE   sing N N 208 
LYS CD  HD2  sing N N 209 
LYS CD  HD3  sing N N 210 
LYS CE  NZ   sing N N 211 
LYS CE  HE2  sing N N 212 
LYS CE  HE3  sing N N 213 
LYS NZ  HZ1  sing N N 214 
LYS NZ  HZ2  sing N N 215 
LYS NZ  HZ3  sing N N 216 
LYS OXT HXT  sing N N 217 
MET N   CA   sing N N 218 
MET N   H    sing N N 219 
MET N   H2   sing N N 220 
MET CA  C    sing N N 221 
MET CA  CB   sing N N 222 
MET CA  HA   sing N N 223 
MET C   O    doub N N 224 
MET C   OXT  sing N N 225 
MET CB  CG   sing N N 226 
MET CB  HB2  sing N N 227 
MET CB  HB3  sing N N 228 
MET CG  SD   sing N N 229 
MET CG  HG2  sing N N 230 
MET CG  HG3  sing N N 231 
MET SD  CE   sing N N 232 
MET CE  HE1  sing N N 233 
MET CE  HE2  sing N N 234 
MET CE  HE3  sing N N 235 
MET OXT HXT  sing N N 236 
PHE N   CA   sing N N 237 
PHE N   H    sing N N 238 
PHE N   H2   sing N N 239 
PHE CA  C    sing N N 240 
PHE CA  CB   sing N N 241 
PHE CA  HA   sing N N 242 
PHE C   O    doub N N 243 
PHE C   OXT  sing N N 244 
PHE CB  CG   sing N N 245 
PHE CB  HB2  sing N N 246 
PHE CB  HB3  sing N N 247 
PHE CG  CD1  doub Y N 248 
PHE CG  CD2  sing Y N 249 
PHE CD1 CE1  sing Y N 250 
PHE CD1 HD1  sing N N 251 
PHE CD2 CE2  doub Y N 252 
PHE CD2 HD2  sing N N 253 
PHE CE1 CZ   doub Y N 254 
PHE CE1 HE1  sing N N 255 
PHE CE2 CZ   sing Y N 256 
PHE CE2 HE2  sing N N 257 
PHE CZ  HZ   sing N N 258 
PHE OXT HXT  sing N N 259 
PRO N   CA   sing N N 260 
PRO N   CD   sing N N 261 
PRO N   H    sing N N 262 
PRO CA  C    sing N N 263 
PRO CA  CB   sing N N 264 
PRO CA  HA   sing N N 265 
PRO C   O    doub N N 266 
PRO C   OXT  sing N N 267 
PRO CB  CG   sing N N 268 
PRO CB  HB2  sing N N 269 
PRO CB  HB3  sing N N 270 
PRO CG  CD   sing N N 271 
PRO CG  HG2  sing N N 272 
PRO CG  HG3  sing N N 273 
PRO CD  HD2  sing N N 274 
PRO CD  HD3  sing N N 275 
PRO OXT HXT  sing N N 276 
SER N   CA   sing N N 277 
SER N   H    sing N N 278 
SER N   H2   sing N N 279 
SER CA  C    sing N N 280 
SER CA  CB   sing N N 281 
SER CA  HA   sing N N 282 
SER C   O    doub N N 283 
SER C   OXT  sing N N 284 
SER CB  OG   sing N N 285 
SER CB  HB2  sing N N 286 
SER CB  HB3  sing N N 287 
SER OG  HG   sing N N 288 
SER OXT HXT  sing N N 289 
THR N   CA   sing N N 290 
THR N   H    sing N N 291 
THR N   H2   sing N N 292 
THR CA  C    sing N N 293 
THR CA  CB   sing N N 294 
THR CA  HA   sing N N 295 
THR C   O    doub N N 296 
THR C   OXT  sing N N 297 
THR CB  OG1  sing N N 298 
THR CB  CG2  sing N N 299 
THR CB  HB   sing N N 300 
THR OG1 HG1  sing N N 301 
THR CG2 HG21 sing N N 302 
THR CG2 HG22 sing N N 303 
THR CG2 HG23 sing N N 304 
THR OXT HXT  sing N N 305 
TYR N   CA   sing N N 306 
TYR N   H    sing N N 307 
TYR N   H2   sing N N 308 
TYR CA  C    sing N N 309 
TYR CA  CB   sing N N 310 
TYR CA  HA   sing N N 311 
TYR C   O    doub N N 312 
TYR C   OXT  sing N N 313 
TYR CB  CG   sing N N 314 
TYR CB  HB2  sing N N 315 
TYR CB  HB3  sing N N 316 
TYR CG  CD1  doub Y N 317 
TYR CG  CD2  sing Y N 318 
TYR CD1 CE1  sing Y N 319 
TYR CD1 HD1  sing N N 320 
TYR CD2 CE2  doub Y N 321 
TYR CD2 HD2  sing N N 322 
TYR CE1 CZ   doub Y N 323 
TYR CE1 HE1  sing N N 324 
TYR CE2 CZ   sing Y N 325 
TYR CE2 HE2  sing N N 326 
TYR CZ  OH   sing N N 327 
TYR OH  HH   sing N N 328 
TYR OXT HXT  sing N N 329 
VAL N   CA   sing N N 330 
VAL N   H    sing N N 331 
VAL N   H2   sing N N 332 
VAL CA  C    sing N N 333 
VAL CA  CB   sing N N 334 
VAL CA  HA   sing N N 335 
VAL C   O    doub N N 336 
VAL C   OXT  sing N N 337 
VAL CB  CG1  sing N N 338 
VAL CB  CG2  sing N N 339 
VAL CB  HB   sing N N 340 
VAL CG1 HG11 sing N N 341 
VAL CG1 HG12 sing N N 342 
VAL CG1 HG13 sing N N 343 
VAL CG2 HG21 sing N N 344 
VAL CG2 HG22 sing N N 345 
VAL CG2 HG23 sing N N 346 
VAL OXT HXT  sing N N 347 
# 
loop_
_pdbx_entity_nonpoly.entity_id 
_pdbx_entity_nonpoly.name 
_pdbx_entity_nonpoly.comp_id 
2 'ZINC ION' ZN  
3 water      HOH 
# 
_pdbx_initial_refinement_model.id               1 
_pdbx_initial_refinement_model.entity_id_list   ? 
_pdbx_initial_refinement_model.type             'experimental model' 
_pdbx_initial_refinement_model.source_name      PDB 
_pdbx_initial_refinement_model.accession_code   1VH8 
_pdbx_initial_refinement_model.details          'PDB entry 1VH8' 
# 
